data_9HKK
#
_entry.id   9HKK
#
_cell.length_a   123.924
_cell.length_b   70.752
_cell.length_c   181.361
_cell.angle_alpha   90.000
_cell.angle_beta   107.060
_cell.angle_gamma   90.000
#
_symmetry.space_group_name_H-M   'P 1 21 1'
#
loop_
_entity.id
_entity.type
_entity.pdbx_description
1 polymer 'Hexose transporter 1'
2 non-polymer 'nonyl beta-D-glucopyranoside'
3 non-polymer 2.5-anhydro-D-mannitol
4 water water
#
_entity_poly.entity_id   1
_entity_poly.type   'polypeptide(L)'
_entity_poly.pdbx_seq_one_letter_code
;MEKEDSGFFSTSFKYVLSACIASFIFGYQVSVLNTIKNFIVVEFEWCKGEKDRLNCSNNTIQSSFLLASVFIGAVLGCGF
SGYLVQFGRRLSLLIIYNFFFLVSILTSITHHFHTILFARLLSGFGIGLVTVSVPMYISEMTHKDKKGAYGVMHQLFITF
GIFVAVMLGLAMGEGPKADSTEPLTSFAKLWWRLMFLFPSVISLIGILALVVFFKEETPYFLFEKGRIEESKNILKKIYE
TDNVDEPLNAIKEAVEQNESAKKNSLSLLSALKIPSYRYVIILGCLLSGLQQFTGINVLVSNSNELYKEFLDSHLITILS
VVMTAVNFLMTFPAIYIVEKLGRKTLLLWGCVGVLVAYLPTAIANEINRNSNFVKILSIVATFVMIISFAVSYGPVLWIY
LHEMFPSEIKDSAASLASLVNWVCAIIVVFPSDIIIKKSPSILFIVFSVMSILTFFFIFFFIKETKGGEIGTSPYITMEE
RQKHMTKSVVENLYFQ
;
_entity_poly.pdbx_strand_id   A,B,C,D
#
loop_
_chem_comp.id
_chem_comp.type
_chem_comp.name
_chem_comp.formula
A1IVP D-saccharide 2.5-anhydro-D-mannitol 'C6 H12 O5'
BNG D-saccharide 'nonyl beta-D-glucopyranoside' 'C15 H30 O6'
#
# COMPACT_ATOMS: atom_id res chain seq x y z
N PHE A 9 -9.20 31.77 -15.46
CA PHE A 9 -8.18 30.76 -15.71
C PHE A 9 -8.02 29.87 -14.48
N SER A 10 -9.17 29.53 -13.89
CA SER A 10 -9.23 28.68 -12.71
C SER A 10 -8.92 27.24 -13.10
N THR A 11 -9.17 26.32 -12.17
CA THR A 11 -8.99 24.90 -12.47
C THR A 11 -9.98 24.44 -13.53
N SER A 12 -11.23 24.93 -13.45
CA SER A 12 -12.20 24.64 -14.49
C SER A 12 -11.65 25.03 -15.86
N PHE A 13 -10.88 26.12 -15.93
CA PHE A 13 -10.28 26.48 -17.21
C PHE A 13 -9.28 25.43 -17.67
N LYS A 14 -8.49 24.89 -16.75
CA LYS A 14 -7.55 23.84 -17.14
C LYS A 14 -8.29 22.62 -17.69
N TYR A 15 -9.37 22.23 -17.03
CA TYR A 15 -10.13 21.06 -17.49
C TYR A 15 -10.80 21.33 -18.84
N VAL A 16 -11.39 22.51 -19.01
CA VAL A 16 -12.05 22.80 -20.29
C VAL A 16 -11.03 22.91 -21.42
N LEU A 17 -9.83 23.44 -21.14
CA LEU A 17 -8.80 23.46 -22.18
C LEU A 17 -8.35 22.05 -22.53
N SER A 18 -8.26 21.18 -21.53
CA SER A 18 -7.99 19.78 -21.79
C SER A 18 -9.03 19.20 -22.74
N ALA A 19 -10.29 19.61 -22.58
CA ALA A 19 -11.31 19.16 -23.53
C ALA A 19 -11.24 19.89 -24.86
N CYS A 20 -10.74 21.13 -24.87
CA CYS A 20 -10.72 21.97 -26.06
C CYS A 20 -9.60 21.58 -27.02
N ILE A 21 -8.63 20.79 -26.56
CA ILE A 21 -7.68 20.21 -27.51
C ILE A 21 -8.42 19.39 -28.56
N ALA A 22 -9.42 18.61 -28.13
CA ALA A 22 -10.24 17.86 -29.07
C ALA A 22 -11.00 18.79 -30.01
N SER A 23 -11.41 19.96 -29.52
CA SER A 23 -12.05 20.96 -30.38
C SER A 23 -11.07 21.45 -31.44
N PHE A 24 -9.80 21.63 -31.05
CA PHE A 24 -8.77 22.03 -32.01
C PHE A 24 -8.66 20.99 -33.11
N ILE A 25 -8.60 19.71 -32.73
CA ILE A 25 -8.51 18.66 -33.76
C ILE A 25 -9.76 18.65 -34.62
N PHE A 26 -10.92 18.86 -34.02
CA PHE A 26 -12.17 19.03 -34.77
C PHE A 26 -11.98 20.02 -35.91
N GLY A 27 -11.68 21.28 -35.57
CA GLY A 27 -11.52 22.28 -36.62
C GLY A 27 -10.44 21.92 -37.64
N TYR A 28 -9.30 21.43 -37.14
CA TYR A 28 -8.18 21.11 -38.01
C TYR A 28 -8.57 20.07 -39.05
N GLN A 29 -9.07 18.92 -38.60
CA GLN A 29 -9.52 17.88 -39.52
C GLN A 29 -10.64 18.40 -40.41
N VAL A 30 -11.36 19.44 -39.99
CA VAL A 30 -12.43 19.96 -40.84
C VAL A 30 -11.86 20.65 -42.07
N SER A 31 -10.90 21.57 -41.87
CA SER A 31 -10.45 22.38 -42.99
C SER A 31 -9.11 21.96 -43.60
N VAL A 32 -8.42 20.97 -43.02
CA VAL A 32 -7.10 20.60 -43.50
C VAL A 32 -7.19 19.97 -44.88
N LEU A 33 -8.23 19.16 -45.11
CA LEU A 33 -8.43 18.55 -46.42
C LEU A 33 -8.59 19.62 -47.48
N ASN A 34 -9.42 20.63 -47.20
CA ASN A 34 -9.70 21.66 -48.17
C ASN A 34 -8.49 22.54 -48.44
N THR A 35 -7.59 22.67 -47.45
CA THR A 35 -6.47 23.59 -47.61
C THR A 35 -5.50 23.11 -48.70
N ILE A 36 -5.28 21.80 -48.78
CA ILE A 36 -4.20 21.24 -49.60
C ILE A 36 -4.74 20.36 -50.72
N LYS A 37 -6.03 20.46 -51.02
CA LYS A 37 -6.69 19.48 -51.88
C LYS A 37 -6.09 19.47 -53.28
N ASN A 38 -5.69 20.63 -53.80
CA ASN A 38 -5.06 20.67 -55.11
C ASN A 38 -3.92 19.66 -55.19
N PHE A 39 -3.08 19.62 -54.15
CA PHE A 39 -1.91 18.77 -54.14
C PHE A 39 -2.30 17.30 -54.28
N ILE A 40 -3.29 16.86 -53.50
CA ILE A 40 -3.75 15.47 -53.59
C ILE A 40 -4.35 15.21 -54.97
N VAL A 41 -5.09 16.18 -55.51
CA VAL A 41 -5.66 16.02 -56.85
C VAL A 41 -4.55 15.76 -57.86
N VAL A 42 -3.40 16.42 -57.67
CA VAL A 42 -2.30 16.20 -58.60
C VAL A 42 -1.63 14.85 -58.35
N GLU A 43 -1.40 14.49 -57.08
CA GLU A 43 -0.73 13.22 -56.80
C GLU A 43 -1.62 12.05 -57.22
N PHE A 44 -2.84 12.00 -56.68
CA PHE A 44 -3.74 10.89 -56.99
C PHE A 44 -4.20 10.93 -58.44
N GLU A 45 -3.94 12.03 -59.15
CA GLU A 45 -4.16 12.14 -60.59
C GLU A 45 -5.59 11.72 -60.95
N TRP A 46 -6.54 12.43 -60.34
CA TRP A 46 -7.96 12.22 -60.63
C TRP A 46 -8.35 12.87 -61.96
N CYS A 47 -7.64 13.92 -62.39
CA CYS A 47 -7.96 14.62 -63.62
C CYS A 47 -6.81 14.63 -64.61
N LYS A 48 -5.98 13.59 -64.64
CA LYS A 48 -4.87 13.60 -65.59
C LYS A 48 -5.28 13.20 -67.00
N GLY A 49 -6.40 12.50 -67.16
CA GLY A 49 -6.82 12.07 -68.48
C GLY A 49 -7.36 13.18 -69.35
N GLU A 50 -7.26 14.42 -68.88
CA GLU A 50 -7.72 15.60 -69.60
C GLU A 50 -6.53 16.55 -69.81
N LYS A 51 -6.80 17.67 -70.47
CA LYS A 51 -5.80 18.71 -70.60
C LYS A 51 -5.55 19.43 -69.27
N ASP A 52 -6.62 19.71 -68.53
CA ASP A 52 -6.50 20.42 -67.25
C ASP A 52 -6.39 19.40 -66.12
N ARG A 53 -5.33 19.51 -65.33
CA ARG A 53 -5.01 18.51 -64.31
C ARG A 53 -5.64 18.79 -62.96
N LEU A 54 -6.21 19.97 -62.74
CA LEU A 54 -6.89 20.27 -61.49
C LEU A 54 -8.40 20.31 -61.61
N ASN A 55 -8.95 20.72 -62.77
CA ASN A 55 -10.38 20.91 -62.96
C ASN A 55 -10.91 19.86 -63.92
N CYS A 56 -11.76 18.96 -63.43
CA CYS A 56 -12.46 18.02 -64.29
C CYS A 56 -13.69 17.50 -63.55
N SER A 57 -14.47 16.66 -64.23
CA SER A 57 -15.70 16.13 -63.66
C SER A 57 -15.42 15.12 -62.55
N ASN A 58 -14.48 14.20 -62.80
CA ASN A 58 -14.19 13.16 -61.81
C ASN A 58 -13.78 13.78 -60.48
N ASN A 59 -13.04 14.89 -60.53
CA ASN A 59 -12.66 15.60 -59.32
C ASN A 59 -13.89 16.10 -58.58
N THR A 60 -14.83 16.72 -59.31
CA THR A 60 -16.06 17.20 -58.66
C THR A 60 -16.77 16.07 -57.95
N ILE A 61 -16.97 14.95 -58.66
CA ILE A 61 -17.70 13.82 -58.08
C ILE A 61 -17.01 13.32 -56.81
N GLN A 62 -15.72 13.00 -56.92
CA GLN A 62 -15.02 12.38 -55.80
C GLN A 62 -14.82 13.36 -54.65
N SER A 63 -14.67 14.65 -54.93
CA SER A 63 -14.53 15.64 -53.86
C SER A 63 -15.83 15.81 -53.09
N SER A 64 -16.96 15.84 -53.82
CA SER A 64 -18.25 15.85 -53.14
C SER A 64 -18.38 14.62 -52.25
N PHE A 65 -17.90 13.47 -52.73
CA PHE A 65 -17.95 12.27 -51.90
C PHE A 65 -17.11 12.42 -50.64
N LEU A 66 -15.94 13.01 -50.75
CA LEU A 66 -15.08 13.17 -49.57
C LEU A 66 -15.77 14.03 -48.51
N LEU A 67 -16.36 15.15 -48.94
CA LEU A 67 -17.06 16.00 -47.99
C LEU A 67 -18.28 15.29 -47.40
N ALA A 68 -19.05 14.59 -48.24
CA ALA A 68 -20.21 13.86 -47.75
C ALA A 68 -19.81 12.78 -46.76
N SER A 69 -18.65 12.13 -46.97
CA SER A 69 -18.19 11.15 -46.00
C SER A 69 -17.97 11.81 -44.64
N VAL A 70 -17.34 13.00 -44.65
CA VAL A 70 -17.14 13.69 -43.37
C VAL A 70 -18.48 13.98 -42.69
N PHE A 71 -19.45 14.48 -43.46
CA PHE A 71 -20.75 14.83 -42.87
C PHE A 71 -21.46 13.59 -42.32
N ILE A 72 -21.50 12.51 -43.10
CA ILE A 72 -22.17 11.29 -42.66
C ILE A 72 -21.47 10.74 -41.44
N GLY A 73 -20.14 10.77 -41.44
CA GLY A 73 -19.40 10.36 -40.25
C GLY A 73 -19.74 11.20 -39.05
N ALA A 74 -19.97 12.50 -39.24
CA ALA A 74 -20.34 13.34 -38.11
C ALA A 74 -21.73 12.99 -37.59
N VAL A 75 -22.66 12.71 -38.50
CA VAL A 75 -23.98 12.22 -38.09
C VAL A 75 -23.82 10.98 -37.23
N LEU A 76 -23.06 10.00 -37.73
CA LEU A 76 -22.85 8.75 -37.02
C LEU A 76 -22.13 8.99 -35.70
N GLY A 77 -21.17 9.90 -35.69
CA GLY A 77 -20.41 10.17 -34.48
C GLY A 77 -21.25 10.80 -33.38
N CYS A 78 -22.13 11.75 -33.75
CA CYS A 78 -23.02 12.34 -32.75
C CYS A 78 -24.03 11.31 -32.25
N GLY A 79 -24.64 10.57 -33.17
CA GLY A 79 -25.61 9.57 -32.76
C GLY A 79 -25.01 8.51 -31.87
N PHE A 80 -23.77 8.10 -32.16
CA PHE A 80 -23.09 7.10 -31.34
C PHE A 80 -22.54 7.73 -30.08
N SER A 81 -22.20 9.02 -30.10
CA SER A 81 -21.69 9.68 -28.92
C SER A 81 -22.76 9.77 -27.86
N GLY A 82 -24.02 9.83 -28.30
CA GLY A 82 -25.11 9.76 -27.34
C GLY A 82 -25.03 8.51 -26.47
N TYR A 83 -24.75 7.37 -27.10
CA TYR A 83 -24.62 6.10 -26.37
C TYR A 83 -23.26 5.94 -25.71
N LEU A 84 -22.23 6.58 -26.27
CA LEU A 84 -20.88 6.50 -25.70
C LEU A 84 -20.76 7.26 -24.39
N VAL A 85 -21.34 8.47 -24.32
CA VAL A 85 -21.08 9.34 -23.18
C VAL A 85 -21.59 8.76 -21.87
N GLN A 86 -22.58 7.86 -21.91
CA GLN A 86 -23.05 7.25 -20.67
C GLN A 86 -21.96 6.42 -20.01
N PHE A 87 -20.94 5.97 -20.76
CA PHE A 87 -19.80 5.31 -20.13
C PHE A 87 -18.71 6.29 -19.72
N GLY A 88 -18.84 7.58 -20.04
CA GLY A 88 -17.87 8.57 -19.59
C GLY A 88 -17.69 9.75 -20.52
N ARG A 89 -17.52 10.94 -19.95
CA ARG A 89 -17.23 12.14 -20.72
C ARG A 89 -15.74 12.23 -21.02
N ARG A 90 -14.90 12.24 -19.98
CA ARG A 90 -13.46 12.14 -20.18
C ARG A 90 -13.10 10.87 -20.94
N LEU A 91 -13.88 9.80 -20.75
CA LEU A 91 -13.71 8.62 -21.58
C LEU A 91 -13.97 8.93 -23.05
N SER A 92 -15.04 9.67 -23.34
CA SER A 92 -15.31 10.04 -24.71
C SER A 92 -14.13 10.81 -25.28
N LEU A 93 -13.55 11.71 -24.49
CA LEU A 93 -12.37 12.45 -24.95
C LEU A 93 -11.21 11.52 -25.23
N LEU A 94 -10.96 10.54 -24.35
CA LEU A 94 -9.87 9.59 -24.57
C LEU A 94 -10.08 8.79 -25.85
N ILE A 95 -11.29 8.22 -26.01
CA ILE A 95 -11.57 7.43 -27.20
C ILE A 95 -11.39 8.29 -28.45
N ILE A 96 -11.85 9.54 -28.39
CA ILE A 96 -11.70 10.45 -29.51
C ILE A 96 -10.22 10.69 -29.82
N TYR A 97 -9.40 10.86 -28.78
CA TYR A 97 -7.99 11.15 -29.01
C TYR A 97 -7.29 9.96 -29.64
N ASN A 98 -7.45 8.76 -29.07
CA ASN A 98 -6.84 7.57 -29.67
C ASN A 98 -7.34 7.39 -31.11
N PHE A 99 -8.65 7.55 -31.30
CA PHE A 99 -9.25 7.41 -32.61
C PHE A 99 -8.59 8.34 -33.62
N PHE A 100 -8.48 9.63 -33.27
CA PHE A 100 -7.94 10.59 -34.21
C PHE A 100 -6.42 10.43 -34.37
N PHE A 101 -5.73 9.93 -33.35
CA PHE A 101 -4.32 9.58 -33.53
C PHE A 101 -4.19 8.60 -34.69
N LEU A 102 -4.91 7.48 -34.62
CA LEU A 102 -4.75 6.49 -35.67
C LEU A 102 -5.41 6.93 -36.99
N VAL A 103 -6.49 7.70 -36.94
CA VAL A 103 -7.12 8.16 -38.19
C VAL A 103 -6.24 9.18 -38.88
N SER A 104 -5.58 10.05 -38.12
CA SER A 104 -4.65 11.00 -38.72
C SER A 104 -3.47 10.26 -39.33
N ILE A 105 -2.99 9.22 -38.64
CA ILE A 105 -1.92 8.39 -39.21
C ILE A 105 -2.37 7.80 -40.54
N LEU A 106 -3.55 7.18 -40.57
CA LEU A 106 -4.02 6.55 -41.80
C LEU A 106 -4.25 7.58 -42.89
N THR A 107 -4.97 8.67 -42.57
CA THR A 107 -5.16 9.76 -43.53
C THR A 107 -3.84 10.21 -44.13
N SER A 108 -2.76 10.15 -43.35
CA SER A 108 -1.47 10.64 -43.82
C SER A 108 -0.81 9.70 -44.82
N ILE A 109 -1.10 8.40 -44.77
CA ILE A 109 -0.44 7.43 -45.62
C ILE A 109 -1.34 6.91 -46.72
N THR A 110 -2.47 7.56 -46.98
CA THR A 110 -3.36 7.09 -48.03
C THR A 110 -2.82 7.48 -49.39
N HIS A 111 -3.04 6.61 -50.38
CA HIS A 111 -2.54 6.80 -51.74
C HIS A 111 -3.65 6.63 -52.77
N HIS A 112 -4.89 6.44 -52.34
CA HIS A 112 -6.00 6.25 -53.26
C HIS A 112 -7.22 7.01 -52.77
N PHE A 113 -8.16 7.22 -53.70
CA PHE A 113 -9.41 7.88 -53.35
C PHE A 113 -10.16 7.12 -52.27
N HIS A 114 -10.11 5.78 -52.33
CA HIS A 114 -10.91 4.98 -51.41
C HIS A 114 -10.35 5.02 -49.99
N THR A 115 -9.05 4.84 -49.85
CA THR A 115 -8.47 4.84 -48.50
C THR A 115 -8.62 6.20 -47.85
N ILE A 116 -8.43 7.28 -48.61
CA ILE A 116 -8.56 8.61 -48.02
C ILE A 116 -10.04 8.92 -47.76
N LEU A 117 -10.95 8.42 -48.59
CA LEU A 117 -12.37 8.57 -48.30
C LEU A 117 -12.74 7.88 -46.99
N PHE A 118 -12.30 6.64 -46.82
CA PHE A 118 -12.51 5.90 -45.58
C PHE A 118 -11.90 6.64 -44.40
N ALA A 119 -10.71 7.21 -44.60
CA ALA A 119 -10.06 7.97 -43.55
C ALA A 119 -10.87 9.19 -43.16
N ARG A 120 -11.41 9.91 -44.15
CA ARG A 120 -12.25 11.08 -43.84
C ARG A 120 -13.58 10.67 -43.23
N LEU A 121 -14.12 9.52 -43.63
CA LEU A 121 -15.32 8.99 -42.98
C LEU A 121 -15.07 8.82 -41.49
N LEU A 122 -13.96 8.17 -41.13
CA LEU A 122 -13.63 8.02 -39.71
C LEU A 122 -13.35 9.36 -39.05
N SER A 123 -12.64 10.24 -39.75
CA SER A 123 -12.39 11.57 -39.21
C SER A 123 -13.70 12.27 -38.89
N GLY A 124 -14.71 12.09 -39.73
CA GLY A 124 -16.03 12.63 -39.46
C GLY A 124 -16.73 11.94 -38.30
N PHE A 125 -16.50 10.64 -38.13
CA PHE A 125 -17.03 9.96 -36.96
C PHE A 125 -16.47 10.58 -35.68
N GLY A 126 -15.16 10.81 -35.64
CA GLY A 126 -14.56 11.47 -34.49
C GLY A 126 -15.04 12.90 -34.35
N ILE A 127 -15.24 13.58 -35.48
CA ILE A 127 -15.84 14.91 -35.49
C ILE A 127 -17.17 14.90 -34.76
N GLY A 128 -18.04 13.96 -35.12
CA GLY A 128 -19.34 13.86 -34.48
C GLY A 128 -19.23 13.50 -33.01
N LEU A 129 -18.25 12.66 -32.66
CA LEU A 129 -18.01 12.38 -31.25
C LEU A 129 -17.69 13.66 -30.49
N VAL A 130 -16.78 14.47 -31.04
CA VAL A 130 -16.39 15.73 -30.40
C VAL A 130 -17.60 16.63 -30.22
N THR A 131 -18.37 16.81 -31.31
CA THR A 131 -19.48 17.76 -31.33
C THR A 131 -20.39 17.60 -30.12
N VAL A 132 -20.54 16.36 -29.62
CA VAL A 132 -21.41 16.09 -28.49
C VAL A 132 -20.62 16.00 -27.18
N SER A 133 -19.45 15.37 -27.22
CA SER A 133 -18.72 15.10 -25.98
C SER A 133 -18.14 16.36 -25.38
N VAL A 134 -17.49 17.19 -26.19
CA VAL A 134 -16.70 18.29 -25.62
C VAL A 134 -17.61 19.35 -25.01
N PRO A 135 -18.65 19.80 -25.69
CA PRO A 135 -19.54 20.79 -25.06
C PRO A 135 -20.13 20.27 -23.76
N MET A 136 -20.43 18.97 -23.69
CA MET A 136 -20.97 18.38 -22.48
C MET A 136 -19.92 18.34 -21.37
N TYR A 137 -18.70 17.94 -21.70
CA TYR A 137 -17.62 17.93 -20.71
C TYR A 137 -17.41 19.32 -20.12
N ILE A 138 -17.36 20.34 -20.98
CA ILE A 138 -17.23 21.72 -20.49
C ILE A 138 -18.46 22.11 -19.69
N SER A 139 -19.64 21.63 -20.10
CA SER A 139 -20.87 21.94 -19.38
C SER A 139 -20.81 21.45 -17.94
N GLU A 140 -20.12 20.34 -17.70
CA GLU A 140 -20.15 19.69 -16.41
C GLU A 140 -18.84 19.80 -15.63
N MET A 141 -17.86 20.54 -16.14
CA MET A 141 -16.61 20.78 -15.44
C MET A 141 -16.42 22.25 -15.10
N THR A 142 -17.49 23.03 -15.11
CA THR A 142 -17.42 24.47 -14.95
C THR A 142 -18.46 24.97 -13.96
N HIS A 143 -18.23 26.19 -13.48
CA HIS A 143 -19.20 26.87 -12.64
C HIS A 143 -20.50 27.14 -13.39
N LYS A 144 -21.62 26.90 -12.73
CA LYS A 144 -22.92 27.11 -13.36
C LYS A 144 -23.05 28.52 -13.90
N ASP A 145 -22.35 29.47 -13.27
CA ASP A 145 -22.37 30.87 -13.70
C ASP A 145 -21.47 31.14 -14.90
N LYS A 146 -20.59 30.20 -15.24
CA LYS A 146 -19.60 30.41 -16.29
C LYS A 146 -19.67 29.34 -17.37
N LYS A 147 -20.81 28.63 -17.46
CA LYS A 147 -20.93 27.58 -18.45
C LYS A 147 -20.80 28.15 -19.86
N GLY A 148 -21.44 29.29 -20.12
CA GLY A 148 -21.38 29.87 -21.44
C GLY A 148 -20.00 30.41 -21.79
N ALA A 149 -19.40 31.16 -20.86
CA ALA A 149 -18.09 31.75 -21.13
C ALA A 149 -17.07 30.69 -21.50
N TYR A 150 -17.02 29.59 -20.74
CA TYR A 150 -16.09 28.52 -21.05
C TYR A 150 -16.57 27.65 -22.21
N GLY A 151 -17.87 27.69 -22.53
CA GLY A 151 -18.36 26.97 -23.68
C GLY A 151 -17.94 27.57 -25.00
N VAL A 152 -17.63 28.87 -25.02
CA VAL A 152 -17.07 29.47 -26.22
C VAL A 152 -15.67 28.94 -26.47
N MET A 153 -14.97 28.51 -25.41
CA MET A 153 -13.63 27.94 -25.60
C MET A 153 -13.69 26.80 -26.60
N HIS A 154 -14.77 26.01 -26.56
CA HIS A 154 -14.95 24.92 -27.51
C HIS A 154 -14.91 25.44 -28.94
N GLN A 155 -15.83 26.33 -29.30
CA GLN A 155 -15.82 26.88 -30.66
C GLN A 155 -14.60 27.77 -30.88
N LEU A 156 -14.11 28.42 -29.83
CA LEU A 156 -12.90 29.24 -29.99
C LEU A 156 -11.76 28.39 -30.55
N PHE A 157 -11.52 27.23 -29.93
CA PHE A 157 -10.46 26.36 -30.44
C PHE A 157 -10.86 25.64 -31.72
N ILE A 158 -12.15 25.45 -31.97
CA ILE A 158 -12.57 24.93 -33.28
C ILE A 158 -12.11 25.86 -34.40
N THR A 159 -12.45 27.15 -34.25
CA THR A 159 -12.05 28.14 -35.24
C THR A 159 -10.54 28.25 -35.30
N PHE A 160 -9.88 28.17 -34.14
CA PHE A 160 -8.42 28.18 -34.11
C PHE A 160 -7.86 27.01 -34.90
N GLY A 161 -8.53 25.87 -34.85
CA GLY A 161 -8.11 24.73 -35.64
C GLY A 161 -8.24 24.97 -37.13
N ILE A 162 -9.36 25.54 -37.56
CA ILE A 162 -9.49 25.89 -38.97
C ILE A 162 -8.38 26.85 -39.38
N PHE A 163 -8.09 27.83 -38.53
CA PHE A 163 -7.04 28.80 -38.84
C PHE A 163 -5.70 28.11 -38.99
N VAL A 164 -5.36 27.21 -38.06
CA VAL A 164 -4.09 26.50 -38.14
C VAL A 164 -4.03 25.66 -39.41
N ALA A 165 -5.16 25.03 -39.77
CA ALA A 165 -5.18 24.19 -40.97
C ALA A 165 -4.88 25.01 -42.22
N VAL A 166 -5.56 26.15 -42.37
CA VAL A 166 -5.30 26.99 -43.54
C VAL A 166 -3.89 27.57 -43.49
N MET A 167 -3.40 27.90 -42.30
CA MET A 167 -2.07 28.49 -42.17
C MET A 167 -0.99 27.53 -42.61
N LEU A 168 -1.06 26.27 -42.18
CA LEU A 168 -0.01 25.32 -42.55
C LEU A 168 0.02 25.06 -44.04
N GLY A 169 -1.14 25.05 -44.70
CA GLY A 169 -1.16 24.89 -46.14
C GLY A 169 -0.48 26.00 -46.91
N LEU A 170 -0.15 27.11 -46.24
CA LEU A 170 0.57 28.19 -46.89
C LEU A 170 2.07 27.95 -46.91
N ALA A 171 2.59 27.13 -46.00
CA ALA A 171 3.98 26.74 -46.09
C ALA A 171 4.27 26.06 -47.42
N MET A 172 3.23 25.53 -48.07
CA MET A 172 3.35 25.05 -49.44
C MET A 172 3.34 26.22 -50.41
N GLY A 173 3.63 25.93 -51.67
CA GLY A 173 3.68 26.96 -52.69
C GLY A 173 2.35 27.25 -53.36
N GLU A 174 1.43 26.30 -53.28
CA GLU A 174 0.18 26.37 -54.06
C GLU A 174 0.48 26.48 -55.55
N GLY A 175 1.43 25.67 -56.01
CA GLY A 175 1.77 25.62 -57.41
C GLY A 175 1.36 24.35 -58.13
N PRO A 176 0.30 23.64 -57.69
CA PRO A 176 -0.23 22.57 -58.52
C PRO A 176 -1.14 23.21 -59.57
N LYS A 177 -0.53 23.68 -60.64
CA LYS A 177 -1.25 24.47 -61.63
C LYS A 177 -2.25 23.64 -62.42
N ALA A 178 -3.32 24.30 -62.84
CA ALA A 178 -4.31 23.64 -63.69
C ALA A 178 -3.76 23.48 -65.11
N ASP A 179 -3.00 24.47 -65.59
CA ASP A 179 -2.45 24.41 -66.94
C ASP A 179 -1.12 23.68 -67.02
N SER A 180 -0.44 23.46 -65.89
CA SER A 180 0.88 22.83 -65.91
C SER A 180 0.76 21.31 -65.88
N THR A 181 1.91 20.66 -66.01
CA THR A 181 2.05 19.23 -65.83
C THR A 181 3.26 18.91 -64.95
N GLU A 182 3.91 19.93 -64.40
CA GLU A 182 5.12 19.73 -63.62
C GLU A 182 4.83 18.86 -62.41
N PRO A 183 5.65 17.85 -62.12
CA PRO A 183 5.39 17.03 -60.92
C PRO A 183 5.51 17.86 -59.65
N LEU A 184 4.77 17.44 -58.63
CA LEU A 184 4.73 18.17 -57.38
C LEU A 184 6.10 18.22 -56.71
N THR A 185 6.33 19.28 -55.96
CA THR A 185 7.57 19.42 -55.21
C THR A 185 7.67 18.33 -54.15
N SER A 186 8.89 17.85 -53.92
CA SER A 186 9.10 16.84 -52.88
C SER A 186 8.57 17.34 -51.54
N PHE A 187 8.92 18.57 -51.17
CA PHE A 187 8.35 19.16 -49.96
C PHE A 187 6.83 19.21 -50.05
N ALA A 188 6.27 19.40 -51.25
CA ALA A 188 4.82 19.41 -51.39
C ALA A 188 4.25 18.01 -51.21
N LYS A 189 4.84 17.01 -51.86
CA LYS A 189 4.40 15.64 -51.68
C LYS A 189 4.50 15.21 -50.21
N LEU A 190 5.38 15.86 -49.44
CA LEU A 190 5.55 15.54 -48.01
C LEU A 190 4.56 16.28 -47.12
N TRP A 191 4.35 17.57 -47.36
CA TRP A 191 3.79 18.42 -46.33
C TRP A 191 2.30 18.18 -46.12
N TRP A 192 1.57 17.77 -47.16
CA TRP A 192 0.14 17.52 -46.93
C TRP A 192 -0.09 16.25 -46.13
N ARG A 193 0.79 15.24 -46.29
CA ARG A 193 0.71 14.09 -45.39
C ARG A 193 1.13 14.48 -43.98
N LEU A 194 2.14 15.34 -43.85
CA LEU A 194 2.49 15.85 -42.52
C LEU A 194 1.33 16.60 -41.89
N MET A 195 0.55 17.33 -42.70
CA MET A 195 -0.61 18.05 -42.16
C MET A 195 -1.70 17.08 -41.73
N PHE A 196 -1.94 16.03 -42.52
CA PHE A 196 -2.91 15.03 -42.10
C PHE A 196 -2.44 14.30 -40.84
N LEU A 197 -1.13 14.23 -40.62
CA LEU A 197 -0.60 13.49 -39.48
C LEU A 197 -0.48 14.36 -38.22
N PHE A 198 -0.31 15.66 -38.38
CA PHE A 198 -0.17 16.55 -37.23
C PHE A 198 -1.19 16.31 -36.14
N PRO A 199 -2.48 16.12 -36.44
CA PRO A 199 -3.43 15.79 -35.37
C PRO A 199 -3.11 14.49 -34.66
N SER A 200 -2.22 13.63 -35.19
CA SER A 200 -1.72 12.51 -34.39
C SER A 200 -0.89 13.02 -33.21
N VAL A 201 0.07 13.91 -33.50
CA VAL A 201 0.88 14.50 -32.43
C VAL A 201 -0.03 15.24 -31.45
N ILE A 202 -1.00 15.99 -31.97
CA ILE A 202 -1.89 16.76 -31.11
C ILE A 202 -2.77 15.83 -30.27
N SER A 203 -3.18 14.69 -30.85
CA SER A 203 -3.92 13.70 -30.08
C SER A 203 -3.07 13.14 -28.95
N LEU A 204 -1.78 12.89 -29.22
CA LEU A 204 -0.88 12.46 -28.16
C LEU A 204 -0.83 13.50 -27.05
N ILE A 205 -0.72 14.77 -27.43
CA ILE A 205 -0.69 15.86 -26.45
C ILE A 205 -1.97 15.83 -25.59
N GLY A 206 -3.12 15.66 -26.24
CA GLY A 206 -4.37 15.64 -25.51
C GLY A 206 -4.49 14.47 -24.56
N ILE A 207 -4.11 13.27 -25.01
CA ILE A 207 -4.15 12.10 -24.14
C ILE A 207 -3.26 12.33 -22.93
N LEU A 208 -2.05 12.85 -23.16
CA LEU A 208 -1.15 13.15 -22.06
C LEU A 208 -1.82 14.09 -21.06
N ALA A 209 -2.40 15.18 -21.57
CA ALA A 209 -3.02 16.17 -20.68
C ALA A 209 -4.14 15.54 -19.86
N LEU A 210 -4.97 14.72 -20.49
CA LEU A 210 -6.09 14.12 -19.75
C LEU A 210 -5.59 13.14 -18.69
N VAL A 211 -4.62 12.30 -19.04
CA VAL A 211 -4.24 11.22 -18.14
C VAL A 211 -3.34 11.67 -17.00
N VAL A 212 -2.68 12.83 -17.12
CA VAL A 212 -1.72 13.22 -16.08
C VAL A 212 -2.37 14.10 -15.03
N PHE A 213 -2.78 15.30 -15.43
CA PHE A 213 -3.33 16.29 -14.50
C PHE A 213 -4.81 16.07 -14.24
N PHE A 214 -5.58 15.95 -15.32
CA PHE A 214 -7.03 16.02 -15.26
C PHE A 214 -7.62 14.61 -15.31
N LYS A 215 -7.33 13.89 -14.22
CA LYS A 215 -7.75 12.50 -14.11
C LYS A 215 -9.22 12.34 -13.74
N GLU A 216 -9.77 13.31 -13.00
CA GLU A 216 -11.10 13.15 -12.43
C GLU A 216 -12.17 13.29 -13.51
N GLU A 217 -13.29 12.61 -13.28
CA GLU A 217 -14.45 12.72 -14.15
C GLU A 217 -15.31 13.91 -13.71
N THR A 218 -16.37 14.17 -14.45
CA THR A 218 -17.23 15.30 -14.14
C THR A 218 -18.06 15.00 -12.89
N PRO A 219 -18.31 16.00 -12.03
CA PRO A 219 -19.14 15.74 -10.84
C PRO A 219 -20.52 15.21 -11.17
N TYR A 220 -21.17 15.76 -12.19
CA TYR A 220 -22.52 15.32 -12.53
C TYR A 220 -22.55 13.82 -12.80
N PHE A 221 -21.65 13.34 -13.66
CA PHE A 221 -21.62 11.93 -14.02
C PHE A 221 -21.27 11.05 -12.81
N LEU A 222 -20.27 11.45 -12.03
CA LEU A 222 -19.89 10.67 -10.86
C LEU A 222 -21.07 10.50 -9.91
N PHE A 223 -21.80 11.59 -9.64
CA PHE A 223 -22.98 11.46 -8.79
C PHE A 223 -24.05 10.63 -9.48
N GLU A 224 -24.16 10.74 -10.81
CA GLU A 224 -25.14 9.94 -11.53
C GLU A 224 -24.87 8.45 -11.37
N LYS A 225 -23.61 8.07 -11.15
CA LYS A 225 -23.23 6.66 -11.17
C LYS A 225 -22.75 6.14 -9.82
N GLY A 226 -22.85 6.92 -8.75
CA GLY A 226 -22.71 6.43 -7.39
C GLY A 226 -21.50 6.95 -6.64
N ARG A 227 -20.42 7.27 -7.35
CA ARG A 227 -19.20 7.71 -6.67
C ARG A 227 -19.45 9.08 -6.03
N ILE A 228 -20.20 9.10 -4.92
CA ILE A 228 -20.59 10.37 -4.32
C ILE A 228 -19.37 11.11 -3.79
N GLU A 229 -18.47 10.41 -3.09
CA GLU A 229 -17.33 11.08 -2.50
C GLU A 229 -16.40 11.61 -3.57
N GLU A 230 -16.27 10.91 -4.69
CA GLU A 230 -15.46 11.44 -5.79
C GLU A 230 -16.18 12.59 -6.49
N SER A 231 -17.51 12.54 -6.59
CA SER A 231 -18.26 13.71 -7.03
C SER A 231 -17.89 14.92 -6.17
N LYS A 232 -17.94 14.75 -4.85
CA LYS A 232 -17.57 15.81 -3.94
C LYS A 232 -16.13 16.27 -4.17
N ASN A 233 -15.22 15.31 -4.39
CA ASN A 233 -13.81 15.65 -4.56
C ASN A 233 -13.57 16.50 -5.80
N ILE A 234 -14.05 16.04 -6.96
CA ILE A 234 -13.80 16.81 -8.17
C ILE A 234 -14.61 18.11 -8.18
N LEU A 235 -15.77 18.13 -7.52
CA LEU A 235 -16.52 19.37 -7.39
C LEU A 235 -15.72 20.40 -6.60
N LYS A 236 -15.16 19.98 -5.45
CA LYS A 236 -14.32 20.87 -4.66
C LYS A 236 -13.02 21.20 -5.39
N LYS A 237 -12.59 20.35 -6.33
CA LYS A 237 -11.38 20.64 -7.08
C LYS A 237 -11.63 21.70 -8.15
N ILE A 238 -12.75 21.61 -8.88
CA ILE A 238 -13.02 22.63 -9.88
C ILE A 238 -13.44 23.94 -9.22
N TYR A 239 -14.11 23.87 -8.08
CA TYR A 239 -14.63 25.07 -7.43
C TYR A 239 -13.67 25.66 -6.40
N GLU A 240 -12.63 24.93 -6.00
CA GLU A 240 -11.59 25.47 -5.11
C GLU A 240 -12.15 25.84 -3.75
N THR A 241 -13.24 25.19 -3.35
CA THR A 241 -13.86 25.37 -2.04
C THR A 241 -14.53 24.05 -1.72
N ASP A 242 -14.44 23.62 -0.45
CA ASP A 242 -14.95 22.29 -0.12
C ASP A 242 -16.46 22.30 0.11
N ASN A 243 -16.98 23.28 0.83
CA ASN A 243 -18.43 23.33 1.08
C ASN A 243 -19.11 23.85 -0.18
N VAL A 244 -19.42 22.93 -1.08
CA VAL A 244 -20.13 23.23 -2.31
C VAL A 244 -21.39 22.38 -2.34
N ASP A 245 -22.19 22.45 -1.28
CA ASP A 245 -23.38 21.62 -1.21
C ASP A 245 -24.43 22.05 -2.22
N GLU A 246 -24.45 23.33 -2.61
CA GLU A 246 -25.46 23.78 -3.57
C GLU A 246 -25.28 23.11 -4.93
N PRO A 247 -24.09 23.08 -5.53
CA PRO A 247 -23.94 22.30 -6.77
C PRO A 247 -24.23 20.84 -6.56
N LEU A 248 -23.87 20.30 -5.39
CA LEU A 248 -24.19 18.90 -5.11
C LEU A 248 -25.68 18.67 -5.07
N ASN A 249 -26.47 19.66 -4.61
CA ASN A 249 -27.91 19.52 -4.60
C ASN A 249 -28.52 19.70 -5.99
N ALA A 250 -27.96 20.60 -6.80
CA ALA A 250 -28.38 20.68 -8.19
C ALA A 250 -28.16 19.34 -8.89
N ILE A 251 -26.97 18.76 -8.70
CA ILE A 251 -26.67 17.44 -9.24
C ILE A 251 -27.59 16.39 -8.62
N LYS A 252 -27.86 16.50 -7.32
CA LYS A 252 -28.71 15.53 -6.64
C LYS A 252 -30.11 15.53 -7.22
N GLU A 253 -30.68 16.72 -7.45
CA GLU A 253 -32.03 16.79 -8.01
C GLU A 253 -32.05 16.32 -9.46
N ALA A 254 -31.08 16.79 -10.27
CA ALA A 254 -31.04 16.35 -11.67
C ALA A 254 -30.83 14.84 -11.76
N VAL A 255 -29.96 14.29 -10.92
CA VAL A 255 -29.65 12.87 -10.96
C VAL A 255 -30.79 12.04 -10.38
N GLU A 256 -31.46 12.55 -9.35
CA GLU A 256 -32.65 11.87 -8.83
C GLU A 256 -33.75 11.87 -9.87
N GLN A 257 -33.88 12.97 -10.63
CA GLN A 257 -34.81 12.99 -11.74
C GLN A 257 -34.40 11.98 -12.81
N ASN A 258 -33.09 11.82 -13.02
CA ASN A 258 -32.62 10.83 -13.99
C ASN A 258 -32.99 9.41 -13.55
N GLU A 259 -32.69 9.08 -12.29
CA GLU A 259 -32.98 7.75 -11.78
C GLU A 259 -34.48 7.48 -11.74
N SER A 260 -35.28 8.48 -11.37
CA SER A 260 -36.73 8.33 -11.38
C SER A 260 -37.26 8.20 -12.81
N ALA A 261 -36.60 8.88 -13.76
CA ALA A 261 -37.01 8.80 -15.16
C ALA A 261 -36.75 7.43 -15.72
N LYS A 262 -35.56 6.89 -15.46
CA LYS A 262 -35.27 5.51 -15.84
C LYS A 262 -36.20 4.54 -15.13
N LYS A 263 -36.66 4.91 -13.93
CA LYS A 263 -37.64 4.08 -13.24
C LYS A 263 -38.90 3.90 -14.06
N ASN A 264 -39.38 4.97 -14.69
CA ASN A 264 -40.52 4.90 -15.61
C ASN A 264 -40.09 4.62 -17.05
N SER A 265 -38.82 4.24 -17.25
CA SER A 265 -38.33 3.81 -18.57
C SER A 265 -38.32 4.95 -19.58
N LEU A 266 -37.87 6.13 -19.15
CA LEU A 266 -37.82 7.29 -20.04
C LEU A 266 -36.54 7.24 -20.86
N SER A 267 -36.65 6.73 -22.08
CA SER A 267 -35.62 6.87 -23.09
C SER A 267 -35.99 8.06 -23.97
N LEU A 268 -35.18 8.35 -24.98
CA LEU A 268 -35.48 9.52 -25.80
C LEU A 268 -36.79 9.34 -26.56
N LEU A 269 -37.01 8.13 -27.12
CA LEU A 269 -38.26 7.89 -27.84
C LEU A 269 -39.46 7.90 -26.90
N SER A 270 -39.28 7.48 -25.64
CA SER A 270 -40.38 7.56 -24.69
C SER A 270 -40.73 9.00 -24.37
N ALA A 271 -39.73 9.88 -24.30
CA ALA A 271 -39.98 11.29 -24.12
C ALA A 271 -40.68 11.90 -25.33
N LEU A 272 -40.43 11.36 -26.52
CA LEU A 272 -41.09 11.87 -27.72
C LEU A 272 -42.60 11.66 -27.69
N LYS A 273 -43.08 10.70 -26.90
CA LYS A 273 -44.52 10.45 -26.81
C LYS A 273 -45.19 11.33 -25.75
N ILE A 274 -44.42 11.82 -24.78
CA ILE A 274 -44.92 12.80 -23.81
C ILE A 274 -44.74 14.19 -24.44
N PRO A 275 -45.82 14.96 -24.64
CA PRO A 275 -45.65 16.25 -25.32
C PRO A 275 -44.69 17.18 -24.61
N SER A 276 -44.71 17.16 -23.28
CA SER A 276 -43.87 18.06 -22.49
C SER A 276 -42.41 17.99 -22.94
N TYR A 277 -41.88 16.77 -23.10
CA TYR A 277 -40.49 16.61 -23.53
C TYR A 277 -40.34 16.80 -25.04
N ARG A 278 -41.31 16.30 -25.82
CA ARG A 278 -41.22 16.38 -27.27
C ARG A 278 -41.06 17.83 -27.73
N TYR A 279 -41.71 18.76 -27.02
CA TYR A 279 -41.61 20.16 -27.42
C TYR A 279 -40.17 20.66 -27.37
N VAL A 280 -39.52 20.51 -26.21
CA VAL A 280 -38.16 21.00 -26.07
C VAL A 280 -37.22 20.23 -26.99
N ILE A 281 -37.52 18.96 -27.25
CA ILE A 281 -36.67 18.20 -28.17
C ILE A 281 -36.71 18.81 -29.57
N ILE A 282 -37.92 19.10 -30.07
CA ILE A 282 -37.98 19.63 -31.44
C ILE A 282 -37.48 21.06 -31.49
N LEU A 283 -37.63 21.82 -30.41
CA LEU A 283 -36.99 23.13 -30.34
C LEU A 283 -35.48 23.00 -30.47
N GLY A 284 -34.89 22.04 -29.73
CA GLY A 284 -33.46 21.82 -29.84
C GLY A 284 -33.04 21.42 -31.24
N CYS A 285 -33.75 20.46 -31.82
CA CYS A 285 -33.42 20.02 -33.18
C CYS A 285 -33.47 21.18 -34.16
N LEU A 286 -34.49 22.03 -34.04
CA LEU A 286 -34.68 23.11 -35.01
C LEU A 286 -33.63 24.19 -34.83
N LEU A 287 -33.38 24.60 -33.59
CA LEU A 287 -32.34 25.58 -33.33
C LEU A 287 -30.96 25.08 -33.76
N SER A 288 -30.69 23.80 -33.56
CA SER A 288 -29.37 23.26 -33.91
C SER A 288 -29.20 23.14 -35.41
N GLY A 289 -30.25 22.72 -36.11
CA GLY A 289 -30.16 22.57 -37.56
C GLY A 289 -30.18 23.90 -38.28
N LEU A 290 -30.81 24.92 -37.67
CA LEU A 290 -30.89 26.24 -38.30
C LEU A 290 -29.55 26.96 -38.31
N GLN A 291 -28.57 26.47 -37.55
CA GLN A 291 -27.23 27.06 -37.60
C GLN A 291 -26.59 26.84 -38.96
N GLN A 292 -26.96 25.74 -39.63
CA GLN A 292 -26.39 25.43 -40.94
C GLN A 292 -27.04 26.22 -42.07
N PHE A 293 -28.27 26.70 -41.89
CA PHE A 293 -28.90 27.48 -42.94
C PHE A 293 -28.36 28.90 -43.00
N THR A 294 -27.41 29.24 -42.13
CA THR A 294 -26.65 30.48 -42.27
C THR A 294 -25.71 30.44 -43.45
N GLY A 295 -25.51 29.27 -44.06
CA GLY A 295 -24.57 29.14 -45.15
C GLY A 295 -23.12 29.14 -44.72
N ILE A 296 -22.85 28.85 -43.44
CA ILE A 296 -21.48 28.91 -42.95
C ILE A 296 -20.64 27.79 -43.52
N ASN A 297 -21.19 26.57 -43.58
CA ASN A 297 -20.46 25.44 -44.14
C ASN A 297 -20.43 25.43 -45.66
N VAL A 298 -21.33 26.16 -46.32
CA VAL A 298 -21.17 26.39 -47.74
C VAL A 298 -19.90 27.18 -48.02
N LEU A 299 -19.56 28.09 -47.11
CA LEU A 299 -18.35 28.91 -47.26
C LEU A 299 -17.12 28.14 -46.80
N VAL A 300 -17.23 27.42 -45.69
CA VAL A 300 -16.09 26.65 -45.19
C VAL A 300 -15.73 25.53 -46.15
N SER A 301 -16.74 24.79 -46.63
CA SER A 301 -16.47 23.61 -47.46
C SER A 301 -16.03 23.99 -48.87
N ASN A 302 -16.65 25.00 -49.45
CA ASN A 302 -16.42 25.40 -50.84
C ASN A 302 -15.80 26.80 -50.90
N SER A 303 -14.89 27.08 -49.96
CA SER A 303 -14.27 28.39 -49.86
C SER A 303 -13.62 28.80 -51.17
N ASN A 304 -12.88 27.88 -51.80
CA ASN A 304 -12.22 28.22 -53.06
C ASN A 304 -13.22 28.33 -54.21
N GLU A 305 -14.24 27.47 -54.22
CA GLU A 305 -15.17 27.46 -55.34
C GLU A 305 -15.98 28.73 -55.45
N LEU A 306 -16.13 29.48 -54.34
CA LEU A 306 -16.90 30.71 -54.39
C LEU A 306 -16.14 31.83 -55.10
N TYR A 307 -14.82 31.92 -54.87
CA TYR A 307 -14.03 33.05 -55.32
C TYR A 307 -13.07 32.73 -56.45
N LYS A 308 -13.04 31.48 -56.92
CA LYS A 308 -12.19 31.16 -58.07
C LYS A 308 -12.65 31.89 -59.33
N GLU A 309 -13.88 32.42 -59.33
CA GLU A 309 -14.43 33.04 -60.53
C GLU A 309 -14.01 34.49 -60.68
N PHE A 310 -13.87 35.22 -59.56
CA PHE A 310 -13.54 36.64 -59.62
C PHE A 310 -12.31 36.98 -58.78
N LEU A 311 -11.53 35.98 -58.40
CA LEU A 311 -10.35 36.18 -57.55
C LEU A 311 -9.23 35.29 -58.06
N ASP A 312 -8.00 35.79 -57.94
CA ASP A 312 -6.84 35.04 -58.41
C ASP A 312 -6.31 34.17 -57.28
N SER A 313 -5.30 33.35 -57.59
CA SER A 313 -4.83 32.35 -56.64
C SER A 313 -4.26 32.99 -55.38
N HIS A 314 -3.30 33.91 -55.55
CA HIS A 314 -2.72 34.59 -54.41
C HIS A 314 -3.79 35.36 -53.63
N LEU A 315 -4.75 35.94 -54.35
CA LEU A 315 -5.79 36.69 -53.71
C LEU A 315 -6.70 35.78 -52.90
N ILE A 316 -6.96 34.56 -53.39
CA ILE A 316 -7.69 33.58 -52.60
C ILE A 316 -6.89 33.20 -51.37
N THR A 317 -5.57 33.06 -51.51
CA THR A 317 -4.73 32.76 -50.35
C THR A 317 -4.97 33.78 -49.25
N ILE A 318 -4.80 35.06 -49.58
CA ILE A 318 -4.92 36.09 -48.53
C ILE A 318 -6.36 36.17 -48.03
N LEU A 319 -7.34 36.05 -48.92
CA LEU A 319 -8.73 36.14 -48.49
C LEU A 319 -9.08 35.02 -47.51
N SER A 320 -8.72 33.78 -47.84
CA SER A 320 -8.99 32.66 -46.94
C SER A 320 -8.27 32.87 -45.62
N VAL A 321 -6.98 33.23 -45.67
CA VAL A 321 -6.21 33.43 -44.46
C VAL A 321 -6.90 34.43 -43.55
N VAL A 322 -7.25 35.59 -44.09
CA VAL A 322 -7.72 36.67 -43.25
C VAL A 322 -9.15 36.43 -42.77
N MET A 323 -10.03 35.86 -43.61
CA MET A 323 -11.38 35.58 -43.12
C MET A 323 -11.35 34.49 -42.05
N THR A 324 -10.51 33.48 -42.21
CA THR A 324 -10.41 32.45 -41.17
C THR A 324 -9.82 33.04 -39.89
N ALA A 325 -8.82 33.90 -40.02
CA ALA A 325 -8.26 34.59 -38.87
C ALA A 325 -9.31 35.46 -38.19
N VAL A 326 -10.17 36.10 -38.98
CA VAL A 326 -11.24 36.92 -38.43
C VAL A 326 -12.24 36.04 -37.68
N ASN A 327 -12.60 34.90 -38.26
CA ASN A 327 -13.45 33.95 -37.56
C ASN A 327 -12.88 33.66 -36.18
N PHE A 328 -11.57 33.40 -36.13
CA PHE A 328 -10.95 33.03 -34.87
C PHE A 328 -10.91 34.21 -33.89
N LEU A 329 -10.57 35.41 -34.38
CA LEU A 329 -10.50 36.56 -33.51
C LEU A 329 -11.87 36.98 -32.98
N MET A 330 -12.91 36.84 -33.80
CA MET A 330 -14.26 37.25 -33.45
C MET A 330 -15.03 36.17 -32.71
N THR A 331 -14.46 34.97 -32.56
CA THR A 331 -15.05 34.05 -31.59
C THR A 331 -14.73 34.47 -30.15
N PHE A 332 -13.69 35.29 -29.94
CA PHE A 332 -13.33 35.70 -28.59
C PHE A 332 -14.39 36.55 -27.90
N PRO A 333 -14.94 37.60 -28.52
CA PRO A 333 -15.92 38.45 -27.81
C PRO A 333 -17.10 37.69 -27.25
N ALA A 334 -17.49 36.59 -27.88
CA ALA A 334 -18.59 35.79 -27.35
C ALA A 334 -18.31 35.34 -25.93
N ILE A 335 -17.04 35.09 -25.60
CA ILE A 335 -16.69 34.60 -24.27
C ILE A 335 -17.28 35.50 -23.19
N TYR A 336 -17.23 36.82 -23.41
CA TYR A 336 -17.74 37.82 -22.49
C TYR A 336 -19.22 38.12 -22.74
N ILE A 337 -19.63 38.15 -24.01
CA ILE A 337 -20.98 38.61 -24.34
C ILE A 337 -22.03 37.55 -23.99
N VAL A 338 -21.71 36.27 -24.22
CA VAL A 338 -22.65 35.20 -23.89
C VAL A 338 -23.10 35.33 -22.44
N GLU A 339 -22.17 35.67 -21.55
CA GLU A 339 -22.48 35.77 -20.14
C GLU A 339 -23.07 37.14 -19.78
N LYS A 340 -22.64 38.20 -20.48
CA LYS A 340 -23.14 39.54 -20.14
C LYS A 340 -24.55 39.78 -20.67
N LEU A 341 -24.85 39.36 -21.90
CA LEU A 341 -26.13 39.63 -22.53
C LEU A 341 -27.09 38.44 -22.47
N GLY A 342 -26.58 37.23 -22.63
CA GLY A 342 -27.39 36.03 -22.75
C GLY A 342 -27.26 35.41 -24.13
N ARG A 343 -27.93 34.28 -24.29
CA ARG A 343 -27.88 33.53 -25.53
C ARG A 343 -28.94 33.97 -26.53
N LYS A 344 -30.18 34.19 -26.07
CA LYS A 344 -31.22 34.64 -26.99
C LYS A 344 -30.88 36.00 -27.61
N THR A 345 -30.39 36.94 -26.79
CA THR A 345 -30.00 38.24 -27.32
C THR A 345 -28.92 38.10 -28.37
N LEU A 346 -27.86 37.36 -28.04
CA LEU A 346 -26.74 37.20 -28.95
C LEU A 346 -27.15 36.44 -30.20
N LEU A 347 -28.05 35.46 -30.06
CA LEU A 347 -28.56 34.74 -31.22
C LEU A 347 -29.34 35.67 -32.15
N LEU A 348 -30.22 36.49 -31.59
CA LEU A 348 -31.02 37.39 -32.41
C LEU A 348 -30.15 38.42 -33.11
N TRP A 349 -29.15 38.96 -32.41
CA TRP A 349 -28.20 39.87 -33.05
C TRP A 349 -27.40 39.15 -34.14
N GLY A 350 -27.11 37.86 -33.94
CA GLY A 350 -26.44 37.10 -34.99
C GLY A 350 -27.30 36.94 -36.24
N CYS A 351 -28.59 36.66 -36.05
CA CYS A 351 -29.50 36.63 -37.19
C CYS A 351 -29.50 37.98 -37.90
N VAL A 352 -29.53 39.07 -37.14
CA VAL A 352 -29.45 40.40 -37.71
C VAL A 352 -28.21 40.54 -38.58
N GLY A 353 -27.06 40.16 -38.04
CA GLY A 353 -25.82 40.30 -38.78
C GLY A 353 -25.82 39.49 -40.06
N VAL A 354 -26.31 38.25 -39.99
CA VAL A 354 -26.29 37.39 -41.17
C VAL A 354 -27.20 37.98 -42.24
N LEU A 355 -28.35 38.54 -41.84
CA LEU A 355 -29.21 39.18 -42.84
C LEU A 355 -28.52 40.39 -43.45
N VAL A 356 -27.86 41.20 -42.61
CA VAL A 356 -27.10 42.34 -43.13
C VAL A 356 -26.08 41.87 -44.16
N ALA A 357 -25.51 40.68 -43.94
CA ALA A 357 -24.52 40.18 -44.89
C ALA A 357 -25.17 39.73 -46.20
N TYR A 358 -26.22 38.93 -46.10
CA TYR A 358 -26.72 38.25 -47.30
C TYR A 358 -27.65 39.15 -48.13
N LEU A 359 -28.60 39.82 -47.49
CA LEU A 359 -29.63 40.52 -48.26
C LEU A 359 -29.07 41.57 -49.21
N PRO A 360 -28.12 42.42 -48.81
CA PRO A 360 -27.51 43.33 -49.80
C PRO A 360 -26.89 42.58 -50.96
N THR A 361 -26.18 41.47 -50.69
CA THR A 361 -25.61 40.67 -51.76
C THR A 361 -26.70 40.06 -52.65
N ALA A 362 -27.78 39.59 -52.02
CA ALA A 362 -28.87 38.99 -52.79
C ALA A 362 -29.45 40.00 -53.77
N ILE A 363 -29.83 41.18 -53.27
CA ILE A 363 -30.41 42.19 -54.16
C ILE A 363 -29.37 42.64 -55.18
N ALA A 364 -28.10 42.74 -54.77
CA ALA A 364 -27.06 43.23 -55.65
C ALA A 364 -26.86 42.32 -56.86
N ASN A 365 -26.96 41.01 -56.66
CA ASN A 365 -26.79 40.10 -57.79
C ASN A 365 -27.92 40.24 -58.81
N GLU A 366 -29.13 40.58 -58.35
CA GLU A 366 -30.22 40.85 -59.29
C GLU A 366 -30.06 42.21 -59.96
N ILE A 367 -29.46 43.18 -59.27
CA ILE A 367 -29.19 44.49 -59.85
C ILE A 367 -28.29 44.32 -61.07
N ASN A 368 -27.06 43.89 -60.84
CA ASN A 368 -26.11 43.65 -61.92
C ASN A 368 -25.25 42.47 -61.51
N ARG A 369 -25.47 41.33 -62.16
CA ARG A 369 -24.81 40.10 -61.75
C ARG A 369 -23.30 40.21 -61.95
N ASN A 370 -22.89 40.90 -63.02
CA ASN A 370 -21.49 41.04 -63.41
C ASN A 370 -20.92 42.39 -63.02
N SER A 371 -21.34 42.95 -61.89
CA SER A 371 -20.83 44.24 -61.45
C SER A 371 -19.48 44.10 -60.76
N ASN A 372 -18.60 45.06 -61.02
CA ASN A 372 -17.32 45.09 -60.33
C ASN A 372 -17.52 45.34 -58.84
N PHE A 373 -18.55 46.10 -58.48
CA PHE A 373 -18.82 46.38 -57.08
C PHE A 373 -19.58 45.27 -56.40
N VAL A 374 -20.27 44.41 -57.15
CA VAL A 374 -20.93 43.28 -56.51
C VAL A 374 -19.91 42.31 -55.93
N LYS A 375 -18.76 42.17 -56.59
CA LYS A 375 -17.70 41.34 -56.02
C LYS A 375 -17.21 41.92 -54.70
N ILE A 376 -16.94 43.22 -54.68
CA ILE A 376 -16.48 43.89 -53.46
C ILE A 376 -17.53 43.77 -52.37
N LEU A 377 -18.80 43.97 -52.74
CA LEU A 377 -19.88 43.83 -51.76
C LEU A 377 -19.92 42.41 -51.23
N SER A 378 -19.65 41.42 -52.09
CA SER A 378 -19.65 40.04 -51.65
C SER A 378 -18.50 39.76 -50.69
N ILE A 379 -17.33 40.35 -50.93
CA ILE A 379 -16.22 40.19 -50.00
C ILE A 379 -16.59 40.78 -48.64
N VAL A 380 -17.10 42.01 -48.65
CA VAL A 380 -17.46 42.66 -47.39
C VAL A 380 -18.61 41.91 -46.72
N ALA A 381 -19.58 41.43 -47.51
CA ALA A 381 -20.70 40.67 -46.97
C ALA A 381 -20.24 39.33 -46.42
N THR A 382 -19.24 38.71 -47.06
CA THR A 382 -18.65 37.51 -46.51
C THR A 382 -18.09 37.78 -45.13
N PHE A 383 -17.31 38.86 -44.99
CA PHE A 383 -16.75 39.17 -43.68
C PHE A 383 -17.85 39.51 -42.69
N VAL A 384 -18.92 40.16 -43.14
CA VAL A 384 -20.06 40.43 -42.25
C VAL A 384 -20.67 39.12 -41.76
N MET A 385 -20.88 38.18 -42.68
CA MET A 385 -21.43 36.87 -42.31
C MET A 385 -20.49 36.12 -41.37
N ILE A 386 -19.19 36.16 -41.67
CA ILE A 386 -18.19 35.48 -40.83
C ILE A 386 -18.23 36.05 -39.42
N ILE A 387 -18.15 37.37 -39.32
CA ILE A 387 -18.18 38.05 -38.02
C ILE A 387 -19.48 37.73 -37.31
N SER A 388 -20.59 37.70 -38.04
CA SER A 388 -21.90 37.48 -37.44
C SER A 388 -21.99 36.09 -36.84
N PHE A 389 -21.55 35.08 -37.60
CA PHE A 389 -21.67 33.70 -37.14
C PHE A 389 -20.67 33.38 -36.04
N ALA A 390 -19.42 33.80 -36.20
CA ALA A 390 -18.38 33.36 -35.29
C ALA A 390 -18.62 33.81 -33.86
N VAL A 391 -19.25 34.98 -33.68
CA VAL A 391 -19.43 35.55 -32.34
C VAL A 391 -20.75 35.17 -31.70
N SER A 392 -21.70 34.60 -32.47
CA SER A 392 -23.02 34.33 -31.94
C SER A 392 -23.44 32.87 -32.14
N TYR A 393 -24.05 32.57 -33.30
CA TYR A 393 -24.65 31.25 -33.48
C TYR A 393 -23.63 30.15 -33.26
N GLY A 394 -22.45 30.29 -33.86
CA GLY A 394 -21.40 29.31 -33.76
C GLY A 394 -21.12 28.88 -32.33
N PRO A 395 -20.63 29.82 -31.52
CA PRO A 395 -20.38 29.48 -30.10
C PRO A 395 -21.65 29.16 -29.33
N VAL A 396 -22.72 29.92 -29.56
CA VAL A 396 -23.87 29.87 -28.68
C VAL A 396 -24.64 28.56 -28.80
N LEU A 397 -24.68 27.94 -29.97
CA LEU A 397 -25.49 26.74 -30.12
C LEU A 397 -25.04 25.63 -29.18
N TRP A 398 -23.76 25.30 -29.21
CA TRP A 398 -23.26 24.19 -28.40
C TRP A 398 -23.26 24.52 -26.92
N ILE A 399 -23.31 25.79 -26.56
CA ILE A 399 -23.58 26.16 -25.18
C ILE A 399 -25.04 25.89 -24.85
N TYR A 400 -25.94 26.23 -25.78
CA TYR A 400 -27.38 26.17 -25.50
C TYR A 400 -27.86 24.74 -25.37
N LEU A 401 -27.39 23.85 -26.25
CA LEU A 401 -27.95 22.50 -26.31
C LEU A 401 -27.68 21.70 -25.05
N HIS A 402 -26.71 22.11 -24.24
CA HIS A 402 -26.36 21.39 -23.01
C HIS A 402 -26.77 22.17 -21.76
N GLU A 403 -27.75 23.07 -21.90
CA GLU A 403 -28.40 23.71 -20.77
C GLU A 403 -29.92 23.68 -20.90
N MET A 404 -30.46 23.37 -22.08
CA MET A 404 -31.87 23.54 -22.37
C MET A 404 -32.70 22.28 -22.18
N PHE A 405 -32.10 21.18 -21.74
CA PHE A 405 -32.85 19.93 -21.65
C PHE A 405 -33.03 19.49 -20.20
N PRO A 406 -34.17 18.89 -19.86
CA PRO A 406 -34.27 18.24 -18.55
C PRO A 406 -33.28 17.09 -18.48
N SER A 407 -32.79 16.82 -17.26
CA SER A 407 -31.72 15.85 -17.12
C SER A 407 -32.13 14.44 -17.51
N GLU A 408 -33.43 14.14 -17.54
CA GLU A 408 -33.84 12.80 -17.95
C GLU A 408 -33.43 12.53 -19.40
N ILE A 409 -33.32 13.57 -20.21
CA ILE A 409 -32.96 13.40 -21.62
C ILE A 409 -31.90 14.44 -22.00
N LYS A 410 -31.16 14.95 -21.00
CA LYS A 410 -30.16 15.97 -21.26
C LYS A 410 -29.17 15.48 -22.32
N ASP A 411 -28.49 14.36 -22.04
CA ASP A 411 -27.45 13.89 -22.93
C ASP A 411 -28.03 13.35 -24.21
N SER A 412 -29.12 12.59 -24.11
CA SER A 412 -29.71 11.95 -25.29
C SER A 412 -30.23 13.00 -26.26
N ALA A 413 -31.00 13.97 -25.76
CA ALA A 413 -31.52 15.02 -26.63
C ALA A 413 -30.41 15.93 -27.14
N ALA A 414 -29.38 16.18 -26.31
CA ALA A 414 -28.24 16.96 -26.80
C ALA A 414 -27.60 16.26 -27.98
N SER A 415 -27.43 14.94 -27.90
CA SER A 415 -26.84 14.20 -28.99
C SER A 415 -27.74 14.24 -30.22
N LEU A 416 -29.06 14.13 -30.02
CA LEU A 416 -29.97 14.19 -31.16
C LEU A 416 -29.87 15.53 -31.88
N ALA A 417 -29.82 16.63 -31.13
CA ALA A 417 -29.74 17.95 -31.76
C ALA A 417 -28.39 18.12 -32.47
N SER A 418 -27.31 17.66 -31.84
CA SER A 418 -26.00 17.78 -32.48
C SER A 418 -25.95 16.96 -33.76
N LEU A 419 -26.61 15.79 -33.78
CA LEU A 419 -26.78 15.04 -35.02
C LEU A 419 -27.52 15.83 -36.08
N VAL A 420 -28.64 16.45 -35.68
CA VAL A 420 -29.46 17.20 -36.64
C VAL A 420 -28.65 18.31 -37.29
N ASN A 421 -27.74 18.90 -36.52
CA ASN A 421 -26.87 19.93 -37.09
C ASN A 421 -26.13 19.40 -38.31
N TRP A 422 -25.56 18.20 -38.19
CA TRP A 422 -24.77 17.64 -39.28
C TRP A 422 -25.64 17.18 -40.45
N VAL A 423 -26.84 16.67 -40.16
CA VAL A 423 -27.76 16.32 -41.24
C VAL A 423 -28.12 17.58 -42.03
N CYS A 424 -28.36 18.70 -41.33
CA CYS A 424 -28.69 19.94 -42.02
C CYS A 424 -27.48 20.46 -42.80
N ALA A 425 -26.26 20.20 -42.32
CA ALA A 425 -25.09 20.51 -43.14
C ALA A 425 -25.19 19.82 -44.48
N ILE A 426 -25.58 18.54 -44.49
CA ILE A 426 -25.75 17.85 -45.78
C ILE A 426 -26.87 18.50 -46.59
N ILE A 427 -27.99 18.82 -45.94
CA ILE A 427 -29.13 19.36 -46.69
C ILE A 427 -28.79 20.73 -47.29
N VAL A 428 -27.87 21.47 -46.69
CA VAL A 428 -27.61 22.84 -47.14
C VAL A 428 -26.43 22.89 -48.10
N VAL A 429 -25.28 22.40 -47.67
CA VAL A 429 -24.03 22.66 -48.41
C VAL A 429 -24.16 22.20 -49.85
N PHE A 430 -24.58 20.95 -50.07
CA PHE A 430 -24.54 20.39 -51.42
C PHE A 430 -25.59 21.04 -52.31
N PRO A 431 -26.87 21.13 -51.93
CA PRO A 431 -27.80 21.93 -52.74
C PRO A 431 -27.30 23.35 -52.89
N SER A 432 -26.62 23.89 -51.87
CA SER A 432 -26.03 25.21 -52.02
C SER A 432 -24.90 25.19 -53.04
N ASP A 433 -24.04 24.17 -53.00
CA ASP A 433 -22.96 24.10 -53.99
C ASP A 433 -23.51 24.04 -55.40
N ILE A 434 -24.69 23.44 -55.59
CA ILE A 434 -25.25 23.37 -56.93
C ILE A 434 -26.01 24.65 -57.28
N ILE A 435 -26.69 25.26 -56.31
CA ILE A 435 -27.52 26.43 -56.60
C ILE A 435 -26.65 27.67 -56.81
N ILE A 436 -25.67 27.89 -55.93
CA ILE A 436 -24.79 29.05 -56.06
C ILE A 436 -24.09 29.02 -57.40
N LYS A 437 -23.97 27.85 -58.02
CA LYS A 437 -23.38 27.75 -59.35
C LYS A 437 -24.31 28.32 -60.40
N LYS A 438 -25.63 28.27 -60.16
CA LYS A 438 -26.61 28.77 -61.11
C LYS A 438 -26.96 30.24 -60.90
N SER A 439 -27.47 30.59 -59.71
CA SER A 439 -28.02 31.92 -59.46
C SER A 439 -27.81 32.30 -58.00
N PRO A 440 -26.75 33.07 -57.70
CA PRO A 440 -26.53 33.47 -56.30
C PRO A 440 -27.66 34.27 -55.70
N SER A 441 -28.46 34.95 -56.53
CA SER A 441 -29.56 35.73 -55.98
C SER A 441 -30.54 34.83 -55.24
N ILE A 442 -30.89 33.69 -55.83
CA ILE A 442 -31.83 32.78 -55.19
C ILE A 442 -31.25 32.22 -53.89
N LEU A 443 -29.97 31.80 -53.91
CA LEU A 443 -29.40 31.24 -52.70
C LEU A 443 -29.30 32.28 -51.60
N PHE A 444 -28.86 33.49 -51.93
CA PHE A 444 -28.71 34.53 -50.93
C PHE A 444 -30.06 35.00 -50.42
N ILE A 445 -31.08 35.01 -51.27
CA ILE A 445 -32.41 35.40 -50.81
C ILE A 445 -32.99 34.30 -49.92
N VAL A 446 -32.64 33.03 -50.18
CA VAL A 446 -33.11 31.96 -49.32
C VAL A 446 -32.39 31.99 -47.98
N PHE A 447 -31.09 32.28 -47.98
CA PHE A 447 -30.36 32.40 -46.72
C PHE A 447 -30.85 33.61 -45.92
N SER A 448 -31.23 34.69 -46.62
CA SER A 448 -31.82 35.84 -45.93
C SER A 448 -33.19 35.52 -45.36
N VAL A 449 -34.04 34.84 -46.14
CA VAL A 449 -35.32 34.38 -45.62
C VAL A 449 -35.10 33.51 -44.40
N MET A 450 -34.07 32.66 -44.42
CA MET A 450 -33.78 31.83 -43.27
C MET A 450 -33.30 32.67 -42.10
N SER A 451 -32.58 33.75 -42.36
CA SER A 451 -32.24 34.67 -41.27
C SER A 451 -33.50 35.22 -40.62
N ILE A 452 -34.47 35.63 -41.44
CA ILE A 452 -35.70 36.19 -40.90
C ILE A 452 -36.48 35.13 -40.12
N LEU A 453 -36.62 33.95 -40.72
CA LEU A 453 -37.36 32.86 -40.08
C LEU A 453 -36.70 32.42 -38.79
N THR A 454 -35.37 32.29 -38.80
CA THR A 454 -34.64 31.95 -37.58
C THR A 454 -34.79 33.03 -36.53
N PHE A 455 -34.75 34.30 -36.95
CA PHE A 455 -34.94 35.39 -36.01
C PHE A 455 -36.28 35.28 -35.32
N PHE A 456 -37.36 35.09 -36.10
CA PHE A 456 -38.69 35.04 -35.48
C PHE A 456 -38.88 33.77 -34.66
N PHE A 457 -38.34 32.64 -35.11
CA PHE A 457 -38.42 31.41 -34.34
C PHE A 457 -37.74 31.57 -32.99
N ILE A 458 -36.50 32.07 -32.98
CA ILE A 458 -35.82 32.35 -31.72
C ILE A 458 -36.61 33.35 -30.90
N PHE A 459 -37.10 34.41 -31.56
CA PHE A 459 -37.80 35.50 -30.87
C PHE A 459 -39.01 34.99 -30.11
N PHE A 460 -39.78 34.09 -30.72
CA PHE A 460 -41.07 33.69 -30.19
C PHE A 460 -41.02 32.41 -29.36
N PHE A 461 -40.15 31.48 -29.71
CA PHE A 461 -40.13 30.14 -29.12
C PHE A 461 -39.00 29.97 -28.13
N ILE A 462 -37.80 30.43 -28.48
CA ILE A 462 -36.58 30.08 -27.75
C ILE A 462 -36.46 30.99 -26.53
N LYS A 463 -36.39 30.38 -25.35
CA LYS A 463 -36.26 31.10 -24.09
C LYS A 463 -34.79 31.20 -23.69
N GLU A 464 -34.52 32.11 -22.76
CA GLU A 464 -33.17 32.28 -22.23
C GLU A 464 -32.85 31.16 -21.25
N THR A 465 -31.62 30.66 -21.31
CA THR A 465 -31.20 29.53 -20.50
C THR A 465 -30.03 29.85 -19.57
N LYS A 466 -29.62 31.11 -19.49
CA LYS A 466 -28.44 31.45 -18.71
C LYS A 466 -28.73 31.29 -17.22
N GLY A 467 -27.75 30.76 -16.50
CA GLY A 467 -27.84 30.63 -15.06
C GLY A 467 -28.69 29.48 -14.55
N GLY A 468 -29.25 28.67 -15.44
CA GLY A 468 -29.99 27.50 -14.98
C GLY A 468 -29.05 26.46 -14.41
N GLU A 469 -29.47 25.84 -13.30
CA GLU A 469 -28.68 24.77 -12.70
C GLU A 469 -28.53 23.64 -13.72
N ILE A 470 -27.55 22.77 -13.48
CA ILE A 470 -27.32 21.67 -14.41
C ILE A 470 -28.55 20.77 -14.40
N GLY A 471 -28.94 20.30 -15.57
CA GLY A 471 -30.17 19.55 -15.67
C GLY A 471 -31.42 20.39 -15.60
N THR A 472 -31.29 21.71 -15.67
CA THR A 472 -32.43 22.62 -15.65
C THR A 472 -32.71 23.11 -17.07
N SER A 473 -34.00 23.29 -17.37
CA SER A 473 -34.44 23.83 -18.64
C SER A 473 -35.55 24.84 -18.40
N PRO A 474 -35.55 25.97 -19.12
CA PRO A 474 -36.67 26.91 -18.99
C PRO A 474 -37.97 26.38 -19.59
N TYR A 475 -37.92 25.27 -20.32
CA TYR A 475 -39.10 24.74 -20.99
C TYR A 475 -39.93 23.81 -20.13
N ILE A 476 -39.29 23.05 -19.24
CA ILE A 476 -39.99 22.10 -18.38
C ILE A 476 -39.52 22.34 -16.94
N THR A 477 -40.48 22.50 -16.05
CA THR A 477 -40.21 22.86 -14.65
C THR A 477 -40.08 21.61 -13.78
N MET A 478 -39.46 21.79 -12.62
CA MET A 478 -39.10 20.65 -11.78
C MET A 478 -40.32 19.83 -11.42
N GLU A 479 -41.40 20.49 -10.97
CA GLU A 479 -42.64 19.76 -10.69
C GLU A 479 -43.24 19.14 -11.95
N GLU A 480 -43.05 19.79 -13.11
CA GLU A 480 -43.56 19.19 -14.34
C GLU A 480 -42.80 17.92 -14.66
N ARG A 481 -41.52 17.88 -14.33
CA ARG A 481 -40.72 16.68 -14.55
C ARG A 481 -41.26 15.54 -13.71
N GLN A 482 -41.90 15.85 -12.59
CA GLN A 482 -42.47 14.84 -11.71
C GLN A 482 -43.75 14.25 -12.27
N LYS A 483 -44.49 15.02 -13.08
CA LYS A 483 -45.84 14.66 -13.49
C LYS A 483 -45.97 13.17 -13.77
N HIS A 484 -46.54 12.45 -12.79
CA HIS A 484 -46.65 11.01 -12.84
C HIS A 484 -47.56 10.56 -13.98
N MET A 485 -47.17 9.45 -14.62
CA MET A 485 -47.99 8.84 -15.66
C MET A 485 -49.04 7.92 -15.04
N PHE B 8 -21.12 -33.53 -26.30
CA PHE B 8 -22.48 -33.03 -26.16
C PHE B 8 -22.60 -31.59 -26.64
N PHE B 9 -23.79 -31.22 -27.10
CA PHE B 9 -24.09 -29.87 -27.57
C PHE B 9 -24.97 -29.22 -26.49
N SER B 10 -24.33 -28.59 -25.51
CA SER B 10 -25.02 -27.96 -24.40
C SER B 10 -25.09 -26.45 -24.62
N THR B 11 -25.62 -25.74 -23.60
CA THR B 11 -25.64 -24.28 -23.64
C THR B 11 -24.22 -23.73 -23.59
N SER B 12 -23.40 -24.27 -22.69
CA SER B 12 -21.97 -24.00 -22.68
C SER B 12 -21.41 -24.04 -24.10
N PHE B 13 -21.79 -25.06 -24.85
CA PHE B 13 -21.28 -25.22 -26.21
C PHE B 13 -21.75 -24.10 -27.12
N LYS B 14 -23.01 -23.67 -27.00
CA LYS B 14 -23.49 -22.56 -27.80
C LYS B 14 -22.67 -21.29 -27.53
N TYR B 15 -22.40 -21.00 -26.26
CA TYR B 15 -21.69 -19.77 -25.93
C TYR B 15 -20.23 -19.83 -26.42
N VAL B 16 -19.56 -20.96 -26.18
CA VAL B 16 -18.19 -21.12 -26.68
C VAL B 16 -18.17 -20.96 -28.20
N LEU B 17 -19.18 -21.51 -28.88
CA LEU B 17 -19.26 -21.34 -30.33
C LEU B 17 -19.41 -19.86 -30.69
N SER B 18 -20.19 -19.12 -29.88
CA SER B 18 -20.33 -17.70 -30.11
C SER B 18 -18.96 -17.01 -30.16
N ALA B 19 -18.05 -17.42 -29.28
CA ALA B 19 -16.68 -16.87 -29.33
C ALA B 19 -15.83 -17.45 -30.47
N CYS B 20 -16.18 -18.65 -30.93
CA CYS B 20 -15.39 -19.24 -32.00
C CYS B 20 -15.47 -18.47 -33.32
N ILE B 21 -16.39 -17.50 -33.46
CA ILE B 21 -16.35 -16.66 -34.66
C ILE B 21 -15.13 -15.75 -34.64
N ALA B 22 -14.87 -15.13 -33.49
CA ALA B 22 -13.62 -14.40 -33.33
C ALA B 22 -12.42 -15.31 -33.58
N SER B 23 -12.50 -16.56 -33.10
CA SER B 23 -11.42 -17.50 -33.42
C SER B 23 -11.25 -17.71 -34.93
N PHE B 24 -12.36 -17.86 -35.64
CA PHE B 24 -12.30 -18.05 -37.08
C PHE B 24 -11.64 -16.84 -37.75
N ILE B 25 -11.98 -15.64 -37.31
CA ILE B 25 -11.38 -14.44 -37.88
C ILE B 25 -9.88 -14.44 -37.62
N PHE B 26 -9.47 -14.81 -36.40
CA PHE B 26 -8.07 -15.06 -36.08
C PHE B 26 -7.39 -15.81 -37.22
N GLY B 27 -7.83 -17.06 -37.44
CA GLY B 27 -7.15 -17.89 -38.42
C GLY B 27 -7.20 -17.32 -39.83
N TYR B 28 -8.39 -16.85 -40.24
CA TYR B 28 -8.56 -16.35 -41.60
C TYR B 28 -7.63 -15.18 -41.87
N GLN B 29 -7.48 -14.27 -40.91
CA GLN B 29 -6.57 -13.15 -41.09
C GLN B 29 -5.11 -13.59 -40.98
N VAL B 30 -4.83 -14.69 -40.28
CA VAL B 30 -3.45 -15.18 -40.25
C VAL B 30 -3.02 -15.61 -41.65
N SER B 31 -3.91 -16.27 -42.40
CA SER B 31 -3.47 -16.90 -43.65
C SER B 31 -3.92 -16.22 -44.94
N VAL B 32 -4.92 -15.34 -44.90
CA VAL B 32 -5.50 -14.85 -46.15
C VAL B 32 -4.51 -13.97 -46.90
N LEU B 33 -3.62 -13.27 -46.20
CA LEU B 33 -2.59 -12.50 -46.90
C LEU B 33 -1.74 -13.41 -47.78
N ASN B 34 -1.20 -14.49 -47.18
CA ASN B 34 -0.37 -15.41 -47.94
C ASN B 34 -1.15 -16.04 -49.09
N THR B 35 -2.47 -16.19 -48.93
CA THR B 35 -3.22 -16.86 -49.99
C THR B 35 -3.08 -16.15 -51.34
N ILE B 36 -3.11 -14.81 -51.34
CA ILE B 36 -3.27 -14.03 -52.55
C ILE B 36 -2.11 -13.06 -52.79
N LYS B 37 -0.99 -13.25 -52.09
CA LYS B 37 0.04 -12.22 -52.07
C LYS B 37 0.68 -12.04 -53.45
N ASN B 38 0.75 -13.09 -54.26
CA ASN B 38 1.25 -12.93 -55.63
C ASN B 38 0.46 -11.87 -56.38
N PHE B 39 -0.86 -11.84 -56.16
CA PHE B 39 -1.72 -10.95 -56.92
C PHE B 39 -1.58 -9.51 -56.46
N ILE B 40 -1.26 -9.29 -55.19
CA ILE B 40 -0.93 -7.94 -54.74
C ILE B 40 0.43 -7.52 -55.26
N VAL B 41 1.39 -8.45 -55.28
CA VAL B 41 2.72 -8.14 -55.81
C VAL B 41 2.60 -7.69 -57.26
N VAL B 42 1.79 -8.38 -58.05
CA VAL B 42 1.60 -7.98 -59.45
C VAL B 42 0.80 -6.69 -59.52
N GLU B 43 -0.37 -6.65 -58.89
CA GLU B 43 -1.25 -5.50 -59.00
C GLU B 43 -0.59 -4.24 -58.46
N PHE B 44 -0.02 -4.32 -57.25
CA PHE B 44 0.61 -3.16 -56.65
C PHE B 44 1.92 -2.79 -57.34
N GLU B 45 2.42 -3.63 -58.25
CA GLU B 45 3.63 -3.36 -58.99
C GLU B 45 4.80 -3.05 -58.05
N TRP B 46 5.10 -4.03 -57.19
CA TRP B 46 6.25 -3.92 -56.31
C TRP B 46 7.56 -4.22 -57.03
N CYS B 47 7.51 -4.98 -58.12
CA CYS B 47 8.69 -5.38 -58.88
C CYS B 47 8.56 -4.99 -60.34
N LYS B 48 7.98 -3.81 -60.61
CA LYS B 48 7.73 -3.41 -61.98
C LYS B 48 9.00 -3.01 -62.72
N GLY B 49 10.14 -2.95 -62.04
CA GLY B 49 11.38 -2.58 -62.68
C GLY B 49 12.20 -3.77 -63.14
N GLU B 50 12.03 -4.92 -62.49
CA GLU B 50 12.79 -6.11 -62.81
C GLU B 50 12.13 -6.90 -63.94
N LYS B 51 12.83 -7.93 -64.39
CA LYS B 51 12.28 -8.80 -65.42
C LYS B 51 11.13 -9.64 -64.87
N ASP B 52 11.32 -10.22 -63.69
CA ASP B 52 10.28 -11.01 -63.03
C ASP B 52 9.47 -10.12 -62.11
N ARG B 53 8.16 -10.34 -62.09
CA ARG B 53 7.24 -9.47 -61.36
C ARG B 53 6.83 -10.00 -60.00
N LEU B 54 7.00 -11.30 -59.75
CA LEU B 54 6.64 -11.87 -58.46
C LEU B 54 7.81 -11.92 -57.49
N ASN B 55 9.04 -11.99 -57.98
CA ASN B 55 10.22 -12.07 -57.14
C ASN B 55 11.18 -10.94 -57.49
N CYS B 56 11.52 -10.14 -56.49
CA CYS B 56 12.56 -9.12 -56.61
C CYS B 56 12.96 -8.69 -55.21
N SER B 57 13.94 -7.79 -55.13
CA SER B 57 14.34 -7.23 -53.84
C SER B 57 13.16 -6.59 -53.13
N ASN B 58 12.45 -5.69 -53.83
CA ASN B 58 11.38 -4.92 -53.22
C ASN B 58 10.29 -5.82 -52.64
N ASN B 59 9.92 -6.87 -53.39
CA ASN B 59 8.88 -7.76 -52.91
C ASN B 59 9.28 -8.44 -51.60
N THR B 60 10.48 -9.01 -51.57
CA THR B 60 10.95 -9.65 -50.34
C THR B 60 10.89 -8.68 -49.17
N ILE B 61 11.45 -7.48 -49.35
CA ILE B 61 11.49 -6.50 -48.28
C ILE B 61 10.08 -6.23 -47.74
N GLN B 62 9.17 -5.83 -48.63
CA GLN B 62 7.87 -5.37 -48.18
C GLN B 62 6.99 -6.52 -47.70
N SER B 63 7.09 -7.68 -48.34
CA SER B 63 6.33 -8.84 -47.87
C SER B 63 6.81 -9.31 -46.51
N SER B 64 8.09 -9.11 -46.20
CA SER B 64 8.55 -9.34 -44.83
C SER B 64 7.84 -8.42 -43.86
N PHE B 65 7.72 -7.14 -44.22
CA PHE B 65 7.02 -6.22 -43.32
C PHE B 65 5.54 -6.57 -43.18
N LEU B 66 4.93 -7.13 -44.22
CA LEU B 66 3.51 -7.47 -44.13
C LEU B 66 3.25 -8.65 -43.19
N LEU B 67 4.29 -9.36 -42.76
CA LEU B 67 4.21 -10.36 -41.69
C LEU B 67 4.65 -9.79 -40.35
N ALA B 68 5.69 -8.96 -40.36
CA ALA B 68 6.08 -8.24 -39.16
C ALA B 68 4.90 -7.47 -38.60
N SER B 69 4.04 -6.94 -39.47
CA SER B 69 2.85 -6.23 -39.00
C SER B 69 1.96 -7.14 -38.19
N VAL B 70 1.60 -8.30 -38.76
CA VAL B 70 0.73 -9.23 -38.03
C VAL B 70 1.34 -9.59 -36.69
N PHE B 71 2.62 -9.96 -36.67
CA PHE B 71 3.20 -10.47 -35.43
C PHE B 71 3.38 -9.36 -34.39
N ILE B 72 3.88 -8.19 -34.79
CA ILE B 72 4.07 -7.10 -33.84
C ILE B 72 2.72 -6.59 -33.35
N GLY B 73 1.75 -6.45 -34.23
CA GLY B 73 0.42 -6.08 -33.81
C GLY B 73 -0.20 -7.11 -32.89
N ALA B 74 0.14 -8.39 -33.06
CA ALA B 74 -0.36 -9.41 -32.14
C ALA B 74 0.31 -9.30 -30.78
N VAL B 75 1.62 -9.01 -30.77
CA VAL B 75 2.29 -8.68 -29.51
C VAL B 75 1.53 -7.57 -28.79
N LEU B 76 1.30 -6.47 -29.50
CA LEU B 76 0.62 -5.31 -28.91
C LEU B 76 -0.81 -5.65 -28.51
N GLY B 77 -1.50 -6.46 -29.30
CA GLY B 77 -2.89 -6.76 -29.02
C GLY B 77 -3.04 -7.69 -27.84
N CYS B 78 -2.13 -8.65 -27.70
CA CYS B 78 -2.13 -9.49 -26.50
C CYS B 78 -1.74 -8.66 -25.27
N GLY B 79 -0.81 -7.71 -25.43
CA GLY B 79 -0.48 -6.85 -24.31
C GLY B 79 -1.65 -5.99 -23.85
N PHE B 80 -2.39 -5.44 -24.81
CA PHE B 80 -3.53 -4.59 -24.48
C PHE B 80 -4.79 -5.39 -24.14
N SER B 81 -4.84 -6.68 -24.52
CA SER B 81 -5.95 -7.51 -24.12
C SER B 81 -6.01 -7.64 -22.61
N GLY B 82 -4.86 -7.57 -21.94
CA GLY B 82 -4.87 -7.65 -20.49
C GLY B 82 -5.58 -6.48 -19.84
N TYR B 83 -5.44 -5.29 -20.42
CA TYR B 83 -6.11 -4.11 -19.88
C TYR B 83 -7.52 -3.91 -20.44
N LEU B 84 -7.83 -4.49 -21.60
CA LEU B 84 -9.19 -4.39 -22.11
C LEU B 84 -10.10 -5.43 -21.46
N VAL B 85 -9.62 -6.66 -21.29
CA VAL B 85 -10.40 -7.68 -20.59
C VAL B 85 -10.69 -7.24 -19.16
N GLN B 86 -9.82 -6.41 -18.58
CA GLN B 86 -10.13 -5.81 -17.29
C GLN B 86 -11.53 -5.23 -17.28
N PHE B 87 -12.00 -4.74 -18.43
CA PHE B 87 -13.33 -4.16 -18.57
C PHE B 87 -14.32 -5.12 -19.21
N GLY B 88 -13.99 -6.40 -19.31
CA GLY B 88 -14.94 -7.42 -19.74
C GLY B 88 -14.42 -8.43 -20.74
N ARG B 89 -14.99 -9.64 -20.70
CA ARG B 89 -14.71 -10.68 -21.68
C ARG B 89 -15.61 -10.55 -22.91
N ARG B 90 -16.93 -10.58 -22.68
CA ARG B 90 -17.88 -10.43 -23.78
C ARG B 90 -17.68 -9.08 -24.48
N LEU B 91 -17.35 -8.05 -23.69
CA LEU B 91 -16.96 -6.77 -24.28
C LEU B 91 -15.80 -6.95 -25.25
N SER B 92 -14.79 -7.72 -24.85
CA SER B 92 -13.64 -7.92 -25.74
C SER B 92 -14.06 -8.61 -27.03
N LEU B 93 -15.06 -9.50 -26.97
CA LEU B 93 -15.54 -10.13 -28.19
C LEU B 93 -16.26 -9.13 -29.08
N LEU B 94 -17.08 -8.24 -28.50
CA LEU B 94 -17.71 -7.22 -29.33
C LEU B 94 -16.69 -6.25 -29.91
N ILE B 95 -15.69 -5.85 -29.12
CA ILE B 95 -14.63 -4.99 -29.65
C ILE B 95 -13.91 -5.71 -30.78
N ILE B 96 -13.62 -7.00 -30.60
CA ILE B 96 -12.92 -7.75 -31.63
C ILE B 96 -13.73 -7.78 -32.92
N TYR B 97 -15.03 -8.04 -32.81
CA TYR B 97 -15.87 -8.13 -34.01
C TYR B 97 -15.97 -6.76 -34.70
N ASN B 98 -16.33 -5.72 -33.94
CA ASN B 98 -16.46 -4.38 -34.50
C ASN B 98 -15.14 -3.90 -35.07
N PHE B 99 -14.02 -4.32 -34.49
CA PHE B 99 -12.70 -3.94 -34.94
C PHE B 99 -12.36 -4.64 -36.26
N PHE B 100 -12.57 -5.96 -36.31
CA PHE B 100 -12.21 -6.73 -37.49
C PHE B 100 -13.10 -6.39 -38.67
N PHE B 101 -14.36 -6.02 -38.42
CA PHE B 101 -15.23 -5.53 -39.48
C PHE B 101 -14.54 -4.40 -40.24
N LEU B 102 -14.11 -3.37 -39.53
CA LEU B 102 -13.50 -2.21 -40.16
C LEU B 102 -12.12 -2.54 -40.72
N VAL B 103 -11.33 -3.37 -40.01
CA VAL B 103 -10.01 -3.67 -40.53
C VAL B 103 -10.11 -4.51 -41.80
N SER B 104 -11.12 -5.36 -41.91
CA SER B 104 -11.34 -6.10 -43.14
C SER B 104 -11.69 -5.16 -44.27
N ILE B 105 -12.61 -4.22 -44.00
CA ILE B 105 -12.93 -3.22 -45.03
C ILE B 105 -11.65 -2.52 -45.50
N LEU B 106 -10.87 -1.99 -44.55
CA LEU B 106 -9.68 -1.23 -44.91
C LEU B 106 -8.69 -2.09 -45.69
N THR B 107 -8.35 -3.26 -45.15
CA THR B 107 -7.47 -4.17 -45.89
C THR B 107 -7.98 -4.37 -47.31
N SER B 108 -9.29 -4.53 -47.47
CA SER B 108 -9.83 -4.84 -48.79
C SER B 108 -9.79 -3.65 -49.73
N ILE B 109 -9.65 -2.43 -49.22
CA ILE B 109 -9.70 -1.25 -50.09
C ILE B 109 -8.34 -0.57 -50.25
N THR B 110 -7.25 -1.19 -49.81
CA THR B 110 -5.95 -0.55 -49.90
C THR B 110 -5.34 -0.73 -51.29
N HIS B 111 -4.64 0.30 -51.76
CA HIS B 111 -4.04 0.33 -53.08
C HIS B 111 -2.58 0.76 -53.01
N HIS B 112 -1.89 0.32 -51.96
CA HIS B 112 -0.48 0.65 -51.74
C HIS B 112 0.04 -0.22 -50.61
N PHE B 113 1.36 -0.35 -50.55
CA PHE B 113 1.97 -1.19 -49.52
C PHE B 113 1.78 -0.61 -48.14
N HIS B 114 1.73 0.72 -48.03
CA HIS B 114 1.66 1.36 -46.72
C HIS B 114 0.29 1.19 -46.08
N THR B 115 -0.77 1.45 -46.85
CA THR B 115 -2.11 1.33 -46.28
C THR B 115 -2.41 -0.10 -45.88
N ILE B 116 -2.00 -1.08 -46.70
CA ILE B 116 -2.26 -2.46 -46.34
C ILE B 116 -1.33 -2.91 -45.23
N LEU B 117 -0.12 -2.33 -45.13
CA LEU B 117 0.73 -2.62 -43.98
C LEU B 117 0.07 -2.15 -42.69
N PHE B 118 -0.46 -0.92 -42.71
CA PHE B 118 -1.22 -0.40 -41.58
C PHE B 118 -2.41 -1.29 -41.26
N ALA B 119 -3.14 -1.73 -42.29
CA ALA B 119 -4.32 -2.54 -42.07
C ALA B 119 -3.97 -3.93 -41.54
N ARG B 120 -2.84 -4.49 -42.01
CA ARG B 120 -2.40 -5.78 -41.50
C ARG B 120 -1.85 -5.67 -40.08
N LEU B 121 -1.26 -4.54 -39.72
CA LEU B 121 -0.85 -4.34 -38.34
C LEU B 121 -2.07 -4.23 -37.43
N LEU B 122 -3.09 -3.51 -37.86
CA LEU B 122 -4.36 -3.50 -37.13
C LEU B 122 -4.95 -4.90 -37.03
N SER B 123 -4.87 -5.67 -38.13
CA SER B 123 -5.39 -7.03 -38.14
C SER B 123 -4.64 -7.91 -37.15
N GLY B 124 -3.31 -7.73 -37.06
CA GLY B 124 -2.54 -8.44 -36.07
C GLY B 124 -2.89 -8.02 -34.66
N PHE B 125 -3.26 -6.75 -34.46
CA PHE B 125 -3.77 -6.34 -33.16
C PHE B 125 -5.07 -7.08 -32.82
N GLY B 126 -5.95 -7.22 -33.81
CA GLY B 126 -7.14 -8.03 -33.60
C GLY B 126 -6.80 -9.47 -33.24
N ILE B 127 -5.80 -10.03 -33.93
CA ILE B 127 -5.30 -11.35 -33.59
C ILE B 127 -4.86 -11.40 -32.13
N GLY B 128 -4.12 -10.38 -31.70
CA GLY B 128 -3.62 -10.35 -30.34
C GLY B 128 -4.75 -10.27 -29.32
N LEU B 129 -5.81 -9.52 -29.64
CA LEU B 129 -6.98 -9.50 -28.77
C LEU B 129 -7.60 -10.88 -28.69
N VAL B 130 -7.85 -11.51 -29.84
CA VAL B 130 -8.52 -12.81 -29.87
C VAL B 130 -7.75 -13.83 -29.05
N THR B 131 -6.43 -13.90 -29.26
CA THR B 131 -5.61 -14.91 -28.62
C THR B 131 -5.88 -15.01 -27.13
N VAL B 132 -6.04 -13.87 -26.46
CA VAL B 132 -6.31 -13.87 -25.04
C VAL B 132 -7.80 -13.96 -24.75
N SER B 133 -8.62 -13.24 -25.51
CA SER B 133 -10.01 -13.07 -25.13
C SER B 133 -10.81 -14.36 -25.29
N VAL B 134 -10.66 -15.03 -26.41
CA VAL B 134 -11.55 -16.16 -26.70
C VAL B 134 -11.23 -17.33 -25.77
N PRO B 135 -9.96 -17.72 -25.59
CA PRO B 135 -9.70 -18.84 -24.69
C PRO B 135 -10.13 -18.58 -23.26
N MET B 136 -9.94 -17.36 -22.76
CA MET B 136 -10.41 -17.04 -21.41
C MET B 136 -11.93 -17.09 -21.33
N TYR B 137 -12.61 -16.57 -22.35
CA TYR B 137 -14.07 -16.62 -22.38
C TYR B 137 -14.54 -18.07 -22.31
N ILE B 138 -13.93 -18.95 -23.11
CA ILE B 138 -14.28 -20.37 -23.05
C ILE B 138 -13.89 -20.97 -21.70
N SER B 139 -12.85 -20.43 -21.08
CA SER B 139 -12.43 -20.94 -19.77
C SER B 139 -13.48 -20.67 -18.71
N GLU B 140 -14.13 -19.50 -18.78
CA GLU B 140 -15.07 -19.09 -17.75
C GLU B 140 -16.53 -19.33 -18.13
N MET B 141 -16.81 -19.78 -19.35
CA MET B 141 -18.17 -20.01 -19.80
C MET B 141 -18.51 -21.49 -19.96
N THR B 142 -17.69 -22.39 -19.41
CA THR B 142 -17.86 -23.81 -19.66
C THR B 142 -17.95 -24.60 -18.37
N HIS B 143 -18.63 -25.74 -18.46
CA HIS B 143 -18.61 -26.75 -17.41
C HIS B 143 -17.17 -27.17 -17.15
N LYS B 144 -16.75 -27.12 -15.88
CA LYS B 144 -15.33 -27.33 -15.59
C LYS B 144 -14.87 -28.68 -16.13
N ASP B 145 -15.74 -29.68 -16.13
CA ASP B 145 -15.36 -30.99 -16.65
C ASP B 145 -14.97 -30.94 -18.12
N LYS B 146 -15.42 -29.92 -18.84
CA LYS B 146 -15.29 -29.85 -20.29
C LYS B 146 -14.49 -28.63 -20.73
N LYS B 147 -13.75 -28.01 -19.79
CA LYS B 147 -12.97 -26.83 -20.12
C LYS B 147 -12.05 -27.08 -21.30
N GLY B 148 -11.35 -28.22 -21.30
CA GLY B 148 -10.41 -28.52 -22.35
C GLY B 148 -11.07 -28.95 -23.64
N ALA B 149 -12.11 -29.78 -23.54
CA ALA B 149 -12.84 -30.19 -24.73
C ALA B 149 -13.32 -28.97 -25.52
N TYR B 150 -13.88 -27.98 -24.83
CA TYR B 150 -14.37 -26.78 -25.49
C TYR B 150 -13.28 -25.77 -25.78
N GLY B 151 -12.16 -25.84 -25.05
CA GLY B 151 -11.03 -24.97 -25.38
C GLY B 151 -10.32 -25.41 -26.65
N VAL B 152 -10.35 -26.71 -26.95
CA VAL B 152 -9.88 -27.18 -28.24
C VAL B 152 -10.69 -26.55 -29.36
N MET B 153 -11.94 -26.15 -29.08
CA MET B 153 -12.76 -25.53 -30.12
C MET B 153 -12.15 -24.23 -30.62
N HIS B 154 -11.49 -23.50 -29.72
CA HIS B 154 -10.76 -22.28 -30.09
C HIS B 154 -9.82 -22.56 -31.25
N GLN B 155 -8.87 -23.48 -31.05
CA GLN B 155 -7.91 -23.79 -32.11
C GLN B 155 -8.58 -24.52 -33.28
N LEU B 156 -9.62 -25.31 -33.00
CA LEU B 156 -10.41 -25.94 -34.06
C LEU B 156 -10.87 -24.91 -35.07
N PHE B 157 -11.47 -23.82 -34.58
CA PHE B 157 -12.01 -22.81 -35.48
C PHE B 157 -10.90 -21.92 -36.05
N ILE B 158 -9.81 -21.71 -35.33
CA ILE B 158 -8.64 -21.07 -35.95
C ILE B 158 -8.22 -21.84 -37.19
N THR B 159 -8.12 -23.16 -37.04
CA THR B 159 -7.69 -24.00 -38.16
C THR B 159 -8.72 -23.98 -39.28
N PHE B 160 -10.00 -24.00 -38.94
CA PHE B 160 -11.02 -23.91 -39.97
C PHE B 160 -10.93 -22.58 -40.70
N GLY B 161 -10.57 -21.51 -40.00
CA GLY B 161 -10.36 -20.23 -40.66
C GLY B 161 -9.25 -20.30 -41.69
N ILE B 162 -8.11 -20.88 -41.30
CA ILE B 162 -7.01 -21.03 -42.26
C ILE B 162 -7.47 -21.85 -43.46
N PHE B 163 -8.13 -22.98 -43.19
CA PHE B 163 -8.56 -23.87 -44.27
C PHE B 163 -9.54 -23.16 -45.19
N VAL B 164 -10.46 -22.36 -44.63
CA VAL B 164 -11.43 -21.64 -45.45
C VAL B 164 -10.73 -20.61 -46.32
N ALA B 165 -9.75 -19.90 -45.75
CA ALA B 165 -9.00 -18.94 -46.54
C ALA B 165 -8.31 -19.63 -47.71
N VAL B 166 -7.76 -20.82 -47.48
CA VAL B 166 -7.10 -21.53 -48.58
C VAL B 166 -8.13 -22.02 -49.61
N MET B 167 -9.32 -22.42 -49.14
CA MET B 167 -10.32 -22.96 -50.06
C MET B 167 -10.92 -21.87 -50.93
N LEU B 168 -11.09 -20.65 -50.41
CA LEU B 168 -11.66 -19.58 -51.24
C LEU B 168 -10.69 -19.16 -52.33
N GLY B 169 -9.37 -19.21 -52.07
CA GLY B 169 -8.41 -18.85 -53.07
C GLY B 169 -8.42 -19.75 -54.29
N LEU B 170 -8.95 -20.97 -54.15
CA LEU B 170 -9.05 -21.87 -55.29
C LEU B 170 -10.20 -21.52 -56.20
N ALA B 171 -11.17 -20.73 -55.73
CA ALA B 171 -12.13 -20.12 -56.63
C ALA B 171 -11.45 -19.18 -57.62
N MET B 172 -10.22 -18.78 -57.32
CA MET B 172 -9.45 -17.89 -58.17
C MET B 172 -8.69 -18.70 -59.21
N GLY B 173 -7.87 -18.01 -60.01
CA GLY B 173 -7.19 -18.62 -61.14
C GLY B 173 -5.94 -19.42 -60.81
N GLU B 174 -5.57 -19.52 -59.53
CA GLU B 174 -4.48 -20.39 -59.10
C GLU B 174 -3.13 -19.95 -59.68
N GLY B 175 -2.95 -18.66 -59.95
CA GLY B 175 -1.65 -18.15 -60.29
C GLY B 175 -1.63 -17.01 -61.29
N PRO B 176 -0.82 -15.97 -61.02
CA PRO B 176 -0.51 -15.00 -62.06
C PRO B 176 0.87 -15.26 -62.64
N LYS B 177 0.97 -15.39 -63.97
CA LYS B 177 2.24 -15.76 -64.58
C LYS B 177 3.34 -14.79 -64.16
N ALA B 178 4.45 -15.35 -63.67
CA ALA B 178 5.54 -14.52 -63.15
C ALA B 178 6.39 -13.95 -64.27
N ASP B 179 6.82 -14.79 -65.20
CA ASP B 179 7.57 -14.29 -66.36
C ASP B 179 6.69 -13.44 -67.25
N SER B 180 5.37 -13.52 -67.11
CA SER B 180 4.46 -12.85 -68.02
C SER B 180 4.45 -11.35 -67.78
N THR B 181 4.01 -10.62 -68.81
CA THR B 181 3.69 -9.20 -68.71
C THR B 181 2.18 -8.98 -68.71
N GLU B 182 1.42 -10.02 -68.42
CA GLU B 182 -0.05 -10.04 -68.49
C GLU B 182 -0.64 -9.39 -67.25
N PRO B 183 -1.55 -8.42 -67.39
CA PRO B 183 -2.22 -7.88 -66.22
C PRO B 183 -3.15 -8.91 -65.59
N LEU B 184 -3.44 -8.69 -64.31
CA LEU B 184 -4.29 -9.63 -63.57
C LEU B 184 -5.72 -9.59 -64.10
N THR B 185 -6.42 -10.70 -63.90
CA THR B 185 -7.81 -10.80 -64.32
C THR B 185 -8.69 -9.93 -63.44
N SER B 186 -9.75 -9.38 -64.04
CA SER B 186 -10.73 -8.61 -63.26
C SER B 186 -11.23 -9.42 -62.07
N PHE B 187 -11.56 -10.70 -62.30
CA PHE B 187 -12.00 -11.53 -61.19
C PHE B 187 -10.91 -11.70 -60.15
N ALA B 188 -9.64 -11.76 -60.57
CA ALA B 188 -8.56 -11.79 -59.58
C ALA B 188 -8.54 -10.51 -58.77
N LYS B 189 -8.43 -9.37 -59.46
CA LYS B 189 -8.41 -8.06 -58.83
C LYS B 189 -9.60 -7.85 -57.92
N LEU B 190 -10.70 -8.57 -58.14
CA LEU B 190 -11.87 -8.46 -57.28
C LEU B 190 -11.84 -9.46 -56.14
N TRP B 191 -11.59 -10.74 -56.44
CA TRP B 191 -11.73 -11.79 -55.46
C TRP B 191 -10.67 -11.68 -54.36
N TRP B 192 -9.50 -11.11 -54.66
CA TRP B 192 -8.54 -10.96 -53.56
C TRP B 192 -9.05 -9.93 -52.54
N ARG B 193 -9.64 -8.83 -53.02
CA ARG B 193 -10.26 -7.86 -52.13
C ARG B 193 -11.49 -8.44 -51.43
N LEU B 194 -12.27 -9.25 -52.15
CA LEU B 194 -13.44 -9.90 -51.55
C LEU B 194 -13.03 -10.87 -50.45
N MET B 195 -11.96 -11.63 -50.67
CA MET B 195 -11.43 -12.50 -49.64
C MET B 195 -11.00 -11.70 -48.42
N PHE B 196 -10.38 -10.54 -48.65
CA PHE B 196 -10.05 -9.67 -47.53
C PHE B 196 -11.30 -9.19 -46.79
N LEU B 197 -12.41 -8.99 -47.52
CA LEU B 197 -13.60 -8.38 -46.93
C LEU B 197 -14.53 -9.38 -46.25
N PHE B 198 -14.57 -10.62 -46.71
CA PHE B 198 -15.33 -11.70 -46.09
C PHE B 198 -15.35 -11.66 -44.55
N PRO B 199 -14.21 -11.44 -43.88
CA PRO B 199 -14.25 -11.32 -42.41
C PRO B 199 -15.11 -10.19 -41.89
N SER B 200 -15.46 -9.19 -42.71
CA SER B 200 -16.45 -8.19 -42.27
C SER B 200 -17.80 -8.86 -42.05
N VAL B 201 -18.25 -9.65 -43.03
CA VAL B 201 -19.47 -10.44 -42.86
C VAL B 201 -19.37 -11.29 -41.61
N ILE B 202 -18.25 -12.00 -41.46
CA ILE B 202 -18.12 -12.90 -40.31
C ILE B 202 -18.18 -12.12 -38.99
N SER B 203 -17.56 -10.94 -38.96
CA SER B 203 -17.62 -10.10 -37.77
C SER B 203 -19.06 -9.72 -37.45
N LEU B 204 -19.82 -9.30 -38.46
CA LEU B 204 -21.22 -8.96 -38.23
C LEU B 204 -21.99 -10.15 -37.68
N ILE B 205 -21.67 -11.36 -38.17
CA ILE B 205 -22.34 -12.55 -37.67
C ILE B 205 -22.05 -12.76 -36.19
N GLY B 206 -20.78 -12.58 -35.81
CA GLY B 206 -20.42 -12.68 -34.40
C GLY B 206 -21.13 -11.64 -33.55
N ILE B 207 -21.22 -10.40 -34.04
CA ILE B 207 -21.91 -9.36 -33.30
C ILE B 207 -23.38 -9.71 -33.11
N LEU B 208 -24.02 -10.17 -34.19
CA LEU B 208 -25.41 -10.60 -34.11
C LEU B 208 -25.58 -11.66 -33.03
N ALA B 209 -24.73 -12.69 -33.05
CA ALA B 209 -24.87 -13.77 -32.08
C ALA B 209 -24.66 -13.26 -30.66
N LEU B 210 -23.71 -12.35 -30.46
CA LEU B 210 -23.48 -11.83 -29.11
C LEU B 210 -24.66 -11.00 -28.63
N VAL B 211 -25.21 -10.13 -29.48
CA VAL B 211 -26.21 -9.17 -29.02
C VAL B 211 -27.62 -9.76 -28.99
N VAL B 212 -27.88 -10.82 -29.75
CA VAL B 212 -29.23 -11.35 -29.87
C VAL B 212 -29.48 -12.47 -28.86
N PHE B 213 -28.61 -13.49 -28.86
CA PHE B 213 -28.82 -14.69 -28.05
C PHE B 213 -27.95 -14.72 -26.80
N PHE B 214 -26.65 -14.47 -26.96
CA PHE B 214 -25.68 -14.70 -25.89
C PHE B 214 -25.26 -13.37 -25.28
N LYS B 215 -26.20 -12.79 -24.53
CA LYS B 215 -26.00 -11.46 -23.96
C LYS B 215 -25.19 -11.49 -22.66
N GLU B 216 -25.27 -12.59 -21.91
CA GLU B 216 -24.63 -12.63 -20.60
C GLU B 216 -23.10 -12.65 -20.74
N GLU B 217 -22.44 -12.13 -19.72
CA GLU B 217 -20.99 -12.25 -19.60
C GLU B 217 -20.66 -13.50 -18.78
N THR B 218 -19.37 -13.74 -18.58
CA THR B 218 -18.95 -14.96 -17.90
C THR B 218 -19.33 -14.87 -16.41
N PRO B 219 -19.83 -15.96 -15.83
CA PRO B 219 -20.17 -15.93 -14.39
C PRO B 219 -19.02 -15.47 -13.52
N TYR B 220 -17.80 -15.95 -13.79
CA TYR B 220 -16.63 -15.55 -13.02
C TYR B 220 -16.53 -14.03 -12.94
N PHE B 221 -16.58 -13.36 -14.10
CA PHE B 221 -16.41 -11.92 -14.13
C PHE B 221 -17.54 -11.21 -13.39
N LEU B 222 -18.78 -11.59 -13.69
CA LEU B 222 -19.91 -10.92 -13.04
C LEU B 222 -19.82 -11.04 -11.53
N PHE B 223 -19.58 -12.25 -11.01
CA PHE B 223 -19.37 -12.39 -9.58
C PHE B 223 -18.21 -11.53 -9.10
N GLU B 224 -17.17 -11.41 -9.93
CA GLU B 224 -15.99 -10.64 -9.54
C GLU B 224 -16.25 -9.15 -9.48
N LYS B 225 -17.29 -8.66 -10.19
CA LYS B 225 -17.59 -7.23 -10.24
C LYS B 225 -18.85 -6.87 -9.46
N GLY B 226 -19.28 -7.73 -8.53
CA GLY B 226 -20.32 -7.38 -7.59
C GLY B 226 -21.71 -7.84 -7.98
N ARG B 227 -21.97 -8.09 -9.27
CA ARG B 227 -23.29 -8.53 -9.72
C ARG B 227 -23.40 -10.03 -9.46
N ILE B 228 -23.73 -10.37 -8.21
CA ILE B 228 -23.71 -11.77 -7.80
C ILE B 228 -24.87 -12.54 -8.44
N GLU B 229 -26.03 -11.90 -8.56
CA GLU B 229 -27.18 -12.62 -9.09
C GLU B 229 -27.10 -12.81 -10.60
N GLU B 230 -26.48 -11.87 -11.32
CA GLU B 230 -26.22 -12.12 -12.75
C GLU B 230 -25.25 -13.28 -12.91
N SER B 231 -24.27 -13.39 -12.00
CA SER B 231 -23.42 -14.56 -11.96
C SER B 231 -24.25 -15.83 -11.78
N LYS B 232 -25.12 -15.84 -10.75
CA LYS B 232 -25.99 -16.98 -10.54
C LYS B 232 -26.78 -17.31 -11.81
N ASN B 233 -27.31 -16.29 -12.49
CA ASN B 233 -28.15 -16.53 -13.65
C ASN B 233 -27.36 -17.17 -14.78
N ILE B 234 -26.25 -16.55 -15.19
CA ILE B 234 -25.54 -17.08 -16.35
C ILE B 234 -24.85 -18.40 -16.03
N LEU B 235 -24.48 -18.63 -14.76
CA LEU B 235 -23.92 -19.93 -14.40
C LEU B 235 -25.00 -21.00 -14.43
N LYS B 236 -26.20 -20.70 -13.89
CA LYS B 236 -27.34 -21.58 -14.04
C LYS B 236 -27.64 -21.85 -15.52
N LYS B 237 -27.33 -20.89 -16.40
CA LYS B 237 -27.64 -21.09 -17.81
C LYS B 237 -26.58 -21.94 -18.51
N ILE B 238 -25.30 -21.77 -18.17
CA ILE B 238 -24.30 -22.63 -18.82
C ILE B 238 -24.37 -24.05 -18.25
N TYR B 239 -24.81 -24.20 -17.00
CA TYR B 239 -24.91 -25.52 -16.38
C TYR B 239 -26.28 -26.16 -16.53
N GLU B 240 -27.28 -25.41 -16.99
CA GLU B 240 -28.60 -25.96 -17.32
C GLU B 240 -29.26 -26.57 -16.09
N THR B 241 -29.25 -25.82 -15.00
CA THR B 241 -29.87 -26.29 -13.77
C THR B 241 -29.99 -25.13 -12.79
N ASP B 242 -31.02 -25.20 -11.94
CA ASP B 242 -31.18 -24.22 -10.87
C ASP B 242 -30.22 -24.47 -9.72
N ASN B 243 -29.61 -25.66 -9.65
CA ASN B 243 -28.72 -26.04 -8.56
C ASN B 243 -27.28 -25.86 -9.03
N VAL B 244 -26.69 -24.72 -8.67
CA VAL B 244 -25.31 -24.42 -9.08
C VAL B 244 -24.50 -23.91 -7.90
N ASP B 245 -24.47 -24.68 -6.81
CA ASP B 245 -23.70 -24.26 -5.64
C ASP B 245 -22.20 -24.38 -5.86
N GLU B 246 -21.75 -25.56 -6.30
CA GLU B 246 -20.31 -25.80 -6.37
C GLU B 246 -19.58 -24.86 -7.33
N PRO B 247 -20.10 -24.54 -8.52
CA PRO B 247 -19.39 -23.57 -9.35
C PRO B 247 -19.37 -22.18 -8.76
N LEU B 248 -20.46 -21.75 -8.09
CA LEU B 248 -20.36 -20.48 -7.38
C LEU B 248 -19.36 -20.55 -6.23
N ASN B 249 -19.13 -21.73 -5.65
CA ASN B 249 -18.09 -21.81 -4.63
C ASN B 249 -16.71 -21.63 -5.24
N ALA B 250 -16.46 -22.30 -6.38
CA ALA B 250 -15.24 -22.05 -7.13
C ALA B 250 -15.06 -20.56 -7.37
N ILE B 251 -16.08 -19.91 -7.94
CA ILE B 251 -15.98 -18.50 -8.32
C ILE B 251 -15.87 -17.61 -7.08
N LYS B 252 -16.64 -17.91 -6.03
CA LYS B 252 -16.69 -17.10 -4.83
C LYS B 252 -15.35 -17.12 -4.11
N GLU B 253 -14.70 -18.29 -4.05
CA GLU B 253 -13.39 -18.38 -3.42
C GLU B 253 -12.32 -17.75 -4.31
N ALA B 254 -12.36 -18.00 -5.62
CA ALA B 254 -11.39 -17.36 -6.52
C ALA B 254 -11.50 -15.85 -6.47
N VAL B 255 -12.71 -15.32 -6.30
CA VAL B 255 -12.92 -13.87 -6.28
C VAL B 255 -12.54 -13.29 -4.93
N GLU B 256 -12.84 -14.01 -3.84
CA GLU B 256 -12.29 -13.63 -2.55
C GLU B 256 -10.77 -13.54 -2.63
N GLN B 257 -10.15 -14.46 -3.37
CA GLN B 257 -8.70 -14.43 -3.56
C GLN B 257 -8.28 -13.21 -4.38
N ASN B 258 -9.01 -12.92 -5.45
CA ASN B 258 -8.70 -11.73 -6.24
C ASN B 258 -8.70 -10.48 -5.37
N GLU B 259 -9.75 -10.30 -4.57
CA GLU B 259 -9.86 -9.07 -3.79
C GLU B 259 -8.90 -9.08 -2.61
N SER B 260 -8.57 -10.24 -2.06
CA SER B 260 -7.50 -10.30 -1.05
C SER B 260 -6.18 -9.85 -1.64
N ALA B 261 -5.83 -10.38 -2.82
CA ALA B 261 -4.58 -9.99 -3.47
C ALA B 261 -4.59 -8.50 -3.79
N LYS B 262 -5.71 -7.97 -4.28
CA LYS B 262 -5.78 -6.54 -4.58
C LYS B 262 -5.76 -5.69 -3.32
N LYS B 263 -6.15 -6.25 -2.17
CA LYS B 263 -5.96 -5.56 -0.91
C LYS B 263 -4.49 -5.53 -0.52
N ASN B 264 -3.76 -6.61 -0.79
CA ASN B 264 -2.32 -6.61 -0.58
C ASN B 264 -1.55 -5.94 -1.72
N SER B 265 -2.25 -5.45 -2.75
CA SER B 265 -1.61 -4.74 -3.85
C SER B 265 -0.70 -5.66 -4.65
N LEU B 266 -1.24 -6.80 -5.05
CA LEU B 266 -0.48 -7.80 -5.82
C LEU B 266 -0.75 -7.60 -7.32
N SER B 267 -0.20 -6.52 -7.86
CA SER B 267 -0.15 -6.37 -9.30
C SER B 267 0.74 -7.46 -9.89
N LEU B 268 0.70 -7.61 -11.23
CA LEU B 268 1.52 -8.63 -11.85
C LEU B 268 3.00 -8.38 -11.57
N LEU B 269 3.42 -7.11 -11.55
CA LEU B 269 4.81 -6.81 -11.25
C LEU B 269 5.15 -7.16 -9.81
N SER B 270 4.24 -6.88 -8.87
CA SER B 270 4.50 -7.20 -7.47
C SER B 270 4.58 -8.70 -7.27
N ALA B 271 3.78 -9.47 -8.00
CA ALA B 271 3.86 -10.93 -7.90
C ALA B 271 5.18 -11.45 -8.45
N LEU B 272 5.79 -10.73 -9.40
CA LEU B 272 7.07 -11.16 -9.94
C LEU B 272 8.19 -11.01 -8.91
N LYS B 273 8.03 -10.08 -7.97
CA LYS B 273 8.92 -10.00 -6.82
C LYS B 273 8.62 -11.06 -5.78
N ILE B 274 7.60 -11.89 -6.01
CA ILE B 274 7.24 -13.01 -5.14
C ILE B 274 7.65 -14.29 -5.87
N PRO B 275 8.50 -15.14 -5.29
CA PRO B 275 8.97 -16.32 -6.03
C PRO B 275 7.85 -17.28 -6.41
N SER B 276 6.91 -17.52 -5.50
CA SER B 276 5.85 -18.50 -5.74
C SER B 276 5.08 -18.16 -7.01
N TYR B 277 4.70 -16.89 -7.18
CA TYR B 277 3.97 -16.50 -8.38
C TYR B 277 4.90 -16.46 -9.59
N ARG B 278 6.15 -16.04 -9.38
CA ARG B 278 7.08 -15.89 -10.49
C ARG B 278 7.35 -17.22 -11.17
N TYR B 279 7.39 -18.32 -10.41
CA TYR B 279 7.63 -19.63 -11.00
C TYR B 279 6.53 -20.02 -11.97
N VAL B 280 5.27 -19.94 -11.51
CA VAL B 280 4.14 -20.29 -12.38
C VAL B 280 4.07 -19.34 -13.57
N ILE B 281 4.40 -18.06 -13.36
CA ILE B 281 4.35 -17.08 -14.44
C ILE B 281 5.36 -17.44 -15.52
N ILE B 282 6.62 -17.69 -15.12
CA ILE B 282 7.66 -17.95 -16.11
C ILE B 282 7.46 -19.30 -16.77
N LEU B 283 6.89 -20.27 -16.05
CA LEU B 283 6.52 -21.52 -16.70
C LEU B 283 5.54 -21.27 -17.84
N GLY B 284 4.51 -20.46 -17.58
CA GLY B 284 3.59 -20.13 -18.65
C GLY B 284 4.28 -19.41 -19.80
N CYS B 285 5.11 -18.43 -19.47
CA CYS B 285 5.83 -17.70 -20.51
C CYS B 285 6.62 -18.63 -21.40
N LEU B 286 7.31 -19.61 -20.81
CA LEU B 286 8.18 -20.48 -21.59
C LEU B 286 7.39 -21.52 -22.37
N LEU B 287 6.35 -22.09 -21.76
CA LEU B 287 5.49 -23.02 -22.51
C LEU B 287 4.85 -22.33 -23.70
N SER B 288 4.51 -21.05 -23.57
CA SER B 288 3.88 -20.34 -24.68
C SER B 288 4.90 -19.91 -25.73
N GLY B 289 6.09 -19.51 -25.30
CA GLY B 289 7.11 -19.13 -26.26
C GLY B 289 7.68 -20.29 -27.04
N LEU B 290 7.62 -21.50 -26.47
CA LEU B 290 8.15 -22.68 -27.15
C LEU B 290 7.24 -23.21 -28.23
N GLN B 291 5.97 -22.80 -28.26
CA GLN B 291 5.07 -23.29 -29.31
C GLN B 291 5.55 -22.87 -30.69
N GLN B 292 6.30 -21.78 -30.77
CA GLN B 292 6.81 -21.29 -32.05
C GLN B 292 8.14 -21.94 -32.45
N PHE B 293 8.82 -22.61 -31.53
CA PHE B 293 10.04 -23.32 -31.88
C PHE B 293 9.78 -24.62 -32.62
N THR B 294 8.51 -24.93 -32.91
CA THR B 294 8.18 -25.95 -33.88
C THR B 294 8.35 -25.46 -35.31
N GLY B 295 8.52 -24.16 -35.50
CA GLY B 295 8.50 -23.59 -36.83
C GLY B 295 7.13 -23.60 -37.48
N ILE B 296 6.07 -23.67 -36.68
CA ILE B 296 4.73 -23.79 -37.25
C ILE B 296 4.44 -22.60 -38.15
N ASN B 297 4.79 -21.39 -37.70
CA ASN B 297 4.58 -20.21 -38.54
C ASN B 297 5.69 -20.03 -39.57
N VAL B 298 6.80 -20.76 -39.46
CA VAL B 298 7.71 -20.89 -40.59
C VAL B 298 6.99 -21.57 -41.74
N LEU B 299 6.11 -22.52 -41.42
CA LEU B 299 5.33 -23.21 -42.43
C LEU B 299 4.08 -22.42 -42.83
N VAL B 300 3.49 -21.70 -41.88
CA VAL B 300 2.27 -20.93 -42.18
C VAL B 300 2.61 -19.71 -43.02
N SER B 301 3.67 -19.00 -42.67
CA SER B 301 4.05 -17.79 -43.40
C SER B 301 4.69 -18.13 -44.74
N ASN B 302 5.62 -19.09 -44.74
CA ASN B 302 6.35 -19.46 -45.94
C ASN B 302 5.94 -20.83 -46.46
N SER B 303 4.66 -21.19 -46.32
CA SER B 303 4.17 -22.44 -46.90
C SER B 303 4.58 -22.56 -48.37
N ASN B 304 4.65 -21.42 -49.08
CA ASN B 304 5.08 -21.43 -50.46
C ASN B 304 6.61 -21.36 -50.57
N GLU B 305 7.23 -20.44 -49.83
CA GLU B 305 8.65 -20.18 -50.01
C GLU B 305 9.51 -21.41 -49.76
N LEU B 306 9.05 -22.32 -48.89
CA LEU B 306 9.86 -23.49 -48.56
C LEU B 306 9.96 -24.44 -49.74
N TYR B 307 8.82 -24.82 -50.32
CA TYR B 307 8.75 -25.84 -51.36
C TYR B 307 8.98 -25.26 -52.75
N LYS B 308 9.31 -23.97 -52.84
CA LYS B 308 9.53 -23.32 -54.11
C LYS B 308 10.76 -23.83 -54.84
N GLU B 309 11.67 -24.52 -54.14
CA GLU B 309 12.86 -25.05 -54.79
C GLU B 309 12.53 -26.25 -55.66
N PHE B 310 11.57 -27.08 -55.26
CA PHE B 310 11.39 -28.40 -55.86
C PHE B 310 9.94 -28.74 -56.12
N LEU B 311 9.10 -27.75 -56.43
CA LEU B 311 7.71 -28.05 -56.74
C LEU B 311 7.11 -26.91 -57.55
N ASP B 312 6.09 -27.25 -58.34
CA ASP B 312 5.42 -26.31 -59.23
C ASP B 312 4.12 -25.81 -58.59
N SER B 313 3.38 -25.00 -59.36
CA SER B 313 2.24 -24.29 -58.78
C SER B 313 1.10 -25.23 -58.44
N HIS B 314 0.75 -26.14 -59.37
CA HIS B 314 -0.43 -26.98 -59.16
C HIS B 314 -0.26 -27.89 -57.95
N LEU B 315 0.88 -28.58 -57.87
CA LEU B 315 1.13 -29.45 -56.73
C LEU B 315 1.17 -28.67 -55.43
N ILE B 316 1.67 -27.43 -55.45
CA ILE B 316 1.71 -26.65 -54.22
C ILE B 316 0.31 -26.20 -53.82
N THR B 317 -0.55 -25.90 -54.81
CA THR B 317 -1.95 -25.62 -54.49
C THR B 317 -2.58 -26.81 -53.78
N ILE B 318 -2.46 -27.99 -54.37
CA ILE B 318 -3.06 -29.17 -53.76
C ILE B 318 -2.43 -29.45 -52.40
N LEU B 319 -1.10 -29.27 -52.30
CA LEU B 319 -0.40 -29.48 -51.05
C LEU B 319 -0.94 -28.56 -49.97
N SER B 320 -1.03 -27.26 -50.26
CA SER B 320 -1.58 -26.31 -49.29
C SER B 320 -2.97 -26.74 -48.86
N VAL B 321 -3.81 -27.15 -49.83
CA VAL B 321 -5.18 -27.51 -49.48
C VAL B 321 -5.20 -28.69 -48.51
N VAL B 322 -4.55 -29.79 -48.88
CA VAL B 322 -4.63 -30.98 -48.03
C VAL B 322 -3.88 -30.75 -46.72
N MET B 323 -2.81 -29.95 -46.75
CA MET B 323 -2.07 -29.63 -45.53
C MET B 323 -2.97 -28.90 -44.53
N THR B 324 -3.61 -27.83 -44.98
CA THR B 324 -4.49 -27.08 -44.10
C THR B 324 -5.70 -27.90 -43.69
N ALA B 325 -6.23 -28.73 -44.59
CA ALA B 325 -7.39 -29.56 -44.26
C ALA B 325 -7.03 -30.64 -43.24
N VAL B 326 -5.85 -31.24 -43.38
CA VAL B 326 -5.36 -32.18 -42.39
C VAL B 326 -5.15 -31.49 -41.05
N ASN B 327 -4.60 -30.27 -41.09
CA ASN B 327 -4.49 -29.46 -39.89
C ASN B 327 -5.85 -29.30 -39.22
N PHE B 328 -6.89 -29.04 -40.02
CA PHE B 328 -8.22 -28.81 -39.46
C PHE B 328 -8.84 -30.10 -38.94
N LEU B 329 -8.57 -31.22 -39.58
CA LEU B 329 -9.17 -32.49 -39.18
C LEU B 329 -8.44 -33.14 -38.01
N MET B 330 -7.19 -32.78 -37.76
CA MET B 330 -6.44 -33.35 -36.64
C MET B 330 -6.64 -32.59 -35.35
N THR B 331 -7.38 -31.47 -35.37
CA THR B 331 -7.72 -30.79 -34.12
C THR B 331 -8.91 -31.47 -33.44
N PHE B 332 -9.78 -32.12 -34.20
CA PHE B 332 -10.92 -32.82 -33.61
C PHE B 332 -10.47 -33.85 -32.59
N PRO B 333 -9.58 -34.79 -32.90
CA PRO B 333 -9.15 -35.76 -31.87
C PRO B 333 -8.67 -35.11 -30.59
N ALA B 334 -8.00 -33.95 -30.70
CA ALA B 334 -7.54 -33.27 -29.50
C ALA B 334 -8.70 -32.96 -28.56
N ILE B 335 -9.90 -32.72 -29.09
CA ILE B 335 -11.05 -32.46 -28.24
C ILE B 335 -11.25 -33.59 -27.24
N TYR B 336 -11.13 -34.83 -27.71
CA TYR B 336 -11.34 -36.02 -26.88
C TYR B 336 -10.09 -36.38 -26.09
N ILE B 337 -8.91 -36.07 -26.65
CA ILE B 337 -7.64 -36.44 -26.02
C ILE B 337 -7.33 -35.53 -24.84
N VAL B 338 -7.45 -34.21 -25.04
CA VAL B 338 -7.11 -33.24 -23.99
C VAL B 338 -7.81 -33.58 -22.70
N GLU B 339 -9.05 -34.05 -22.79
CA GLU B 339 -9.82 -34.41 -21.60
C GLU B 339 -9.54 -35.85 -21.17
N LYS B 340 -9.55 -36.80 -22.10
CA LYS B 340 -9.39 -38.19 -21.72
C LYS B 340 -8.00 -38.46 -21.17
N LEU B 341 -6.96 -38.07 -21.90
CA LEU B 341 -5.59 -38.30 -21.48
C LEU B 341 -5.15 -37.28 -20.44
N GLY B 342 -5.21 -36.00 -20.79
CA GLY B 342 -4.65 -34.91 -20.00
C GLY B 342 -3.88 -33.99 -20.93
N ARG B 343 -3.52 -32.82 -20.38
CA ARG B 343 -2.79 -31.86 -21.23
C ARG B 343 -1.29 -32.18 -21.30
N LYS B 344 -0.67 -32.49 -20.16
CA LYS B 344 0.74 -32.89 -20.17
C LYS B 344 0.99 -34.05 -21.12
N THR B 345 0.11 -35.06 -21.09
CA THR B 345 0.25 -36.23 -21.94
C THR B 345 0.27 -35.84 -23.41
N LEU B 346 -0.77 -35.14 -23.86
CA LEU B 346 -0.89 -34.76 -25.27
C LEU B 346 0.26 -33.85 -25.68
N LEU B 347 0.71 -32.97 -24.77
CA LEU B 347 1.84 -32.09 -25.06
C LEU B 347 3.10 -32.90 -25.36
N LEU B 348 3.40 -33.88 -24.50
CA LEU B 348 4.61 -34.68 -24.71
C LEU B 348 4.51 -35.48 -25.99
N TRP B 349 3.33 -36.03 -26.28
CA TRP B 349 3.15 -36.73 -27.55
C TRP B 349 3.36 -35.80 -28.74
N GLY B 350 2.96 -34.53 -28.61
CA GLY B 350 3.25 -33.57 -29.67
C GLY B 350 4.74 -33.37 -29.87
N CYS B 351 5.49 -33.24 -28.77
CA CYS B 351 6.93 -33.17 -28.88
C CYS B 351 7.48 -34.36 -29.68
N VAL B 352 6.97 -35.57 -29.35
CA VAL B 352 7.45 -36.77 -30.04
C VAL B 352 7.18 -36.68 -31.53
N GLY B 353 5.96 -36.28 -31.89
CA GLY B 353 5.63 -36.16 -33.30
C GLY B 353 6.54 -35.17 -34.04
N VAL B 354 6.79 -34.02 -33.41
CA VAL B 354 7.61 -33.01 -34.09
C VAL B 354 9.04 -33.50 -34.25
N LEU B 355 9.56 -34.25 -33.27
CA LEU B 355 10.90 -34.81 -33.44
C LEU B 355 10.92 -35.84 -34.55
N VAL B 356 9.91 -36.72 -34.58
CA VAL B 356 9.77 -37.69 -35.67
C VAL B 356 9.84 -36.97 -37.02
N ALA B 357 9.23 -35.79 -37.10
CA ALA B 357 9.24 -35.05 -38.35
C ALA B 357 10.63 -34.50 -38.66
N TYR B 358 11.22 -33.79 -37.70
CA TYR B 358 12.38 -32.97 -38.02
C TYR B 358 13.67 -33.77 -38.11
N LEU B 359 13.93 -34.68 -37.18
CA LEU B 359 15.23 -35.35 -37.17
C LEU B 359 15.56 -35.99 -38.51
N PRO B 360 14.66 -36.74 -39.16
CA PRO B 360 15.02 -37.33 -40.46
C PRO B 360 15.23 -36.33 -41.57
N THR B 361 14.50 -35.21 -41.59
CA THR B 361 14.77 -34.21 -42.62
C THR B 361 16.15 -33.59 -42.42
N ALA B 362 16.53 -33.31 -41.17
CA ALA B 362 17.88 -32.87 -40.88
C ALA B 362 18.90 -33.88 -41.40
N ILE B 363 18.71 -35.16 -41.06
CA ILE B 363 19.67 -36.18 -41.46
C ILE B 363 19.76 -36.26 -42.98
N ALA B 364 18.61 -36.31 -43.65
CA ALA B 364 18.59 -36.48 -45.10
C ALA B 364 19.21 -35.29 -45.80
N ASN B 365 18.90 -34.07 -45.36
CA ASN B 365 19.52 -32.88 -45.94
C ASN B 365 21.02 -32.90 -45.72
N GLU B 366 21.46 -33.32 -44.54
CA GLU B 366 22.89 -33.47 -44.30
C GLU B 366 23.50 -34.47 -45.26
N ILE B 367 22.75 -35.53 -45.59
CA ILE B 367 23.24 -36.50 -46.58
C ILE B 367 23.33 -35.85 -47.96
N ASN B 368 22.22 -35.26 -48.43
CA ASN B 368 22.13 -34.83 -49.83
C ASN B 368 20.95 -33.88 -49.97
N ARG B 369 21.22 -32.59 -49.79
CA ARG B 369 20.18 -31.58 -49.90
C ARG B 369 19.40 -31.71 -51.20
N ASN B 370 20.09 -32.02 -52.30
CA ASN B 370 19.49 -32.05 -53.63
C ASN B 370 18.86 -33.40 -53.96
N SER B 371 18.64 -34.26 -52.97
CA SER B 371 18.13 -35.59 -53.22
C SER B 371 16.62 -35.57 -53.44
N ASN B 372 16.17 -36.40 -54.39
CA ASN B 372 14.73 -36.60 -54.58
C ASN B 372 14.10 -37.18 -53.32
N PHE B 373 14.77 -38.17 -52.71
CA PHE B 373 14.29 -38.74 -51.45
C PHE B 373 14.14 -37.64 -50.41
N VAL B 374 15.04 -36.65 -50.42
CA VAL B 374 14.93 -35.54 -49.48
C VAL B 374 13.68 -34.72 -49.76
N LYS B 375 13.33 -34.52 -51.03
CA LYS B 375 12.16 -33.70 -51.34
C LYS B 375 10.87 -34.40 -50.92
N ILE B 376 10.75 -35.69 -51.27
CA ILE B 376 9.59 -36.47 -50.83
C ILE B 376 9.52 -36.48 -49.30
N LEU B 377 10.67 -36.69 -48.66
CA LEU B 377 10.74 -36.72 -47.21
C LEU B 377 10.37 -35.38 -46.60
N SER B 378 10.72 -34.28 -47.27
CA SER B 378 10.32 -32.95 -46.78
C SER B 378 8.80 -32.83 -46.79
N ILE B 379 8.18 -33.20 -47.92
CA ILE B 379 6.71 -33.16 -48.00
C ILE B 379 6.09 -33.93 -46.83
N VAL B 380 6.50 -35.19 -46.67
CA VAL B 380 5.81 -36.02 -45.69
C VAL B 380 6.19 -35.66 -44.25
N ALA B 381 7.42 -35.20 -44.02
CA ALA B 381 7.81 -34.75 -42.69
C ALA B 381 7.04 -33.50 -42.29
N THR B 382 6.80 -32.61 -43.25
CA THR B 382 5.90 -31.50 -43.01
C THR B 382 4.54 -32.00 -42.54
N PHE B 383 3.97 -32.96 -43.26
CA PHE B 383 2.68 -33.49 -42.83
C PHE B 383 2.75 -34.08 -41.42
N VAL B 384 3.87 -34.70 -41.06
CA VAL B 384 4.02 -35.23 -39.70
C VAL B 384 3.95 -34.08 -38.69
N MET B 385 4.74 -33.04 -38.92
CA MET B 385 4.71 -31.88 -38.02
C MET B 385 3.29 -31.37 -37.86
N ILE B 386 2.53 -31.34 -38.96
CA ILE B 386 1.17 -30.81 -38.90
C ILE B 386 0.26 -31.71 -38.07
N ILE B 387 0.27 -33.01 -38.38
CA ILE B 387 -0.63 -33.91 -37.66
C ILE B 387 -0.32 -33.88 -36.17
N SER B 388 0.95 -33.71 -35.81
CA SER B 388 1.30 -33.68 -34.39
C SER B 388 0.92 -32.34 -33.75
N PHE B 389 1.17 -31.23 -34.44
CA PHE B 389 0.86 -29.92 -33.89
C PHE B 389 -0.64 -29.72 -33.73
N ALA B 390 -1.42 -30.13 -34.73
CA ALA B 390 -2.85 -29.84 -34.73
C ALA B 390 -3.58 -30.61 -33.64
N VAL B 391 -3.09 -31.79 -33.28
CA VAL B 391 -3.79 -32.64 -32.31
C VAL B 391 -3.28 -32.45 -30.89
N SER B 392 -2.32 -31.54 -30.67
CA SER B 392 -1.71 -31.42 -29.35
C SER B 392 -1.41 -29.99 -28.94
N TYR B 393 -0.21 -29.51 -29.25
CA TYR B 393 0.24 -28.22 -28.70
C TYR B 393 -0.71 -27.10 -29.07
N GLY B 394 -1.16 -27.05 -30.31
CA GLY B 394 -2.07 -26.02 -30.76
C GLY B 394 -3.23 -25.82 -29.80
N PRO B 395 -4.11 -26.81 -29.71
CA PRO B 395 -5.24 -26.70 -28.76
C PRO B 395 -4.78 -26.56 -27.32
N VAL B 396 -3.84 -27.41 -26.91
CA VAL B 396 -3.57 -27.56 -25.49
C VAL B 396 -2.95 -26.32 -24.89
N LEU B 397 -2.22 -25.51 -25.67
CA LEU B 397 -1.59 -24.34 -25.08
C LEU B 397 -2.64 -23.33 -24.64
N TRP B 398 -3.60 -23.03 -25.52
CA TRP B 398 -4.65 -22.07 -25.16
C TRP B 398 -5.60 -22.65 -24.13
N ILE B 399 -5.75 -23.98 -24.09
CA ILE B 399 -6.50 -24.57 -22.98
C ILE B 399 -5.74 -24.39 -21.68
N TYR B 400 -4.44 -24.65 -21.70
CA TYR B 400 -3.62 -24.68 -20.50
C TYR B 400 -3.48 -23.30 -19.87
N LEU B 401 -3.19 -22.29 -20.69
CA LEU B 401 -2.79 -20.99 -20.16
C LEU B 401 -3.85 -20.39 -19.25
N HIS B 402 -5.13 -20.72 -19.47
CA HIS B 402 -6.23 -20.21 -18.67
C HIS B 402 -6.73 -21.23 -17.66
N GLU B 403 -5.86 -22.17 -17.28
CA GLU B 403 -6.11 -23.10 -16.18
C GLU B 403 -4.92 -23.24 -15.25
N MET B 404 -3.74 -22.77 -15.65
CA MET B 404 -2.50 -22.97 -14.90
C MET B 404 -2.23 -21.84 -13.92
N PHE B 405 -3.05 -20.79 -13.90
CA PHE B 405 -2.73 -19.59 -13.15
C PHE B 405 -3.67 -19.40 -11.98
N PRO B 406 -3.16 -18.95 -10.83
CA PRO B 406 -4.06 -18.60 -9.73
C PRO B 406 -4.96 -17.44 -10.13
N SER B 407 -6.11 -17.36 -9.45
CA SER B 407 -7.12 -16.38 -9.84
C SER B 407 -6.59 -14.95 -9.73
N GLU B 408 -5.62 -14.71 -8.85
CA GLU B 408 -5.16 -13.34 -8.63
C GLU B 408 -4.37 -12.79 -9.81
N ILE B 409 -3.79 -13.65 -10.64
CA ILE B 409 -3.08 -13.19 -11.83
C ILE B 409 -3.48 -14.02 -13.03
N LYS B 410 -4.65 -14.64 -12.98
CA LYS B 410 -5.08 -15.51 -14.08
C LYS B 410 -5.12 -14.74 -15.39
N ASP B 411 -5.77 -13.58 -15.39
CA ASP B 411 -6.00 -12.85 -16.64
C ASP B 411 -4.73 -12.17 -17.14
N SER B 412 -3.99 -11.52 -16.24
CA SER B 412 -2.79 -10.80 -16.66
C SER B 412 -1.71 -11.75 -17.15
N ALA B 413 -1.45 -12.83 -16.40
CA ALA B 413 -0.42 -13.79 -16.79
C ALA B 413 -0.72 -14.41 -18.15
N ALA B 414 -2.00 -14.69 -18.42
CA ALA B 414 -2.37 -15.26 -19.71
C ALA B 414 -2.01 -14.31 -20.84
N SER B 415 -2.31 -13.02 -20.67
CA SER B 415 -1.98 -12.05 -21.71
C SER B 415 -0.47 -11.95 -21.90
N LEU B 416 0.29 -11.97 -20.80
CA LEU B 416 1.75 -11.93 -20.94
C LEU B 416 2.25 -13.14 -21.72
N ALA B 417 1.73 -14.33 -21.42
CA ALA B 417 2.19 -15.53 -22.11
C ALA B 417 1.82 -15.49 -23.59
N SER B 418 0.63 -14.99 -23.93
CA SER B 418 0.26 -14.88 -25.34
C SER B 418 1.16 -13.86 -26.06
N LEU B 419 1.47 -12.76 -25.39
CA LEU B 419 2.43 -11.82 -25.94
C LEU B 419 3.76 -12.51 -26.22
N VAL B 420 4.23 -13.34 -25.28
CA VAL B 420 5.47 -14.08 -25.51
C VAL B 420 5.33 -15.00 -26.71
N ASN B 421 4.14 -15.59 -26.89
CA ASN B 421 3.90 -16.42 -28.07
C ASN B 421 4.20 -15.65 -29.34
N TRP B 422 3.61 -14.47 -29.48
CA TRP B 422 3.81 -13.72 -30.72
C TRP B 422 5.23 -13.18 -30.83
N VAL B 423 5.85 -12.81 -29.72
CA VAL B 423 7.24 -12.34 -29.77
C VAL B 423 8.16 -13.46 -30.22
N CYS B 424 7.92 -14.69 -29.73
CA CYS B 424 8.72 -15.82 -30.18
C CYS B 424 8.41 -16.19 -31.62
N ALA B 425 7.19 -15.92 -32.08
CA ALA B 425 6.92 -16.03 -33.51
C ALA B 425 7.85 -15.12 -34.30
N ILE B 426 7.98 -13.87 -33.86
CA ILE B 426 8.96 -12.96 -34.46
C ILE B 426 10.35 -13.59 -34.42
N ILE B 427 10.73 -14.13 -33.26
CA ILE B 427 12.07 -14.67 -33.08
C ILE B 427 12.34 -15.80 -34.07
N VAL B 428 11.38 -16.69 -34.26
CA VAL B 428 11.62 -17.94 -34.99
C VAL B 428 11.39 -17.79 -36.48
N VAL B 429 10.23 -17.25 -36.88
CA VAL B 429 9.82 -17.34 -38.27
C VAL B 429 10.82 -16.63 -39.19
N PHE B 430 11.28 -15.45 -38.79
CA PHE B 430 12.02 -14.61 -39.72
C PHE B 430 13.45 -15.09 -39.93
N PRO B 431 14.14 -15.61 -38.90
CA PRO B 431 15.46 -16.23 -39.14
C PRO B 431 15.40 -17.62 -39.74
N SER B 432 14.34 -18.36 -39.43
CA SER B 432 14.22 -19.72 -39.96
C SER B 432 14.16 -19.70 -41.49
N ASP B 433 13.57 -18.67 -42.07
CA ASP B 433 13.51 -18.56 -43.52
C ASP B 433 14.83 -18.13 -44.14
N ILE B 434 15.77 -17.64 -43.32
CA ILE B 434 17.14 -17.44 -43.75
C ILE B 434 17.89 -18.77 -43.73
N ILE B 435 17.73 -19.51 -42.64
CA ILE B 435 18.55 -20.69 -42.43
C ILE B 435 18.07 -21.85 -43.30
N ILE B 436 16.76 -22.08 -43.38
CA ILE B 436 16.24 -23.11 -44.29
C ILE B 436 16.70 -22.82 -45.71
N LYS B 437 16.99 -21.56 -46.03
CA LYS B 437 17.57 -21.23 -47.32
C LYS B 437 19.04 -21.64 -47.37
N LYS B 438 19.77 -21.41 -46.27
CA LYS B 438 21.20 -21.69 -46.27
C LYS B 438 21.51 -23.16 -46.02
N SER B 439 21.18 -23.66 -44.83
CA SER B 439 21.51 -25.04 -44.44
C SER B 439 20.36 -25.62 -43.64
N PRO B 440 19.44 -26.32 -44.29
CA PRO B 440 18.29 -26.87 -43.55
C PRO B 440 18.69 -27.80 -42.43
N SER B 441 19.88 -28.42 -42.51
CA SER B 441 20.30 -29.35 -41.47
C SER B 441 20.44 -28.63 -40.14
N ILE B 442 21.07 -27.45 -40.13
CA ILE B 442 21.17 -26.64 -38.92
C ILE B 442 19.77 -26.38 -38.35
N LEU B 443 18.85 -25.95 -39.21
CA LEU B 443 17.51 -25.61 -38.77
C LEU B 443 16.80 -26.80 -38.14
N PHE B 444 16.81 -27.93 -38.84
CA PHE B 444 16.03 -29.08 -38.42
C PHE B 444 16.67 -29.82 -37.27
N ILE B 445 18.00 -29.75 -37.13
CA ILE B 445 18.63 -30.28 -35.93
C ILE B 445 18.33 -29.39 -34.73
N VAL B 446 18.26 -28.08 -34.94
CA VAL B 446 17.86 -27.20 -33.85
C VAL B 446 16.42 -27.49 -33.43
N PHE B 447 15.54 -27.74 -34.40
CA PHE B 447 14.15 -28.03 -34.06
C PHE B 447 14.02 -29.41 -33.40
N SER B 448 14.86 -30.38 -33.79
CA SER B 448 14.89 -31.67 -33.10
C SER B 448 15.34 -31.51 -31.65
N VAL B 449 16.44 -30.76 -31.45
CA VAL B 449 16.94 -30.53 -30.11
C VAL B 449 15.92 -29.76 -29.28
N MET B 450 15.19 -28.84 -29.93
CA MET B 450 14.15 -28.12 -29.22
C MET B 450 13.00 -29.03 -28.86
N SER B 451 12.66 -29.98 -29.74
CA SER B 451 11.64 -30.97 -29.41
C SER B 451 12.02 -31.73 -28.15
N ILE B 452 13.26 -32.22 -28.09
CA ILE B 452 13.69 -33.01 -26.93
C ILE B 452 13.80 -32.13 -25.68
N LEU B 453 14.37 -30.93 -25.83
CA LEU B 453 14.48 -30.00 -24.72
C LEU B 453 13.11 -29.67 -24.14
N THR B 454 12.18 -29.26 -25.02
CA THR B 454 10.81 -28.98 -24.61
C THR B 454 10.17 -30.20 -23.98
N PHE B 455 10.45 -31.40 -24.51
CA PHE B 455 9.92 -32.61 -23.90
C PHE B 455 10.34 -32.71 -22.45
N PHE B 456 11.64 -32.62 -22.19
CA PHE B 456 12.12 -32.79 -20.82
C PHE B 456 11.63 -31.66 -19.93
N PHE B 457 11.56 -30.44 -20.47
CA PHE B 457 11.03 -29.31 -19.72
C PHE B 457 9.59 -29.58 -19.28
N ILE B 458 8.73 -29.97 -20.22
CA ILE B 458 7.33 -30.24 -19.90
C ILE B 458 7.23 -31.42 -18.94
N PHE B 459 8.07 -32.43 -19.13
CA PHE B 459 8.00 -33.62 -18.28
C PHE B 459 8.35 -33.27 -16.84
N PHE B 460 9.40 -32.49 -16.63
CA PHE B 460 9.90 -32.24 -15.29
C PHE B 460 9.10 -31.14 -14.58
N PHE B 461 8.81 -30.04 -15.28
CA PHE B 461 8.26 -28.85 -14.65
C PHE B 461 6.75 -28.72 -14.82
N ILE B 462 6.22 -29.08 -15.98
CA ILE B 462 4.82 -28.82 -16.31
C ILE B 462 3.94 -29.88 -15.65
N LYS B 463 3.00 -29.44 -14.82
CA LYS B 463 2.07 -30.32 -14.13
C LYS B 463 0.72 -30.38 -14.86
N GLU B 464 -0.03 -31.44 -14.56
CA GLU B 464 -1.33 -31.63 -15.18
C GLU B 464 -2.32 -30.59 -14.68
N THR B 465 -3.24 -30.19 -15.56
CA THR B 465 -4.19 -29.12 -15.27
C THR B 465 -5.64 -29.50 -15.58
N LYS B 466 -5.93 -30.77 -15.87
CA LYS B 466 -7.28 -31.16 -16.24
C LYS B 466 -8.18 -31.20 -15.01
N GLY B 467 -9.40 -30.68 -15.17
CA GLY B 467 -10.45 -30.86 -14.20
C GLY B 467 -10.50 -29.83 -13.09
N GLY B 468 -9.55 -28.90 -13.05
CA GLY B 468 -9.52 -27.92 -11.98
C GLY B 468 -10.66 -26.92 -12.09
N GLU B 469 -11.14 -26.48 -10.93
CA GLU B 469 -12.12 -25.41 -10.88
C GLU B 469 -11.48 -24.10 -11.33
N ILE B 470 -12.31 -23.08 -11.51
CA ILE B 470 -11.83 -21.80 -12.02
C ILE B 470 -10.94 -21.13 -10.98
N GLY B 471 -9.78 -20.65 -11.42
CA GLY B 471 -8.91 -19.87 -10.55
C GLY B 471 -7.99 -20.68 -9.68
N THR B 472 -7.56 -21.86 -10.12
CA THR B 472 -6.66 -22.71 -9.36
C THR B 472 -5.39 -22.96 -10.16
N SER B 473 -4.33 -23.32 -9.44
CA SER B 473 -3.06 -23.68 -10.05
C SER B 473 -2.49 -24.90 -9.33
N PRO B 474 -1.92 -25.86 -10.06
CA PRO B 474 -1.17 -26.93 -9.39
C PRO B 474 0.18 -26.48 -8.87
N TYR B 475 0.59 -25.25 -9.19
CA TYR B 475 1.90 -24.74 -8.83
C TYR B 475 1.90 -23.99 -7.51
N ILE B 476 0.77 -23.41 -7.14
CA ILE B 476 0.63 -22.65 -5.91
C ILE B 476 -0.62 -23.17 -5.21
N THR B 477 -0.42 -23.93 -4.13
CA THR B 477 -1.55 -24.41 -3.35
C THR B 477 -2.33 -23.22 -2.81
N MET B 478 -3.41 -23.49 -2.06
CA MET B 478 -4.26 -22.40 -1.60
C MET B 478 -3.52 -21.51 -0.60
N GLU B 479 -2.87 -22.11 0.38
CA GLU B 479 -2.21 -21.32 1.43
C GLU B 479 -0.95 -20.63 0.91
N GLU B 480 -0.34 -21.14 -0.15
CA GLU B 480 0.84 -20.51 -0.74
C GLU B 480 0.49 -19.27 -1.55
N ARG B 481 -0.71 -18.72 -1.39
CA ARG B 481 -1.14 -17.63 -2.27
C ARG B 481 -2.03 -16.61 -1.57
N GLN B 482 -2.94 -17.04 -0.68
CA GLN B 482 -3.76 -16.05 0.02
C GLN B 482 -2.95 -15.30 1.07
N LYS B 483 -2.25 -16.01 1.95
CA LYS B 483 -1.52 -15.35 3.03
C LYS B 483 -0.39 -14.48 2.49
N HIS B 484 0.30 -14.95 1.45
CA HIS B 484 1.37 -14.16 0.87
C HIS B 484 0.81 -13.01 0.02
N MET B 485 -0.17 -13.30 -0.83
CA MET B 485 -0.80 -12.26 -1.63
C MET B 485 -1.75 -11.43 -0.76
N PHE C 8 17.05 33.47 43.35
CA PHE C 8 18.30 33.48 42.58
C PHE C 8 18.79 32.04 42.39
N PHE C 9 20.05 31.88 41.99
CA PHE C 9 20.63 30.55 41.75
C PHE C 9 20.98 29.86 43.07
N SER C 10 19.98 29.73 43.93
CA SER C 10 20.19 29.12 45.24
C SER C 10 20.42 27.62 45.09
N THR C 11 20.43 26.90 46.21
CA THR C 11 20.57 25.44 46.17
C THR C 11 19.30 24.78 45.64
N SER C 12 18.14 25.35 45.96
CA SER C 12 16.88 24.86 45.40
C SER C 12 16.92 24.87 43.88
N PHE C 13 17.56 25.89 43.30
CA PHE C 13 17.79 25.91 41.86
C PHE C 13 18.46 24.62 41.40
N LYS C 14 19.50 24.20 42.13
CA LYS C 14 20.24 23.00 41.75
C LYS C 14 19.35 21.76 41.83
N TYR C 15 18.61 21.61 42.93
CA TYR C 15 17.73 20.45 43.06
C TYR C 15 16.69 20.41 41.93
N VAL C 16 16.06 21.55 41.66
CA VAL C 16 15.01 21.58 40.65
C VAL C 16 15.59 21.30 39.27
N LEU C 17 16.80 21.77 38.98
CA LEU C 17 17.44 21.43 37.72
C LEU C 17 17.72 19.93 37.64
N SER C 18 18.10 19.33 38.76
CA SER C 18 18.29 17.88 38.81
C SER C 18 17.02 17.16 38.35
N ALA C 19 15.85 17.69 38.71
CA ALA C 19 14.60 17.10 38.19
C ALA C 19 14.28 17.54 36.75
N CYS C 20 14.71 18.74 36.37
CA CYS C 20 14.38 19.22 35.03
C CYS C 20 15.19 18.52 33.95
N ILE C 21 16.23 17.78 34.31
CA ILE C 21 16.84 16.87 33.34
C ILE C 21 15.80 15.87 32.84
N ALA C 22 15.04 15.27 33.77
CA ALA C 22 13.94 14.40 33.38
C ALA C 22 12.88 15.16 32.61
N SER C 23 12.61 16.40 33.03
CA SER C 23 11.71 17.24 32.24
C SER C 23 12.17 17.32 30.77
N PHE C 24 13.48 17.48 30.56
CA PHE C 24 14.01 17.54 29.21
C PHE C 24 13.79 16.21 28.49
N ILE C 25 13.97 15.10 29.19
CA ILE C 25 13.68 13.80 28.58
C ILE C 25 12.25 13.79 28.04
N PHE C 26 11.30 14.20 28.88
CA PHE C 26 9.90 14.38 28.49
C PHE C 26 9.82 15.08 27.14
N GLY C 27 10.25 16.35 27.12
CA GLY C 27 10.08 17.15 25.92
C GLY C 27 10.72 16.53 24.69
N TYR C 28 11.96 16.04 24.84
CA TYR C 28 12.68 15.48 23.71
C TYR C 28 11.94 14.28 23.14
N GLN C 29 11.56 13.33 24.00
CA GLN C 29 10.76 12.20 23.54
C GLN C 29 9.51 12.67 22.83
N VAL C 30 8.97 13.83 23.24
CA VAL C 30 7.76 14.33 22.58
C VAL C 30 8.06 14.71 21.13
N SER C 31 9.10 15.52 20.92
CA SER C 31 9.27 16.10 19.58
C SER C 31 10.11 15.27 18.63
N VAL C 32 10.97 14.37 19.13
CA VAL C 32 11.98 13.75 18.27
C VAL C 32 11.35 12.90 17.19
N LEU C 33 10.15 12.36 17.43
CA LEU C 33 9.50 11.53 16.43
C LEU C 33 9.15 12.33 15.18
N ASN C 34 8.46 13.47 15.36
CA ASN C 34 7.98 14.25 14.23
C ASN C 34 9.11 14.89 13.44
N THR C 35 10.32 14.95 14.00
CA THR C 35 11.42 15.60 13.32
C THR C 35 11.92 14.80 12.12
N ILE C 36 11.78 13.48 12.17
CA ILE C 36 12.47 12.60 11.23
C ILE C 36 11.54 11.49 10.73
N LYS C 37 10.23 11.70 10.86
CA LYS C 37 9.30 10.63 10.49
C LYS C 37 9.46 10.26 9.02
N ASN C 38 9.71 11.24 8.15
CA ASN C 38 9.94 10.97 6.74
C ASN C 38 10.91 9.80 6.57
N PHE C 39 12.05 9.88 7.26
CA PHE C 39 13.11 8.91 7.06
C PHE C 39 12.67 7.52 7.47
N ILE C 40 11.88 7.41 8.54
CA ILE C 40 11.43 6.08 8.97
C ILE C 40 10.35 5.56 8.04
N VAL C 41 9.48 6.44 7.55
CA VAL C 41 8.49 6.03 6.55
C VAL C 41 9.19 5.46 5.33
N VAL C 42 10.37 5.97 4.99
CA VAL C 42 11.09 5.46 3.84
C VAL C 42 11.85 4.19 4.18
N GLU C 43 12.62 4.20 5.28
CA GLU C 43 13.44 3.04 5.63
C GLU C 43 12.57 1.81 5.87
N PHE C 44 11.55 1.95 6.72
CA PHE C 44 10.67 0.83 7.01
C PHE C 44 9.81 0.43 5.80
N GLU C 45 9.81 1.24 4.75
CA GLU C 45 9.11 0.93 3.51
C GLU C 45 7.60 0.86 3.72
N TRP C 46 7.06 1.84 4.46
CA TRP C 46 5.63 1.84 4.76
C TRP C 46 4.79 2.15 3.52
N CYS C 47 5.34 2.90 2.57
CA CYS C 47 4.66 3.24 1.33
C CYS C 47 5.41 2.73 0.12
N LYS C 48 5.93 1.50 0.21
CA LYS C 48 6.63 0.89 -0.92
C LYS C 48 5.68 0.40 -2.01
N GLY C 49 4.42 0.14 -1.65
CA GLY C 49 3.45 -0.35 -2.62
C GLY C 49 2.63 0.75 -3.24
N GLU C 50 3.16 1.97 -3.27
CA GLU C 50 2.45 3.12 -3.83
C GLU C 50 3.45 4.00 -4.58
N LYS C 51 2.89 4.94 -5.35
CA LYS C 51 3.73 5.79 -6.20
C LYS C 51 4.53 6.79 -5.37
N ASP C 52 3.89 7.40 -4.37
CA ASP C 52 4.56 8.32 -3.47
C ASP C 52 5.04 7.55 -2.24
N ARG C 53 6.25 7.87 -1.76
CA ARG C 53 6.85 7.10 -0.69
C ARG C 53 6.80 7.79 0.67
N LEU C 54 6.56 9.10 0.71
CA LEU C 54 6.36 9.77 1.99
C LEU C 54 4.89 9.86 2.39
N ASN C 55 3.98 9.93 1.43
CA ASN C 55 2.56 10.13 1.69
C ASN C 55 1.78 8.95 1.11
N CYS C 56 1.15 8.18 2.00
CA CYS C 56 0.21 7.14 1.59
C CYS C 56 -0.69 6.83 2.77
N SER C 57 -1.59 5.86 2.59
CA SER C 57 -2.57 5.54 3.62
C SER C 57 -1.92 4.82 4.80
N ASN C 58 -1.07 3.83 4.51
CA ASN C 58 -0.46 3.03 5.58
C ASN C 58 0.38 3.89 6.51
N ASN C 59 1.17 4.80 5.95
CA ASN C 59 1.90 5.75 6.78
C ASN C 59 0.96 6.50 7.72
N THR C 60 -0.17 6.96 7.19
CA THR C 60 -1.12 7.73 8.01
C THR C 60 -1.65 6.90 9.16
N ILE C 61 -2.13 5.69 8.85
CA ILE C 61 -2.61 4.78 9.89
C ILE C 61 -1.57 4.64 10.99
N GLN C 62 -0.34 4.29 10.59
CA GLN C 62 0.65 3.89 11.58
C GLN C 62 1.18 5.08 12.36
N SER C 63 1.27 6.25 11.74
CA SER C 63 1.64 7.45 12.48
C SER C 63 0.56 7.82 13.50
N SER C 64 -0.71 7.71 13.10
CA SER C 64 -1.79 7.96 14.05
C SER C 64 -1.67 7.02 15.25
N PHE C 65 -1.34 5.75 15.00
CA PHE C 65 -1.24 4.81 16.12
C PHE C 65 0.01 5.09 16.96
N LEU C 66 1.09 5.58 16.34
CA LEU C 66 2.26 5.99 17.13
C LEU C 66 1.88 7.11 18.10
N LEU C 67 1.20 8.14 17.59
CA LEU C 67 0.81 9.25 18.47
C LEU C 67 -0.17 8.80 19.53
N ALA C 68 -1.14 7.96 19.15
CA ALA C 68 -2.07 7.42 20.14
C ALA C 68 -1.35 6.60 21.19
N SER C 69 -0.28 5.90 20.80
CA SER C 69 0.51 5.16 21.78
C SER C 69 1.17 6.12 22.76
N VAL C 70 1.73 7.22 22.25
CA VAL C 70 2.34 8.21 23.15
C VAL C 70 1.31 8.72 24.16
N PHE C 71 0.13 9.11 23.66
CA PHE C 71 -0.88 9.69 24.56
C PHE C 71 -1.41 8.66 25.55
N ILE C 72 -1.70 7.44 25.07
CA ILE C 72 -2.17 6.37 25.95
C ILE C 72 -1.13 6.09 27.03
N GLY C 73 0.14 6.02 26.63
CA GLY C 73 1.20 5.85 27.61
C GLY C 73 1.21 6.97 28.63
N ALA C 74 1.04 8.21 28.19
CA ALA C 74 1.11 9.34 29.11
C ALA C 74 -0.07 9.35 30.09
N VAL C 75 -1.26 9.03 29.59
CA VAL C 75 -2.41 8.86 30.47
C VAL C 75 -2.08 7.84 31.56
N LEU C 76 -1.69 6.64 31.13
CA LEU C 76 -1.38 5.57 32.08
C LEU C 76 -0.22 5.95 32.99
N GLY C 77 0.69 6.79 32.49
CA GLY C 77 1.86 7.17 33.25
C GLY C 77 1.55 8.15 34.36
N CYS C 78 0.70 9.15 34.07
CA CYS C 78 0.20 10.00 35.15
C CYS C 78 -0.58 9.18 36.18
N GLY C 79 -1.49 8.33 35.69
CA GLY C 79 -2.26 7.50 36.58
C GLY C 79 -1.39 6.69 37.53
N PHE C 80 -0.31 6.11 37.00
CA PHE C 80 0.57 5.31 37.84
C PHE C 80 1.54 6.16 38.65
N SER C 81 1.88 7.35 38.16
CA SER C 81 2.70 8.26 38.95
C SER C 81 2.01 8.58 40.27
N GLY C 82 0.68 8.68 40.22
CA GLY C 82 -0.06 8.80 41.47
C GLY C 82 0.35 7.77 42.50
N TYR C 83 0.43 6.50 42.07
CA TYR C 83 0.78 5.41 42.98
C TYR C 83 2.27 5.44 43.33
N LEU C 84 3.11 5.80 42.36
CA LEU C 84 4.56 5.68 42.57
C LEU C 84 5.08 6.77 43.51
N VAL C 85 4.59 8.02 43.35
CA VAL C 85 5.07 9.11 44.19
C VAL C 85 4.92 8.76 45.67
N GLN C 86 3.92 7.95 45.99
CA GLN C 86 3.73 7.48 47.37
C GLN C 86 4.99 6.87 47.95
N PHE C 87 5.87 6.34 47.10
CA PHE C 87 7.06 5.64 47.54
C PHE C 87 8.29 6.53 47.59
N GLY C 88 8.17 7.78 47.15
CA GLY C 88 9.28 8.71 47.12
C GLY C 88 9.22 9.60 45.91
N ARG C 89 9.38 10.90 46.11
CA ARG C 89 9.41 11.81 44.97
C ARG C 89 10.65 11.56 44.12
N ARG C 90 11.83 11.58 44.75
CA ARG C 90 13.08 11.38 44.02
C ARG C 90 13.20 9.95 43.49
N LEU C 91 12.68 8.97 44.24
CA LEU C 91 12.61 7.61 43.73
C LEU C 91 11.97 7.59 42.35
N SER C 92 10.89 8.35 42.18
CA SER C 92 10.20 8.39 40.90
C SER C 92 11.07 9.00 39.82
N LEU C 93 11.88 10.01 40.17
CA LEU C 93 12.79 10.58 39.20
C LEU C 93 13.82 9.55 38.74
N LEU C 94 14.37 8.79 39.68
CA LEU C 94 15.36 7.77 39.31
C LEU C 94 14.72 6.69 38.45
N ILE C 95 13.49 6.28 38.78
CA ILE C 95 12.77 5.33 37.93
C ILE C 95 12.60 5.92 36.54
N ILE C 96 12.24 7.21 36.46
CA ILE C 96 12.05 7.84 35.16
C ILE C 96 13.33 7.79 34.34
N TYR C 97 14.45 8.15 34.96
CA TYR C 97 15.71 8.16 34.22
C TYR C 97 16.09 6.76 33.76
N ASN C 98 16.13 5.78 34.67
CA ASN C 98 16.45 4.42 34.26
C ASN C 98 15.52 3.96 33.15
N PHE C 99 14.23 4.20 33.32
CA PHE C 99 13.22 3.77 32.36
C PHE C 99 13.50 4.34 30.98
N PHE C 100 13.81 5.63 30.91
CA PHE C 100 14.12 6.21 29.61
C PHE C 100 15.47 5.76 29.11
N PHE C 101 16.39 5.41 30.01
CA PHE C 101 17.69 4.90 29.58
C PHE C 101 17.52 3.58 28.83
N LEU C 102 16.48 2.82 29.15
CA LEU C 102 16.24 1.57 28.41
C LEU C 102 15.26 1.78 27.25
N VAL C 103 14.24 2.62 27.45
CA VAL C 103 13.24 2.87 26.40
C VAL C 103 13.87 3.60 25.21
N SER C 104 14.79 4.53 25.49
CA SER C 104 15.48 5.23 24.41
C SER C 104 16.30 4.26 23.57
N ILE C 105 17.04 3.37 24.24
CA ILE C 105 17.79 2.35 23.51
C ILE C 105 16.86 1.55 22.61
N LEU C 106 15.76 1.04 23.18
CA LEU C 106 14.85 0.20 22.40
C LEU C 106 14.26 0.98 21.22
N THR C 107 13.75 2.20 21.49
CA THR C 107 13.25 3.04 20.41
C THR C 107 14.30 3.20 19.31
N SER C 108 15.57 3.32 19.71
CA SER C 108 16.61 3.59 18.72
C SER C 108 16.88 2.39 17.83
N ILE C 109 16.86 1.19 18.41
CA ILE C 109 17.22 0.00 17.61
C ILE C 109 16.00 -0.74 17.10
N THR C 110 14.87 -0.05 16.89
CA THR C 110 13.71 -0.71 16.34
C THR C 110 13.83 -0.85 14.82
N HIS C 111 13.10 -1.83 14.27
CA HIS C 111 13.07 -2.04 12.83
C HIS C 111 11.67 -2.27 12.28
N HIS C 112 10.62 -2.03 13.06
CA HIS C 112 9.27 -2.36 12.60
C HIS C 112 8.27 -1.46 13.30
N PHE C 113 7.06 -1.43 12.76
CA PHE C 113 6.00 -0.56 13.27
C PHE C 113 5.49 -1.05 14.62
N HIS C 114 5.46 -2.37 14.85
CA HIS C 114 5.00 -2.89 16.13
C HIS C 114 6.02 -2.61 17.24
N THR C 115 7.29 -2.90 16.99
CA THR C 115 8.29 -2.69 18.03
C THR C 115 8.45 -1.20 18.35
N ILE C 116 8.48 -0.35 17.32
CA ILE C 116 8.58 1.08 17.58
C ILE C 116 7.31 1.61 18.23
N LEU C 117 6.15 1.04 17.87
CA LEU C 117 4.91 1.45 18.51
C LEU C 117 4.91 1.09 20.00
N PHE C 118 5.41 -0.10 20.33
CA PHE C 118 5.56 -0.50 21.73
C PHE C 118 6.54 0.43 22.44
N ALA C 119 7.66 0.74 21.79
CA ALA C 119 8.67 1.58 22.42
C ALA C 119 8.13 2.99 22.66
N ARG C 120 7.29 3.49 21.75
CA ARG C 120 6.68 4.81 21.95
C ARG C 120 5.57 4.78 22.98
N LEU C 121 4.84 3.67 23.09
CA LEU C 121 3.92 3.48 24.20
C LEU C 121 4.67 3.61 25.53
N LEU C 122 5.81 2.93 25.64
CA LEU C 122 6.63 3.03 26.86
C LEU C 122 7.16 4.45 27.06
N SER C 123 7.60 5.10 25.98
CA SER C 123 8.12 6.45 26.09
C SER C 123 7.04 7.41 26.58
N GLY C 124 5.83 7.28 26.06
CA GLY C 124 4.73 8.07 26.55
C GLY C 124 4.39 7.77 28.00
N PHE C 125 4.58 6.52 28.42
CA PHE C 125 4.38 6.21 29.84
C PHE C 125 5.39 6.97 30.70
N GLY C 126 6.66 6.95 30.32
CA GLY C 126 7.65 7.73 31.04
C GLY C 126 7.32 9.21 31.06
N ILE C 127 6.84 9.72 29.91
CA ILE C 127 6.36 11.09 29.83
C ILE C 127 5.27 11.34 30.87
N GLY C 128 4.30 10.42 30.95
CA GLY C 128 3.21 10.58 31.89
C GLY C 128 3.69 10.59 33.33
N LEU C 129 4.70 9.77 33.64
CA LEU C 129 5.28 9.83 34.97
C LEU C 129 5.89 11.19 35.24
N VAL C 130 6.76 11.65 34.33
CA VAL C 130 7.40 12.96 34.48
C VAL C 130 6.36 14.02 34.82
N THR C 131 5.25 14.02 34.05
CA THR C 131 4.23 15.05 34.18
C THR C 131 3.83 15.26 35.64
N VAL C 132 3.64 14.18 36.38
CA VAL C 132 3.19 14.28 37.77
C VAL C 132 4.36 14.39 38.73
N SER C 133 5.50 13.79 38.39
CA SER C 133 6.59 13.67 39.35
C SER C 133 7.38 14.97 39.46
N VAL C 134 7.87 15.49 38.33
CA VAL C 134 8.79 16.64 38.40
C VAL C 134 8.11 17.87 38.97
N PRO C 135 6.89 18.25 38.56
CA PRO C 135 6.26 19.42 39.17
C PRO C 135 6.02 19.25 40.67
N MET C 136 5.65 18.04 41.10
CA MET C 136 5.46 17.79 42.52
C MET C 136 6.77 17.94 43.28
N TYR C 137 7.85 17.37 42.72
CA TYR C 137 9.17 17.53 43.32
C TYR C 137 9.53 18.99 43.47
N ILE C 138 9.39 19.77 42.39
CA ILE C 138 9.70 21.20 42.45
C ILE C 138 8.80 21.90 43.47
N SER C 139 7.55 21.44 43.59
CA SER C 139 6.62 22.02 44.55
C SER C 139 7.05 21.74 45.98
N GLU C 140 7.71 20.63 46.21
CA GLU C 140 8.05 20.20 47.56
C GLU C 140 9.51 20.41 47.92
N MET C 141 10.34 20.86 46.97
CA MET C 141 11.76 21.13 47.23
C MET C 141 12.10 22.61 47.08
N THR C 142 11.12 23.49 47.21
CA THR C 142 11.31 24.90 46.91
C THR C 142 10.74 25.79 48.01
N HIS C 143 11.19 27.04 47.98
CA HIS C 143 10.70 28.06 48.91
C HIS C 143 9.21 28.30 48.67
N LYS C 144 8.45 28.35 49.76
CA LYS C 144 7.00 28.48 49.66
C LYS C 144 6.58 29.75 48.93
N ASP C 145 7.48 30.72 48.80
CA ASP C 145 7.19 31.97 48.13
C ASP C 145 7.72 32.01 46.70
N LYS C 146 8.59 31.07 46.33
CA LYS C 146 9.15 31.02 44.98
C LYS C 146 8.67 29.80 44.20
N LYS C 147 7.63 29.10 44.67
CA LYS C 147 7.25 27.84 44.05
C LYS C 147 7.05 27.99 42.55
N GLY C 148 6.36 29.05 42.12
CA GLY C 148 6.10 29.23 40.70
C GLY C 148 7.35 29.53 39.90
N ALA C 149 8.25 30.34 40.46
CA ALA C 149 9.46 30.72 39.72
C ALA C 149 10.24 29.49 39.31
N TYR C 150 10.49 28.57 40.24
CA TYR C 150 11.26 27.37 39.94
C TYR C 150 10.40 26.27 39.33
N GLY C 151 9.07 26.36 39.46
CA GLY C 151 8.21 25.44 38.74
C GLY C 151 8.14 25.74 37.27
N VAL C 152 8.35 27.00 36.89
CA VAL C 152 8.44 27.33 35.47
C VAL C 152 9.62 26.63 34.81
N MET C 153 10.67 26.35 35.59
CA MET C 153 11.85 25.68 35.05
C MET C 153 11.47 24.36 34.39
N HIS C 154 10.46 23.68 34.92
CA HIS C 154 9.94 22.44 34.35
C HIS C 154 9.57 22.63 32.88
N GLN C 155 8.59 23.49 32.61
CA GLN C 155 8.18 23.71 31.23
C GLN C 155 9.28 24.39 30.41
N LEU C 156 10.11 25.21 31.05
CA LEU C 156 11.24 25.81 30.35
C LEU C 156 12.10 24.73 29.72
N PHE C 157 12.47 23.71 30.51
CA PHE C 157 13.30 22.65 29.97
C PHE C 157 12.52 21.72 29.05
N ILE C 158 11.20 21.62 29.19
CA ILE C 158 10.43 20.83 28.22
C ILE C 158 10.45 21.49 26.85
N THR C 159 10.14 22.79 26.81
CA THR C 159 10.24 23.54 25.56
C THR C 159 11.65 23.44 25.00
N PHE C 160 12.67 23.56 25.85
CA PHE C 160 14.05 23.45 25.40
C PHE C 160 14.34 22.08 24.84
N GLY C 161 13.72 21.03 25.39
CA GLY C 161 13.92 19.70 24.84
C GLY C 161 13.32 19.56 23.45
N ILE C 162 12.13 20.11 23.24
CA ILE C 162 11.56 20.11 21.89
C ILE C 162 12.49 20.85 20.94
N PHE C 163 12.94 22.03 21.34
CA PHE C 163 13.84 22.84 20.53
C PHE C 163 15.11 22.07 20.19
N VAL C 164 15.66 21.35 21.17
CA VAL C 164 16.86 20.55 20.95
C VAL C 164 16.59 19.49 19.90
N ALA C 165 15.55 18.68 20.11
CA ALA C 165 15.25 17.61 19.17
C ALA C 165 15.14 18.15 17.75
N VAL C 166 14.39 19.25 17.58
CA VAL C 166 14.08 19.72 16.24
C VAL C 166 15.31 20.30 15.57
N MET C 167 16.13 21.09 16.29
CA MET C 167 17.29 21.66 15.61
C MET C 167 18.41 20.63 15.47
N LEU C 168 18.46 19.62 16.34
CA LEU C 168 19.42 18.55 16.23
C LEU C 168 19.06 17.59 15.12
N GLY C 169 17.80 17.55 14.71
CA GLY C 169 17.43 16.85 13.49
C GLY C 169 17.78 17.56 12.21
N LEU C 170 18.23 18.83 12.30
CA LEU C 170 18.66 19.55 11.11
C LEU C 170 19.92 18.94 10.50
N ALA C 171 20.65 18.12 11.25
CA ALA C 171 21.86 17.49 10.74
C ALA C 171 21.57 16.62 9.51
N MET C 172 20.31 16.28 9.28
CA MET C 172 19.94 15.38 8.20
C MET C 172 19.72 16.16 6.91
N GLY C 173 19.55 15.40 5.82
CA GLY C 173 19.43 15.99 4.50
C GLY C 173 18.07 16.58 4.18
N GLU C 174 17.52 17.36 5.12
CA GLU C 174 16.27 18.07 4.89
C GLU C 174 15.12 17.13 4.53
N GLY C 175 15.20 15.87 4.93
CA GLY C 175 14.20 14.90 4.59
C GLY C 175 14.44 14.30 3.22
N PRO C 176 13.69 13.25 2.88
CA PRO C 176 13.79 12.68 1.54
C PRO C 176 12.73 13.24 0.61
N LYS C 177 12.89 13.05 -0.70
CA LYS C 177 11.90 13.49 -1.66
C LYS C 177 10.76 12.49 -1.74
N ALA C 178 9.54 13.00 -1.85
CA ALA C 178 8.36 12.12 -1.87
C ALA C 178 8.22 11.41 -3.21
N ASP C 179 8.51 12.10 -4.31
CA ASP C 179 8.46 11.49 -5.64
C ASP C 179 9.75 10.77 -6.00
N SER C 180 10.79 10.88 -5.19
CA SER C 180 12.09 10.35 -5.55
C SER C 180 12.16 8.85 -5.32
N THR C 181 13.26 8.26 -5.79
CA THR C 181 13.57 6.85 -5.55
C THR C 181 14.95 6.67 -4.94
N GLU C 182 15.67 7.75 -4.66
CA GLU C 182 17.02 7.62 -4.10
C GLU C 182 16.94 6.98 -2.71
N PRO C 183 17.73 5.95 -2.44
CA PRO C 183 17.68 5.32 -1.12
C PRO C 183 18.18 6.27 -0.04
N LEU C 184 17.70 6.06 1.18
CA LEU C 184 18.01 6.96 2.28
C LEU C 184 19.51 7.00 2.55
N THR C 185 19.95 8.15 3.05
CA THR C 185 21.37 8.36 3.32
C THR C 185 21.83 7.46 4.48
N SER C 186 23.10 7.06 4.42
CA SER C 186 23.71 6.35 5.53
C SER C 186 23.66 7.20 6.80
N PHE C 187 24.20 8.42 6.74
CA PHE C 187 24.20 9.28 7.90
C PHE C 187 22.80 9.52 8.44
N ALA C 188 21.79 9.54 7.58
CA ALA C 188 20.42 9.69 8.06
C ALA C 188 19.95 8.42 8.78
N LYS C 189 20.06 7.28 8.09
CA LYS C 189 19.78 5.98 8.66
C LYS C 189 20.44 5.81 10.02
N LEU C 190 21.53 6.53 10.27
CA LEU C 190 22.16 6.53 11.58
C LEU C 190 21.60 7.61 12.50
N TRP C 191 21.53 8.85 12.00
CA TRP C 191 21.32 9.99 12.87
C TRP C 191 19.93 9.98 13.48
N TRP C 192 18.93 9.41 12.80
CA TRP C 192 17.63 9.34 13.47
C TRP C 192 17.68 8.35 14.64
N ARG C 193 18.41 7.25 14.48
CA ARG C 193 18.61 6.32 15.59
C ARG C 193 19.42 6.97 16.71
N LEU C 194 20.42 7.78 16.35
CA LEU C 194 21.22 8.47 17.34
C LEU C 194 20.39 9.50 18.10
N MET C 195 19.48 10.18 17.40
CA MET C 195 18.54 11.09 18.05
C MET C 195 17.64 10.33 19.01
N PHE C 196 17.21 9.13 18.63
CA PHE C 196 16.42 8.31 19.55
C PHE C 196 17.23 7.92 20.78
N LEU C 197 18.51 7.60 20.61
CA LEU C 197 19.30 7.08 21.71
C LEU C 197 19.85 8.18 22.62
N PHE C 198 19.96 9.41 22.14
CA PHE C 198 20.39 10.55 22.94
C PHE C 198 19.78 10.62 24.34
N PRO C 199 18.46 10.42 24.49
CA PRO C 199 17.88 10.46 25.84
C PRO C 199 18.32 9.33 26.75
N SER C 200 18.90 8.24 26.25
CA SER C 200 19.55 7.30 27.16
C SER C 200 20.75 7.94 27.82
N VAL C 201 21.55 8.67 27.03
CA VAL C 201 22.65 9.44 27.58
C VAL C 201 22.14 10.42 28.63
N ILE C 202 21.09 11.17 28.27
CA ILE C 202 20.60 12.18 29.21
C ILE C 202 20.00 11.52 30.46
N SER C 203 19.38 10.36 30.31
CA SER C 203 18.89 9.61 31.45
C SER C 203 20.03 9.23 32.38
N LEU C 204 21.11 8.67 31.83
CA LEU C 204 22.26 8.32 32.65
C LEU C 204 22.78 9.54 33.40
N ILE C 205 22.80 10.70 32.73
CA ILE C 205 23.28 11.91 33.36
C ILE C 205 22.35 12.32 34.52
N GLY C 206 21.03 12.16 34.32
CA GLY C 206 20.10 12.46 35.39
C GLY C 206 20.28 11.54 36.59
N ILE C 207 20.42 10.24 36.33
CA ILE C 207 20.70 9.29 37.41
C ILE C 207 21.96 9.70 38.15
N LEU C 208 22.99 10.05 37.38
CA LEU C 208 24.27 10.49 37.95
C LEU C 208 24.04 11.63 38.94
N ALA C 209 23.46 12.71 38.46
CA ALA C 209 23.24 13.88 39.32
C ALA C 209 22.36 13.53 40.52
N LEU C 210 21.37 12.67 40.32
CA LEU C 210 20.42 12.39 41.39
C LEU C 210 21.07 11.59 42.51
N VAL C 211 21.75 10.50 42.17
CA VAL C 211 22.36 9.66 43.20
C VAL C 211 23.61 10.31 43.77
N VAL C 212 24.26 11.21 43.05
CA VAL C 212 25.56 11.72 43.48
C VAL C 212 25.40 12.94 44.37
N PHE C 213 24.89 14.03 43.82
CA PHE C 213 24.85 15.29 44.54
C PHE C 213 23.63 15.44 45.43
N PHE C 214 22.45 15.13 44.90
CA PHE C 214 21.18 15.42 45.55
C PHE C 214 20.53 14.11 46.00
N LYS C 215 21.10 13.57 47.08
CA LYS C 215 20.64 12.29 47.61
C LYS C 215 19.32 12.40 48.37
N GLU C 216 19.06 13.55 49.00
CA GLU C 216 17.95 13.65 49.94
C GLU C 216 16.61 13.74 49.20
N GLU C 217 15.54 13.45 49.94
CA GLU C 217 14.18 13.53 49.43
C GLU C 217 13.53 14.82 49.93
N THR C 218 12.26 14.99 49.57
CA THR C 218 11.57 16.24 49.88
C THR C 218 11.28 16.32 51.38
N PRO C 219 11.38 17.52 51.97
CA PRO C 219 11.03 17.65 53.40
C PRO C 219 9.67 17.09 53.72
N TYR C 220 8.67 17.40 52.88
CA TYR C 220 7.30 16.98 53.15
C TYR C 220 7.20 15.47 53.31
N PHE C 221 7.73 14.71 52.35
CA PHE C 221 7.57 13.27 52.36
C PHE C 221 8.36 12.63 53.51
N LEU C 222 9.62 13.02 53.67
CA LEU C 222 10.39 12.60 54.83
C LEU C 222 9.57 12.74 56.10
N PHE C 223 8.99 13.93 56.31
CA PHE C 223 8.19 14.14 57.50
C PHE C 223 6.98 13.21 57.52
N GLU C 224 6.36 13.01 56.36
CA GLU C 224 5.17 12.16 56.32
C GLU C 224 5.46 10.77 56.85
N LYS C 225 6.66 10.25 56.59
CA LYS C 225 7.02 8.92 57.05
C LYS C 225 7.89 8.93 58.30
N GLY C 226 7.85 10.01 59.09
CA GLY C 226 8.44 10.01 60.42
C GLY C 226 9.90 10.40 60.50
N ARG C 227 10.57 10.58 59.36
CA ARG C 227 11.98 10.97 59.34
C ARG C 227 12.08 12.48 59.62
N ILE C 228 11.74 12.85 60.84
CA ILE C 228 11.63 14.27 61.17
C ILE C 228 13.01 14.91 61.29
N GLU C 229 13.98 14.18 61.85
CA GLU C 229 15.34 14.70 61.88
C GLU C 229 15.84 14.97 60.47
N GLU C 230 15.68 14.00 59.56
CA GLU C 230 16.13 14.18 58.19
C GLU C 230 15.24 15.15 57.42
N SER C 231 13.96 15.25 57.79
CA SER C 231 13.10 16.26 57.18
C SER C 231 13.60 17.66 57.50
N LYS C 232 13.82 17.94 58.79
CA LYS C 232 14.44 19.20 59.19
C LYS C 232 15.79 19.39 58.51
N ASN C 233 16.53 18.29 58.33
CA ASN C 233 17.82 18.35 57.66
C ASN C 233 17.70 18.93 56.25
N ILE C 234 16.89 18.28 55.41
CA ILE C 234 16.80 18.73 54.03
C ILE C 234 16.13 20.11 53.94
N LEU C 235 15.18 20.39 54.83
CA LEU C 235 14.53 21.70 54.81
C LEU C 235 15.50 22.80 55.22
N LYS C 236 16.43 22.51 56.14
CA LYS C 236 17.49 23.45 56.46
C LYS C 236 18.53 23.52 55.35
N LYS C 237 18.59 22.50 54.49
CA LYS C 237 19.51 22.57 53.36
C LYS C 237 18.98 23.46 52.24
N ILE C 238 17.70 23.33 51.88
CA ILE C 238 17.23 24.05 50.70
C ILE C 238 17.19 25.56 50.97
N TYR C 239 17.01 25.98 52.22
CA TYR C 239 16.95 27.40 52.54
C TYR C 239 18.31 28.01 52.83
N GLU C 240 19.37 27.20 52.91
CA GLU C 240 20.73 27.67 53.20
C GLU C 240 20.81 28.47 54.50
N THR C 241 19.87 28.27 55.42
CA THR C 241 19.93 28.87 56.74
C THR C 241 19.27 27.92 57.72
N ASP C 242 19.84 27.82 58.92
CA ASP C 242 19.35 26.89 59.93
C ASP C 242 18.23 27.48 60.78
N ASN C 243 17.95 28.77 60.65
CA ASN C 243 16.82 29.41 61.33
C ASN C 243 15.59 29.34 60.43
N VAL C 244 15.05 28.13 60.31
CA VAL C 244 13.92 27.88 59.42
C VAL C 244 12.90 26.97 60.08
N ASP C 245 12.21 27.48 61.10
CA ASP C 245 11.24 26.67 61.83
C ASP C 245 9.87 26.66 61.17
N GLU C 246 9.47 27.74 60.50
CA GLU C 246 8.10 27.85 60.01
C GLU C 246 7.75 26.80 58.97
N PRO C 247 8.58 26.53 57.96
CA PRO C 247 8.19 25.52 56.97
C PRO C 247 7.96 24.15 57.58
N LEU C 248 8.69 23.79 58.63
CA LEU C 248 8.36 22.55 59.33
C LEU C 248 6.98 22.62 59.95
N ASN C 249 6.54 23.81 60.38
CA ASN C 249 5.19 23.93 60.92
C ASN C 249 4.14 23.73 59.83
N ALA C 250 4.35 24.34 58.65
CA ALA C 250 3.47 24.08 57.52
C ALA C 250 3.42 22.59 57.21
N ILE C 251 4.59 21.95 57.14
CA ILE C 251 4.65 20.52 56.82
C ILE C 251 3.98 19.70 57.91
N LYS C 252 4.14 20.10 59.16
CA LYS C 252 3.53 19.37 60.27
C LYS C 252 2.01 19.40 60.17
N GLU C 253 1.45 20.60 59.94
CA GLU C 253 0.00 20.70 59.76
C GLU C 253 -0.46 19.86 58.57
N ALA C 254 0.23 19.98 57.43
CA ALA C 254 -0.17 19.26 56.23
C ALA C 254 -0.14 17.75 56.46
N VAL C 255 0.98 17.24 56.97
CA VAL C 255 1.13 15.81 57.20
C VAL C 255 0.13 15.32 58.24
N GLU C 256 -0.14 16.15 59.26
CA GLU C 256 -1.07 15.75 60.30
C GLU C 256 -2.47 15.61 59.72
N GLN C 257 -2.88 16.53 58.84
CA GLN C 257 -4.18 16.36 58.20
C GLN C 257 -4.18 15.18 57.23
N ASN C 258 -3.05 14.91 56.56
CA ASN C 258 -3.00 13.76 55.66
C ASN C 258 -3.22 12.46 56.44
N GLU C 259 -2.54 12.31 57.58
CA GLU C 259 -2.66 11.07 58.35
C GLU C 259 -3.99 11.01 59.10
N SER C 260 -4.55 12.15 59.50
CA SER C 260 -5.92 12.15 59.98
C SER C 260 -6.88 11.71 58.90
N ALA C 261 -6.63 12.12 57.65
CA ALA C 261 -7.45 11.70 56.53
C ALA C 261 -7.37 10.20 56.34
N LYS C 262 -6.16 9.65 56.37
CA LYS C 262 -6.03 8.19 56.35
C LYS C 262 -6.78 7.56 57.51
N LYS C 263 -6.83 8.23 58.66
CA LYS C 263 -7.63 7.73 59.78
C LYS C 263 -9.10 7.61 59.40
N ASN C 264 -9.60 8.56 58.60
CA ASN C 264 -10.97 8.53 58.10
C ASN C 264 -11.08 7.81 56.76
N SER C 265 -10.00 7.18 56.30
CA SER C 265 -10.00 6.47 55.02
C SER C 265 -10.41 7.38 53.87
N LEU C 266 -9.90 8.61 53.89
CA LEU C 266 -10.18 9.60 52.84
C LEU C 266 -9.26 9.32 51.66
N SER C 267 -9.81 8.70 50.61
CA SER C 267 -9.10 8.48 49.37
C SER C 267 -9.58 9.49 48.33
N LEU C 268 -9.08 9.36 47.10
CA LEU C 268 -9.51 10.27 46.04
C LEU C 268 -10.92 9.95 45.59
N LEU C 269 -11.28 8.66 45.55
CA LEU C 269 -12.62 8.29 45.11
C LEU C 269 -13.66 8.51 46.20
N SER C 270 -13.25 8.43 47.47
CA SER C 270 -14.15 8.78 48.56
C SER C 270 -14.20 10.28 48.79
N ALA C 271 -13.10 10.98 48.54
CA ALA C 271 -13.11 12.43 48.62
C ALA C 271 -14.04 13.03 47.56
N LEU C 272 -14.24 12.32 46.45
CA LEU C 272 -15.15 12.80 45.41
C LEU C 272 -16.57 12.93 45.94
N LYS C 273 -16.99 12.05 46.85
CA LYS C 273 -18.38 12.11 47.31
C LYS C 273 -18.62 13.30 48.23
N ILE C 274 -17.64 13.67 49.05
CA ILE C 274 -17.76 14.88 49.85
C ILE C 274 -17.67 16.06 48.90
N PRO C 275 -18.75 16.84 48.72
CA PRO C 275 -18.72 17.90 47.70
C PRO C 275 -17.57 18.86 47.86
N SER C 276 -17.14 19.11 49.09
CA SER C 276 -16.06 20.07 49.36
C SER C 276 -14.82 19.74 48.54
N TYR C 277 -14.35 18.48 48.63
CA TYR C 277 -13.17 18.08 47.88
C TYR C 277 -13.48 17.93 46.39
N ARG C 278 -14.69 17.46 46.08
CA ARG C 278 -15.08 17.23 44.69
C ARG C 278 -14.99 18.50 43.87
N TYR C 279 -15.33 19.64 44.46
CA TYR C 279 -15.28 20.91 43.73
C TYR C 279 -13.86 21.20 43.25
N VAL C 280 -12.89 21.18 44.17
CA VAL C 280 -11.51 21.49 43.81
C VAL C 280 -10.96 20.43 42.87
N ILE C 281 -11.36 19.17 43.05
CA ILE C 281 -10.93 18.11 42.14
C ILE C 281 -11.37 18.44 40.71
N ILE C 282 -12.65 18.76 40.55
CA ILE C 282 -13.18 19.03 39.22
C ILE C 282 -12.53 20.27 38.62
N LEU C 283 -12.26 21.29 39.46
CA LEU C 283 -11.60 22.48 38.94
C LEU C 283 -10.21 22.15 38.42
N GLY C 284 -9.45 21.35 39.17
CA GLY C 284 -8.16 20.92 38.68
C GLY C 284 -8.26 20.19 37.35
N CYS C 285 -9.14 19.20 37.28
CA CYS C 285 -9.30 18.44 36.04
C CYS C 285 -9.67 19.36 34.88
N LEU C 286 -10.56 20.32 35.11
CA LEU C 286 -11.05 21.17 34.04
C LEU C 286 -9.98 22.12 33.54
N LEU C 287 -9.29 22.80 34.47
CA LEU C 287 -8.17 23.65 34.09
C LEU C 287 -7.13 22.85 33.30
N SER C 288 -6.80 21.65 33.80
CA SER C 288 -5.82 20.81 33.14
C SER C 288 -6.23 20.48 31.71
N GLY C 289 -7.45 19.95 31.54
CA GLY C 289 -7.91 19.59 30.21
C GLY C 289 -8.04 20.77 29.28
N LEU C 290 -8.43 21.94 29.81
CA LEU C 290 -8.59 23.12 28.97
C LEU C 290 -7.26 23.70 28.55
N GLN C 291 -6.17 23.36 29.25
CA GLN C 291 -4.85 23.66 28.68
C GLN C 291 -4.75 23.12 27.26
N GLN C 292 -5.30 21.93 27.01
CA GLN C 292 -5.17 21.31 25.69
C GLN C 292 -6.01 22.03 24.64
N PHE C 293 -7.17 22.56 25.02
CA PHE C 293 -8.09 23.14 24.05
C PHE C 293 -7.60 24.45 23.49
N THR C 294 -6.35 24.85 23.78
CA THR C 294 -5.70 25.91 23.05
C THR C 294 -5.21 25.47 21.68
N GLY C 295 -5.30 24.17 21.36
CA GLY C 295 -4.80 23.66 20.10
C GLY C 295 -3.30 23.57 20.00
N ILE C 296 -2.59 23.68 21.12
CA ILE C 296 -1.12 23.65 21.10
C ILE C 296 -0.63 22.33 20.54
N ASN C 297 -1.22 21.22 20.98
CA ASN C 297 -0.75 19.91 20.55
C ASN C 297 -1.01 19.68 19.08
N VAL C 298 -2.10 20.24 18.55
CA VAL C 298 -2.36 20.10 17.11
C VAL C 298 -1.23 20.72 16.31
N LEU C 299 -0.68 21.83 16.79
CA LEU C 299 0.50 22.41 16.17
C LEU C 299 1.70 21.50 16.32
N VAL C 300 1.94 21.01 17.54
CA VAL C 300 3.15 20.24 17.80
C VAL C 300 3.16 18.96 16.95
N SER C 301 2.02 18.30 16.81
CA SER C 301 1.96 17.02 16.12
C SER C 301 2.18 17.19 14.62
N ASN C 302 1.09 17.16 13.83
CA ASN C 302 1.21 17.22 12.38
C ASN C 302 1.63 18.59 11.88
N SER C 303 2.71 19.14 12.46
CA SER C 303 3.20 20.43 12.01
C SER C 303 3.63 20.38 10.54
N ASN C 304 4.20 19.26 10.12
CA ASN C 304 4.60 19.12 8.72
C ASN C 304 3.38 18.96 7.81
N GLU C 305 2.33 18.31 8.30
CA GLU C 305 1.12 18.15 7.50
C GLU C 305 0.29 19.43 7.46
N LEU C 306 0.35 20.24 8.51
CA LEU C 306 -0.40 21.50 8.52
C LEU C 306 0.01 22.38 7.35
N TYR C 307 1.29 22.76 7.31
CA TYR C 307 1.79 23.67 6.28
C TYR C 307 2.13 22.95 4.97
N LYS C 308 1.92 21.64 4.90
CA LYS C 308 2.20 20.92 3.67
C LYS C 308 1.39 21.45 2.48
N GLU C 309 0.31 22.18 2.76
CA GLU C 309 -0.51 22.74 1.69
C GLU C 309 -0.04 24.12 1.24
N PHE C 310 0.48 24.95 2.16
CA PHE C 310 0.93 26.28 1.80
C PHE C 310 2.31 26.58 2.37
N LEU C 311 3.22 25.61 2.29
CA LEU C 311 4.63 25.86 2.58
C LEU C 311 5.47 24.71 2.02
N ASP C 312 6.76 24.97 1.87
CA ASP C 312 7.69 24.02 1.28
C ASP C 312 8.69 23.51 2.34
N SER C 313 9.60 22.65 1.89
CA SER C 313 10.50 21.96 2.81
C SER C 313 11.44 22.92 3.52
N HIS C 314 12.21 23.70 2.74
CA HIS C 314 13.14 24.65 3.34
C HIS C 314 12.44 25.55 4.34
N LEU C 315 11.28 26.08 3.95
CA LEU C 315 10.57 27.01 4.82
C LEU C 315 9.96 26.32 6.02
N ILE C 316 9.49 25.08 5.89
CA ILE C 316 9.00 24.38 7.08
C ILE C 316 10.17 24.13 8.04
N THR C 317 11.35 23.81 7.51
CA THR C 317 12.50 23.61 8.39
C THR C 317 12.83 24.88 9.16
N ILE C 318 13.02 25.99 8.44
CA ILE C 318 13.38 27.24 9.11
C ILE C 318 12.25 27.72 10.02
N LEU C 319 11.01 27.55 9.58
CA LEU C 319 9.86 27.94 10.36
C LEU C 319 9.81 27.16 11.68
N SER C 320 10.02 25.85 11.62
CA SER C 320 10.03 25.05 12.83
C SER C 320 11.18 25.46 13.74
N VAL C 321 12.35 25.70 13.17
CA VAL C 321 13.49 26.16 13.97
C VAL C 321 13.11 27.40 14.76
N VAL C 322 12.69 28.45 14.04
CA VAL C 322 12.40 29.72 14.70
C VAL C 322 11.19 29.59 15.62
N MET C 323 10.24 28.73 15.26
CA MET C 323 9.02 28.57 16.05
C MET C 323 9.32 27.94 17.40
N THR C 324 10.11 26.87 17.42
CA THR C 324 10.49 26.27 18.69
C THR C 324 11.48 27.15 19.44
N ALA C 325 12.35 27.87 18.74
CA ALA C 325 13.21 28.84 19.40
C ALA C 325 12.37 29.89 20.12
N VAL C 326 11.25 30.29 19.52
CA VAL C 326 10.35 31.23 20.16
C VAL C 326 9.67 30.60 21.37
N ASN C 327 9.13 29.39 21.20
CA ASN C 327 8.50 28.70 22.32
C ASN C 327 9.45 28.61 23.51
N PHE C 328 10.73 28.40 23.24
CA PHE C 328 11.72 28.25 24.31
C PHE C 328 12.09 29.61 24.91
N LEU C 329 12.54 30.53 24.07
CA LEU C 329 12.88 31.87 24.54
C LEU C 329 11.75 32.49 25.36
N MET C 330 10.50 32.14 25.04
CA MET C 330 9.34 32.83 25.60
C MET C 330 8.77 32.15 26.83
N THR C 331 9.39 31.07 27.31
CA THR C 331 9.01 30.48 28.59
C THR C 331 9.87 31.02 29.73
N PHE C 332 11.02 31.64 29.43
CA PHE C 332 11.80 32.31 30.46
C PHE C 332 11.03 33.42 31.15
N PRO C 333 10.36 34.32 30.42
CA PRO C 333 9.66 35.43 31.10
C PRO C 333 8.68 34.97 32.16
N ALA C 334 8.01 33.83 31.94
CA ALA C 334 7.11 33.29 32.94
C ALA C 334 7.80 33.14 34.29
N ILE C 335 9.11 32.87 34.28
CA ILE C 335 9.84 32.64 35.52
C ILE C 335 9.67 33.81 36.48
N TYR C 336 9.67 35.04 35.95
CA TYR C 336 9.41 36.22 36.76
C TYR C 336 7.93 36.54 36.86
N ILE C 337 7.21 36.40 35.73
CA ILE C 337 5.83 36.86 35.66
C ILE C 337 4.95 36.09 36.63
N VAL C 338 5.21 34.79 36.80
CA VAL C 338 4.34 33.95 37.62
C VAL C 338 4.30 34.44 39.06
N GLU C 339 5.44 34.92 39.56
CA GLU C 339 5.51 35.38 40.94
C GLU C 339 5.23 36.87 41.08
N LYS C 340 5.52 37.67 40.06
CA LYS C 340 5.24 39.10 40.16
C LYS C 340 3.76 39.40 40.00
N LEU C 341 3.09 38.75 39.03
CA LEU C 341 1.70 39.04 38.71
C LEU C 341 0.73 37.99 39.24
N GLY C 342 1.13 36.73 39.31
CA GLY C 342 0.28 35.67 39.82
C GLY C 342 -0.05 34.65 38.75
N ARG C 343 -0.83 33.64 39.16
CA ARG C 343 -1.19 32.56 38.25
C ARG C 343 -2.41 32.95 37.40
N LYS C 344 -3.46 33.43 38.05
CA LYS C 344 -4.70 33.76 37.33
C LYS C 344 -4.48 34.89 36.34
N THR C 345 -3.70 35.91 36.74
CA THR C 345 -3.35 36.99 35.83
C THR C 345 -2.74 36.45 34.54
N LEU C 346 -1.71 35.63 34.67
CA LEU C 346 -1.01 35.10 33.51
C LEU C 346 -1.89 34.18 32.69
N LEU C 347 -2.72 33.37 33.37
CA LEU C 347 -3.66 32.52 32.66
C LEU C 347 -4.63 33.34 31.81
N LEU C 348 -5.11 34.46 32.36
CA LEU C 348 -6.10 35.25 31.63
C LEU C 348 -5.45 35.99 30.47
N TRP C 349 -4.24 36.53 30.66
CA TRP C 349 -3.54 37.10 29.51
C TRP C 349 -3.18 36.02 28.49
N GLY C 350 -3.04 34.76 28.91
CA GLY C 350 -2.81 33.69 27.96
C GLY C 350 -4.05 33.36 27.15
N CYS C 351 -5.21 33.30 27.81
CA CYS C 351 -6.47 33.23 27.08
C CYS C 351 -6.55 34.38 26.09
N VAL C 352 -6.16 35.57 26.52
CA VAL C 352 -6.16 36.74 25.64
C VAL C 352 -5.31 36.48 24.40
N GLY C 353 -4.10 35.96 24.61
CA GLY C 353 -3.20 35.73 23.47
C GLY C 353 -3.72 34.66 22.52
N VAL C 354 -4.13 33.52 23.07
CA VAL C 354 -4.65 32.44 22.24
C VAL C 354 -5.85 32.92 21.43
N LEU C 355 -6.71 33.73 22.06
CA LEU C 355 -7.90 34.25 21.39
C LEU C 355 -7.55 35.31 20.37
N VAL C 356 -6.50 36.10 20.63
CA VAL C 356 -5.98 37.02 19.64
C VAL C 356 -5.50 36.25 18.42
N ALA C 357 -4.97 35.06 18.63
CA ALA C 357 -4.41 34.29 17.52
C ALA C 357 -5.51 33.66 16.68
N TYR C 358 -6.48 33.01 17.31
CA TYR C 358 -7.34 32.11 16.54
C TYR C 358 -8.45 32.83 15.78
N LEU C 359 -9.16 33.77 16.42
CA LEU C 359 -10.31 34.37 15.75
C LEU C 359 -9.93 35.11 14.46
N PRO C 360 -8.80 35.82 14.39
CA PRO C 360 -8.45 36.45 13.10
C PRO C 360 -8.35 35.44 11.96
N THR C 361 -7.61 34.35 12.16
CA THR C 361 -7.53 33.33 11.10
C THR C 361 -8.88 32.69 10.86
N ALA C 362 -9.68 32.51 11.91
CA ALA C 362 -11.04 31.98 11.75
C ALA C 362 -11.82 32.82 10.75
N ILE C 363 -12.02 34.10 11.08
CA ILE C 363 -12.86 34.96 10.26
C ILE C 363 -12.21 35.20 8.90
N ALA C 364 -10.87 35.21 8.83
CA ALA C 364 -10.20 35.44 7.56
C ALA C 364 -10.35 34.26 6.63
N ASN C 365 -10.33 33.04 7.17
CA ASN C 365 -10.61 31.87 6.36
C ASN C 365 -12.08 31.81 5.98
N GLU C 366 -12.95 32.32 6.84
CA GLU C 366 -14.36 32.41 6.48
C GLU C 366 -14.57 33.38 5.33
N ILE C 367 -13.81 34.49 5.32
CA ILE C 367 -13.88 35.43 4.20
C ILE C 367 -13.33 34.77 2.94
N ASN C 368 -12.21 34.07 3.06
CA ASN C 368 -11.53 33.49 1.90
C ASN C 368 -10.48 32.48 2.35
N ARG C 369 -10.69 31.20 2.04
CA ARG C 369 -9.71 30.19 2.41
C ARG C 369 -8.43 30.34 1.60
N ASN C 370 -8.57 30.46 0.27
CA ASN C 370 -7.44 30.42 -0.65
C ASN C 370 -6.78 31.78 -0.79
N SER C 371 -6.50 32.43 0.33
CA SER C 371 -6.00 33.80 0.33
C SER C 371 -4.53 33.81 0.76
N ASN C 372 -3.68 34.39 -0.09
CA ASN C 372 -2.26 34.52 0.23
C ASN C 372 -2.06 35.23 1.57
N PHE C 373 -2.77 36.35 1.77
CA PHE C 373 -2.64 37.07 3.02
C PHE C 373 -3.20 36.28 4.19
N VAL C 374 -4.15 35.37 3.94
CA VAL C 374 -4.60 34.50 5.01
C VAL C 374 -3.49 33.53 5.42
N LYS C 375 -2.62 33.15 4.48
CA LYS C 375 -1.49 32.29 4.83
C LYS C 375 -0.46 33.07 5.65
N ILE C 376 -0.12 34.27 5.20
CA ILE C 376 0.71 35.17 6.01
C ILE C 376 0.12 35.28 7.42
N LEU C 377 -1.20 35.46 7.48
CA LEU C 377 -1.91 35.57 8.74
C LEU C 377 -1.74 34.32 9.59
N SER C 378 -1.91 33.14 8.99
CA SER C 378 -1.84 31.91 9.75
C SER C 378 -0.46 31.72 10.35
N ILE C 379 0.59 32.08 9.62
CA ILE C 379 1.94 31.92 10.17
C ILE C 379 2.17 32.90 11.33
N VAL C 380 1.83 34.18 11.12
CA VAL C 380 2.01 35.15 12.18
C VAL C 380 1.21 34.75 13.42
N ALA C 381 0.01 34.19 13.21
CA ALA C 381 -0.83 33.75 14.32
C ALA C 381 -0.27 32.50 14.99
N THR C 382 0.40 31.63 14.23
CA THR C 382 1.15 30.53 14.84
C THR C 382 2.11 31.07 15.88
N PHE C 383 2.91 32.06 15.48
CA PHE C 383 3.84 32.66 16.44
C PHE C 383 3.10 33.29 17.61
N VAL C 384 1.96 33.93 17.33
CA VAL C 384 1.15 34.52 18.40
C VAL C 384 0.81 33.46 19.46
N MET C 385 0.21 32.36 19.00
CA MET C 385 -0.26 31.34 19.94
C MET C 385 0.91 30.75 20.72
N ILE C 386 2.02 30.48 20.05
CA ILE C 386 3.16 29.91 20.77
C ILE C 386 3.66 30.87 21.84
N ILE C 387 3.80 32.15 21.50
CA ILE C 387 4.27 33.12 22.47
C ILE C 387 3.35 33.13 23.70
N SER C 388 2.05 33.31 23.45
CA SER C 388 1.11 33.40 24.57
C SER C 388 1.11 32.13 25.41
N PHE C 389 1.15 30.96 24.76
CA PHE C 389 1.10 29.70 25.49
C PHE C 389 2.37 29.48 26.30
N ALA C 390 3.53 29.66 25.66
CA ALA C 390 4.80 29.49 26.36
C ALA C 390 4.89 30.41 27.57
N VAL C 391 4.31 31.60 27.50
CA VAL C 391 4.36 32.45 28.69
C VAL C 391 3.27 32.09 29.69
N SER C 392 2.13 31.55 29.23
CA SER C 392 0.95 31.47 30.07
C SER C 392 0.56 30.02 30.30
N TYR C 393 -0.41 29.50 29.56
CA TYR C 393 -1.08 28.26 29.94
C TYR C 393 -0.11 27.09 30.03
N GLY C 394 0.99 27.13 29.29
CA GLY C 394 1.96 26.07 29.31
C GLY C 394 2.57 25.88 30.69
N PRO C 395 3.42 26.82 31.10
CA PRO C 395 4.12 26.64 32.39
C PRO C 395 3.19 26.62 33.59
N VAL C 396 2.08 27.34 33.56
CA VAL C 396 1.31 27.59 34.77
C VAL C 396 0.69 26.30 35.28
N LEU C 397 0.01 25.56 34.41
CA LEU C 397 -0.84 24.46 34.85
C LEU C 397 -0.11 23.52 35.81
N TRP C 398 1.11 23.12 35.45
CA TRP C 398 1.82 22.13 36.26
C TRP C 398 2.30 22.71 37.57
N ILE C 399 2.44 24.02 37.67
CA ILE C 399 2.69 24.66 38.97
C ILE C 399 1.41 24.69 39.79
N TYR C 400 0.32 25.14 39.18
CA TYR C 400 -0.92 25.34 39.92
C TYR C 400 -1.46 24.04 40.49
N LEU C 401 -1.54 23.00 39.65
CA LEU C 401 -2.09 21.72 40.11
C LEU C 401 -1.39 21.22 41.36
N HIS C 402 -0.11 21.50 41.51
CA HIS C 402 0.65 21.10 42.69
C HIS C 402 0.78 22.25 43.70
N GLU C 403 -0.28 23.03 43.86
CA GLU C 403 -0.39 23.94 45.00
C GLU C 403 -1.86 24.27 45.30
N MET C 404 -2.76 23.93 44.38
CA MET C 404 -4.18 24.23 44.57
C MET C 404 -4.92 23.16 45.36
N PHE C 405 -4.28 22.01 45.62
CA PHE C 405 -4.98 20.90 46.24
C PHE C 405 -4.54 20.74 47.70
N PRO C 406 -5.46 20.36 48.59
CA PRO C 406 -5.08 20.10 49.97
C PRO C 406 -4.30 18.81 50.12
N SER C 407 -3.55 18.73 51.21
CA SER C 407 -2.65 17.59 51.42
C SER C 407 -3.40 16.27 51.52
N GLU C 408 -4.69 16.29 51.85
CA GLU C 408 -5.44 15.04 51.95
C GLU C 408 -5.54 14.34 50.60
N ILE C 409 -5.57 15.10 49.50
CA ILE C 409 -5.70 14.52 48.17
C ILE C 409 -4.70 15.17 47.22
N LYS C 410 -3.68 15.81 47.78
CA LYS C 410 -2.69 16.55 46.99
C LYS C 410 -2.20 15.70 45.83
N ASP C 411 -1.49 14.61 46.15
CA ASP C 411 -0.80 13.84 45.12
C ASP C 411 -1.80 13.19 44.17
N SER C 412 -2.84 12.55 44.72
CA SER C 412 -3.82 11.86 43.89
C SER C 412 -4.54 12.84 42.97
N ALA C 413 -4.95 13.99 43.48
CA ALA C 413 -5.65 14.96 42.66
C ALA C 413 -4.73 15.53 41.57
N ALA C 414 -3.49 15.85 41.92
CA ALA C 414 -2.56 16.36 40.92
C ALA C 414 -2.35 15.34 39.82
N SER C 415 -2.18 14.06 40.19
CA SER C 415 -1.97 13.03 39.18
C SER C 415 -3.20 12.85 38.30
N LEU C 416 -4.40 12.93 38.89
CA LEU C 416 -5.62 12.75 38.10
C LEU C 416 -5.83 13.92 37.14
N ALA C 417 -5.48 15.14 37.56
CA ALA C 417 -5.58 16.26 36.65
C ALA C 417 -4.56 16.14 35.52
N SER C 418 -3.34 15.71 35.85
CA SER C 418 -2.35 15.46 34.81
C SER C 418 -2.82 14.37 33.84
N LEU C 419 -3.57 13.40 34.34
CA LEU C 419 -4.16 12.37 33.48
C LEU C 419 -5.18 12.98 32.52
N VAL C 420 -6.10 13.77 33.06
CA VAL C 420 -7.13 14.41 32.25
C VAL C 420 -6.49 15.28 31.19
N ASN C 421 -5.36 15.91 31.51
CA ASN C 421 -4.61 16.67 30.52
C ASN C 421 -4.39 15.84 29.25
N TRP C 422 -3.91 14.61 29.41
CA TRP C 422 -3.57 13.76 28.27
C TRP C 422 -4.80 13.20 27.59
N VAL C 423 -5.80 12.80 28.38
CA VAL C 423 -7.08 12.39 27.78
C VAL C 423 -7.58 13.47 26.83
N CYS C 424 -7.57 14.73 27.31
CA CYS C 424 -8.01 15.84 26.49
C CYS C 424 -7.10 16.07 25.29
N ALA C 425 -5.80 15.86 25.47
CA ALA C 425 -4.89 15.96 24.34
C ALA C 425 -5.31 15.02 23.22
N ILE C 426 -5.67 13.78 23.56
CA ILE C 426 -6.22 12.87 22.56
C ILE C 426 -7.45 13.50 21.90
N ILE C 427 -8.45 13.81 22.75
CA ILE C 427 -9.74 14.32 22.29
C ILE C 427 -9.57 15.48 21.32
N VAL C 428 -8.56 16.30 21.52
CA VAL C 428 -8.37 17.48 20.69
C VAL C 428 -7.55 17.16 19.45
N VAL C 429 -6.40 16.50 19.63
CA VAL C 429 -5.44 16.39 18.55
C VAL C 429 -6.03 15.59 17.39
N PHE C 430 -6.61 14.41 17.67
CA PHE C 430 -7.05 13.60 16.54
C PHE C 430 -8.23 14.24 15.82
N PRO C 431 -9.34 14.56 16.49
CA PRO C 431 -10.43 15.26 15.80
C PRO C 431 -10.00 16.60 15.23
N SER C 432 -9.04 17.29 15.84
CA SER C 432 -8.59 18.56 15.29
C SER C 432 -7.89 18.35 13.95
N ASP C 433 -7.09 17.29 13.82
CA ASP C 433 -6.51 16.97 12.52
C ASP C 433 -7.61 16.74 11.49
N ILE C 434 -8.60 15.91 11.83
CA ILE C 434 -9.68 15.66 10.88
C ILE C 434 -10.34 16.98 10.47
N ILE C 435 -10.70 17.81 11.46
CA ILE C 435 -11.48 19.00 11.19
C ILE C 435 -10.67 20.00 10.36
N ILE C 436 -9.46 20.33 10.81
CA ILE C 436 -8.61 21.22 10.03
C ILE C 436 -8.37 20.67 8.65
N LYS C 437 -8.47 19.35 8.46
CA LYS C 437 -8.47 18.80 7.12
C LYS C 437 -9.75 19.18 6.37
N LYS C 438 -10.88 19.28 7.08
CA LYS C 438 -12.13 19.65 6.41
C LYS C 438 -12.33 21.17 6.32
N SER C 439 -12.27 21.88 7.45
CA SER C 439 -12.53 23.32 7.45
C SER C 439 -11.70 24.03 8.52
N PRO C 440 -10.66 24.79 8.13
CA PRO C 440 -9.88 25.51 9.15
C PRO C 440 -10.70 26.50 9.96
N SER C 441 -11.67 27.17 9.32
CA SER C 441 -12.50 28.12 10.04
C SER C 441 -13.09 27.48 11.30
N ILE C 442 -13.94 26.46 11.12
CA ILE C 442 -14.60 25.79 12.24
C ILE C 442 -13.61 25.59 13.38
N LEU C 443 -12.43 25.03 13.09
CA LEU C 443 -11.45 24.78 14.14
C LEU C 443 -11.02 26.08 14.82
N PHE C 444 -10.75 27.12 14.04
CA PHE C 444 -10.24 28.36 14.63
C PHE C 444 -11.33 29.06 15.45
N ILE C 445 -12.56 29.09 14.94
CA ILE C 445 -13.69 29.61 15.70
C ILE C 445 -13.85 28.83 17.00
N VAL C 446 -13.71 27.50 16.94
CA VAL C 446 -13.93 26.69 18.13
C VAL C 446 -12.81 26.89 19.15
N PHE C 447 -11.57 27.05 18.69
CA PHE C 447 -10.49 27.28 19.62
C PHE C 447 -10.56 28.68 20.23
N SER C 448 -11.03 29.67 19.46
CA SER C 448 -11.34 30.97 20.03
C SER C 448 -12.45 30.85 21.07
N VAL C 449 -13.49 30.06 20.77
CA VAL C 449 -14.57 29.83 21.71
C VAL C 449 -14.05 29.20 22.99
N MET C 450 -13.14 28.25 22.86
CA MET C 450 -12.58 27.59 24.04
C MET C 450 -11.66 28.52 24.80
N SER C 451 -10.96 29.42 24.10
CA SER C 451 -10.20 30.47 24.79
C SER C 451 -11.14 31.34 25.63
N ILE C 452 -12.31 31.67 25.08
CA ILE C 452 -13.25 32.52 25.81
C ILE C 452 -13.84 31.78 27.00
N LEU C 453 -14.28 30.54 26.78
CA LEU C 453 -14.82 29.73 27.87
C LEU C 453 -13.78 29.50 28.95
N THR C 454 -12.53 29.30 28.55
CA THR C 454 -11.43 29.16 29.49
C THR C 454 -11.21 30.46 30.26
N PHE C 455 -11.22 31.59 29.55
CA PHE C 455 -11.07 32.89 30.19
C PHE C 455 -12.11 33.08 31.28
N PHE C 456 -13.38 32.84 30.95
CA PHE C 456 -14.45 33.09 31.91
C PHE C 456 -14.44 32.06 33.03
N PHE C 457 -14.13 30.80 32.72
CA PHE C 457 -13.98 29.79 33.78
C PHE C 457 -12.93 30.23 34.78
N ILE C 458 -11.74 30.57 34.31
CA ILE C 458 -10.68 31.04 35.20
C ILE C 458 -11.14 32.28 35.95
N PHE C 459 -11.77 33.21 35.24
CA PHE C 459 -12.13 34.50 35.82
C PHE C 459 -13.13 34.35 36.96
N PHE C 460 -14.00 33.35 36.89
CA PHE C 460 -15.05 33.18 37.88
C PHE C 460 -14.73 32.15 38.96
N PHE C 461 -14.03 31.07 38.61
CA PHE C 461 -13.86 29.92 39.48
C PHE C 461 -12.46 29.74 40.00
N ILE C 462 -11.45 29.89 39.15
CA ILE C 462 -10.06 29.67 39.54
C ILE C 462 -9.62 30.79 40.48
N LYS C 463 -9.05 30.42 41.62
CA LYS C 463 -8.54 31.38 42.60
C LYS C 463 -7.02 31.36 42.62
N GLU C 464 -6.46 32.44 43.15
CA GLU C 464 -5.01 32.59 43.23
C GLU C 464 -4.43 31.68 44.31
N THR C 465 -3.29 31.06 43.99
CA THR C 465 -2.62 30.15 44.92
C THR C 465 -1.21 30.60 45.27
N LYS C 466 -0.73 31.70 44.71
CA LYS C 466 0.67 32.07 44.85
C LYS C 466 1.00 32.41 46.30
N GLY C 467 2.24 32.13 46.69
CA GLY C 467 2.73 32.45 48.01
C GLY C 467 2.12 31.63 49.12
N GLY C 468 1.13 30.79 48.82
CA GLY C 468 0.60 29.91 49.84
C GLY C 468 1.67 28.95 50.34
N GLU C 469 1.57 28.61 51.61
CA GLU C 469 2.46 27.61 52.20
C GLU C 469 2.21 26.27 51.51
N ILE C 470 2.87 25.21 51.93
CA ILE C 470 2.73 23.92 51.27
C ILE C 470 1.69 23.10 52.00
N GLY C 471 0.86 22.40 51.23
CA GLY C 471 -0.31 21.73 51.77
C GLY C 471 -1.54 22.59 51.89
N THR C 472 -1.56 23.75 51.24
CA THR C 472 -2.66 24.69 51.33
C THR C 472 -3.39 24.79 49.99
N SER C 473 -4.68 25.08 50.07
CA SER C 473 -5.51 25.31 48.90
C SER C 473 -6.41 26.51 49.17
N PRO C 474 -6.57 27.41 48.20
CA PRO C 474 -7.46 28.56 48.41
C PRO C 474 -8.94 28.20 48.37
N TYR C 475 -9.29 26.93 48.18
CA TYR C 475 -10.66 26.52 47.99
C TYR C 475 -11.34 26.00 49.25
N ILE C 476 -10.60 25.31 50.12
CA ILE C 476 -11.18 24.70 51.32
C ILE C 476 -10.68 25.45 52.54
N THR C 477 -11.60 25.74 53.47
CA THR C 477 -11.26 26.37 54.72
C THR C 477 -10.85 25.31 55.75
N MET C 478 -10.06 25.76 56.74
CA MET C 478 -9.60 24.84 57.78
C MET C 478 -10.78 24.25 58.54
N GLU C 479 -11.85 25.01 58.73
CA GLU C 479 -13.03 24.49 59.42
C GLU C 479 -13.69 23.37 58.62
N GLU C 480 -13.65 23.45 57.29
CA GLU C 480 -14.19 22.38 56.47
C GLU C 480 -13.36 21.11 56.59
N ARG C 481 -12.06 21.25 56.86
CA ARG C 481 -11.20 20.08 57.02
C ARG C 481 -11.55 19.32 58.29
N GLN C 482 -11.77 20.04 59.40
CA GLN C 482 -12.13 19.39 60.66
C GLN C 482 -13.48 18.70 60.58
N LYS C 483 -14.36 19.12 59.66
CA LYS C 483 -15.67 18.51 59.48
C LYS C 483 -15.57 16.99 59.56
N HIS C 484 -15.68 16.46 60.77
CA HIS C 484 -15.51 15.03 61.04
C HIS C 484 -14.29 14.47 60.30
N MET C 485 -13.13 15.00 60.66
CA MET C 485 -11.86 14.53 60.13
C MET C 485 -11.61 13.09 60.59
N PHE D 8 3.50 -32.10 53.66
CA PHE D 8 2.19 -32.32 53.07
C PHE D 8 1.77 -31.09 52.26
N PHE D 9 0.61 -31.18 51.61
CA PHE D 9 0.01 -30.04 50.93
C PHE D 9 -0.42 -28.95 51.92
N SER D 10 0.45 -28.59 52.85
CA SER D 10 0.11 -27.61 53.87
C SER D 10 -0.05 -26.22 53.23
N THR D 11 -0.23 -25.20 54.08
CA THR D 11 -0.32 -23.83 53.60
C THR D 11 1.00 -23.34 53.00
N SER D 12 2.10 -23.69 53.67
CA SER D 12 3.42 -23.38 53.13
C SER D 12 3.59 -23.90 51.71
N PHE D 13 2.98 -25.04 51.40
CA PHE D 13 3.05 -25.57 50.05
C PHE D 13 2.37 -24.62 49.06
N LYS D 14 1.22 -24.07 49.44
CA LYS D 14 0.53 -23.13 48.57
C LYS D 14 1.36 -21.88 48.35
N TYR D 15 1.99 -21.36 49.40
CA TYR D 15 2.82 -20.17 49.23
C TYR D 15 4.03 -20.45 48.33
N VAL D 16 4.67 -21.61 48.52
CA VAL D 16 5.84 -21.91 47.70
C VAL D 16 5.44 -22.09 46.24
N LEU D 17 4.29 -22.72 45.99
CA LEU D 17 3.83 -22.84 44.61
C LEU D 17 3.49 -21.47 44.03
N SER D 18 2.94 -20.58 44.86
CA SER D 18 2.74 -19.20 44.43
C SER D 18 4.03 -18.57 43.96
N ALA D 19 5.15 -18.91 44.60
CA ALA D 19 6.43 -18.40 44.13
C ALA D 19 6.92 -19.11 42.87
N CYS D 20 6.47 -20.36 42.64
CA CYS D 20 7.01 -21.14 41.54
C CYS D 20 6.52 -20.73 40.14
N ILE D 21 5.54 -19.83 40.02
CA ILE D 21 5.21 -19.32 38.69
C ILE D 21 6.44 -18.69 38.05
N ALA D 22 7.20 -17.93 38.83
CA ALA D 22 8.44 -17.34 38.33
C ALA D 22 9.44 -18.41 37.91
N SER D 23 9.48 -19.55 38.61
CA SER D 23 10.35 -20.65 38.20
C SER D 23 9.93 -21.20 36.85
N PHE D 24 8.61 -21.33 36.64
CA PHE D 24 8.14 -21.80 35.34
C PHE D 24 8.53 -20.83 34.25
N ILE D 25 8.37 -19.52 34.50
CA ILE D 25 8.73 -18.53 33.48
C ILE D 25 10.23 -18.60 33.21
N PHE D 26 11.04 -18.77 34.26
CA PHE D 26 12.47 -19.01 34.09
C PHE D 26 12.71 -20.11 33.07
N GLY D 27 12.25 -21.32 33.37
CA GLY D 27 12.51 -22.44 32.46
C GLY D 27 12.00 -22.19 31.05
N TYR D 28 10.77 -21.69 30.94
CA TYR D 28 10.16 -21.47 29.63
C TYR D 28 10.98 -20.49 28.81
N GLN D 29 11.19 -19.29 29.34
CA GLN D 29 11.99 -18.30 28.63
C GLN D 29 13.39 -18.80 28.35
N VAL D 30 13.88 -19.78 29.12
CA VAL D 30 15.21 -20.32 28.85
C VAL D 30 15.20 -21.15 27.58
N SER D 31 14.25 -22.07 27.45
CA SER D 31 14.30 -23.03 26.35
C SER D 31 13.38 -22.69 25.18
N VAL D 32 12.55 -21.64 25.29
CA VAL D 32 11.59 -21.36 24.22
C VAL D 32 12.30 -20.86 22.97
N LEU D 33 13.35 -20.04 23.13
CA LEU D 33 14.07 -19.54 21.97
C LEU D 33 14.65 -20.69 21.15
N ASN D 34 15.29 -21.64 21.84
CA ASN D 34 15.94 -22.75 21.14
C ASN D 34 14.94 -23.64 20.42
N THR D 35 13.70 -23.68 20.92
CA THR D 35 12.72 -24.60 20.36
C THR D 35 12.29 -24.21 18.95
N ILE D 36 12.18 -22.91 18.68
CA ILE D 36 11.60 -22.39 17.45
C ILE D 36 12.63 -21.62 16.62
N LYS D 37 13.91 -21.74 16.96
CA LYS D 37 14.92 -20.82 16.42
C LYS D 37 15.02 -20.93 14.91
N ASN D 38 14.91 -22.14 14.36
CA ASN D 38 14.98 -22.30 12.91
C ASN D 38 14.06 -21.31 12.23
N PHE D 39 12.81 -21.22 12.69
CA PHE D 39 11.84 -20.36 12.02
C PHE D 39 12.35 -18.93 11.97
N ILE D 40 12.82 -18.44 13.11
CA ILE D 40 13.31 -17.06 13.16
C ILE D 40 14.46 -16.89 12.18
N VAL D 41 15.39 -17.87 12.15
CA VAL D 41 16.52 -17.77 11.24
C VAL D 41 16.03 -17.64 9.80
N VAL D 42 14.96 -18.35 9.46
CA VAL D 42 14.43 -18.25 8.10
C VAL D 42 13.65 -16.95 7.96
N GLU D 43 12.84 -16.61 8.95
CA GLU D 43 11.99 -15.42 8.83
C GLU D 43 12.83 -14.17 8.76
N PHE D 44 13.71 -13.97 9.75
CA PHE D 44 14.59 -12.81 9.74
C PHE D 44 15.62 -12.88 8.62
N GLU D 45 15.75 -14.04 7.97
CA GLU D 45 16.60 -14.21 6.80
C GLU D 45 18.04 -13.79 7.10
N TRP D 46 18.62 -14.47 8.08
CA TRP D 46 20.02 -14.25 8.42
C TRP D 46 20.94 -14.92 7.40
N CYS D 47 20.48 -15.99 6.76
CA CYS D 47 21.22 -16.72 5.75
C CYS D 47 20.47 -16.73 4.43
N LYS D 48 19.77 -15.64 4.12
CA LYS D 48 18.97 -15.63 2.89
C LYS D 48 19.82 -15.43 1.65
N GLY D 49 20.99 -14.80 1.80
CA GLY D 49 21.91 -14.60 0.72
C GLY D 49 22.74 -15.81 0.35
N GLU D 50 22.42 -16.97 0.90
CA GLU D 50 23.21 -18.18 0.69
C GLU D 50 22.38 -19.27 0.01
N LYS D 51 23.06 -20.39 -0.29
CA LYS D 51 22.35 -21.57 -0.76
C LYS D 51 21.61 -22.25 0.38
N ASP D 52 22.26 -22.37 1.53
CA ASP D 52 21.67 -22.98 2.72
C ASP D 52 21.09 -21.88 3.59
N ARG D 53 19.79 -21.98 3.89
CA ARG D 53 19.09 -20.93 4.61
C ARG D 53 19.10 -21.10 6.12
N LEU D 54 19.51 -22.26 6.63
CA LEU D 54 19.56 -22.50 8.06
C LEU D 54 20.97 -22.52 8.64
N ASN D 55 21.95 -23.00 7.90
CA ASN D 55 23.32 -23.12 8.39
C ASN D 55 24.19 -22.14 7.62
N CYS D 56 24.73 -21.15 8.32
CA CYS D 56 25.69 -20.23 7.75
C CYS D 56 26.47 -19.60 8.89
N SER D 57 27.45 -18.76 8.54
CA SER D 57 28.27 -18.13 9.57
C SER D 57 27.47 -17.11 10.36
N ASN D 58 26.69 -16.27 9.67
CA ASN D 58 25.92 -15.24 10.35
C ASN D 58 24.93 -15.84 11.34
N ASN D 59 24.30 -16.96 10.99
CA ASN D 59 23.39 -17.60 11.92
C ASN D 59 24.11 -18.00 13.20
N THR D 60 25.26 -18.66 13.07
CA THR D 60 26.05 -19.04 14.23
C THR D 60 26.39 -17.82 15.08
N ILE D 61 26.85 -16.76 14.44
CA ILE D 61 27.26 -15.54 15.14
C ILE D 61 26.10 -14.98 15.96
N GLN D 62 24.96 -14.74 15.30
CA GLN D 62 23.85 -14.07 15.96
C GLN D 62 23.20 -14.97 17.01
N SER D 63 23.19 -16.29 16.79
CA SER D 63 22.63 -17.21 17.80
C SER D 63 23.51 -17.27 19.03
N SER D 64 24.83 -17.27 18.83
CA SER D 64 25.74 -17.17 19.96
C SER D 64 25.44 -15.90 20.76
N PHE D 65 25.18 -14.80 20.05
CA PHE D 65 24.81 -13.57 20.76
C PHE D 65 23.52 -13.74 21.55
N LEU D 66 22.54 -14.45 21.00
CA LEU D 66 21.27 -14.62 21.71
C LEU D 66 21.48 -15.40 23.02
N LEU D 67 22.21 -16.51 22.96
CA LEU D 67 22.45 -17.26 24.19
C LEU D 67 23.26 -16.43 25.18
N ALA D 68 24.27 -15.71 24.69
CA ALA D 68 25.04 -14.84 25.56
C ALA D 68 24.14 -13.78 26.19
N SER D 69 23.13 -13.32 25.47
CA SER D 69 22.20 -12.35 26.04
C SER D 69 21.47 -12.95 27.23
N VAL D 70 20.97 -14.18 27.09
CA VAL D 70 20.26 -14.79 28.22
C VAL D 70 21.20 -14.94 29.42
N PHE D 71 22.42 -15.47 29.18
CA PHE D 71 23.33 -15.71 30.31
C PHE D 71 23.75 -14.40 30.98
N ILE D 72 24.13 -13.40 30.19
CA ILE D 72 24.59 -12.13 30.73
C ILE D 72 23.46 -11.43 31.48
N GLY D 73 22.26 -11.47 30.92
CA GLY D 73 21.11 -10.91 31.61
C GLY D 73 20.88 -11.60 32.94
N ALA D 74 21.09 -12.92 32.99
CA ALA D 74 20.90 -13.61 34.26
C ALA D 74 21.97 -13.21 35.28
N VAL D 75 23.20 -13.03 34.83
CA VAL D 75 24.24 -12.51 35.73
C VAL D 75 23.78 -11.18 36.33
N LEU D 76 23.36 -10.24 35.47
CA LEU D 76 22.95 -8.93 35.95
C LEU D 76 21.72 -9.02 36.84
N GLY D 77 20.77 -9.89 36.50
CA GLY D 77 19.58 -10.03 37.30
C GLY D 77 19.89 -10.58 38.68
N CYS D 78 20.81 -11.53 38.76
CA CYS D 78 21.22 -12.05 40.06
C CYS D 78 21.92 -10.96 40.87
N GLY D 79 22.83 -10.22 40.25
CA GLY D 79 23.52 -9.16 40.98
C GLY D 79 22.58 -8.10 41.51
N PHE D 80 21.57 -7.72 40.72
CA PHE D 80 20.60 -6.73 41.13
C PHE D 80 19.53 -7.29 42.07
N SER D 81 19.31 -8.61 42.04
CA SER D 81 18.25 -9.20 42.84
C SER D 81 18.51 -9.06 44.33
N GLY D 82 19.77 -8.96 44.75
CA GLY D 82 20.04 -8.66 46.15
C GLY D 82 19.40 -7.34 46.57
N TYR D 83 19.58 -6.32 45.74
CA TYR D 83 19.03 -5.01 46.07
C TYR D 83 17.52 -4.96 45.85
N LEU D 84 17.01 -5.77 44.93
CA LEU D 84 15.56 -5.84 44.77
C LEU D 84 14.93 -6.53 45.97
N VAL D 85 15.50 -7.67 46.39
CA VAL D 85 14.95 -8.43 47.50
C VAL D 85 15.10 -7.65 48.79
N GLN D 86 16.05 -6.71 48.85
CA GLN D 86 16.18 -5.87 50.04
C GLN D 86 14.92 -5.06 50.30
N PHE D 87 14.15 -4.74 49.25
CA PHE D 87 12.87 -4.05 49.39
C PHE D 87 11.69 -5.01 49.48
N GLY D 88 11.92 -6.32 49.35
CA GLY D 88 10.83 -7.28 49.49
C GLY D 88 11.03 -8.55 48.69
N ARG D 89 10.62 -9.67 49.28
CA ARG D 89 10.69 -10.95 48.58
C ARG D 89 9.49 -11.10 47.64
N ARG D 90 8.28 -11.06 48.20
CA ARG D 90 7.08 -11.03 47.38
C ARG D 90 7.08 -9.83 46.46
N LEU D 91 7.67 -8.71 46.89
CA LEU D 91 7.85 -7.59 45.96
C LEU D 91 8.71 -8.01 44.78
N SER D 92 9.81 -8.73 45.04
CA SER D 92 10.67 -9.19 43.97
C SER D 92 9.88 -10.08 43.00
N LEU D 93 9.04 -10.97 43.54
CA LEU D 93 8.23 -11.83 42.67
C LEU D 93 7.25 -11.01 41.85
N LEU D 94 6.60 -10.02 42.46
CA LEU D 94 5.67 -9.16 41.73
C LEU D 94 6.37 -8.45 40.58
N ILE D 95 7.51 -7.81 40.88
CA ILE D 95 8.28 -7.11 39.86
C ILE D 95 8.71 -8.07 38.77
N ILE D 96 9.10 -9.28 39.16
CA ILE D 96 9.51 -10.29 38.18
C ILE D 96 8.36 -10.60 37.23
N TYR D 97 7.15 -10.74 37.78
CA TYR D 97 6.00 -11.06 36.95
C TYR D 97 5.69 -9.92 35.98
N ASN D 98 5.64 -8.68 36.48
CA ASN D 98 5.43 -7.54 35.59
C ASN D 98 6.49 -7.52 34.49
N PHE D 99 7.75 -7.72 34.90
CA PHE D 99 8.88 -7.71 33.98
C PHE D 99 8.70 -8.73 32.88
N PHE D 100 8.42 -9.99 33.26
CA PHE D 100 8.33 -11.04 32.26
C PHE D 100 7.07 -10.89 31.42
N PHE D 101 6.01 -10.29 31.97
CA PHE D 101 4.86 -9.95 31.16
C PHE D 101 5.28 -9.08 29.98
N LEU D 102 5.93 -7.95 30.27
CA LEU D 102 6.28 -7.05 29.17
C LEU D 102 7.43 -7.60 28.32
N VAL D 103 8.34 -8.37 28.91
CA VAL D 103 9.43 -8.92 28.12
C VAL D 103 8.90 -9.98 27.17
N SER D 104 7.92 -10.77 27.62
CA SER D 104 7.30 -11.75 26.73
C SER D 104 6.55 -11.04 25.61
N ILE D 105 5.86 -9.95 25.93
CA ILE D 105 5.18 -9.19 24.86
C ILE D 105 6.19 -8.71 23.82
N LEU D 106 7.24 -8.01 24.26
CA LEU D 106 8.19 -7.45 23.31
C LEU D 106 8.90 -8.57 22.55
N THR D 107 9.41 -9.56 23.26
CA THR D 107 10.03 -10.72 22.63
C THR D 107 9.12 -11.33 21.58
N SER D 108 7.80 -11.29 21.80
CA SER D 108 6.87 -11.84 20.84
C SER D 108 6.69 -10.94 19.63
N ILE D 109 6.94 -9.64 19.76
CA ILE D 109 6.68 -8.71 18.65
C ILE D 109 7.96 -8.27 17.94
N THR D 110 9.08 -8.94 18.17
CA THR D 110 10.34 -8.54 17.54
C THR D 110 10.40 -9.01 16.08
N HIS D 111 11.06 -8.21 15.24
CA HIS D 111 11.18 -8.50 13.83
C HIS D 111 12.59 -8.39 13.26
N HIS D 112 13.60 -8.10 14.08
CA HIS D 112 14.98 -8.04 13.62
C HIS D 112 15.89 -8.64 14.69
N PHE D 113 17.11 -8.95 14.28
CA PHE D 113 18.09 -9.52 15.22
C PHE D 113 18.31 -8.62 16.43
N HIS D 114 18.34 -7.30 16.22
CA HIS D 114 18.71 -6.38 17.29
C HIS D 114 17.61 -6.28 18.34
N THR D 115 16.36 -6.12 17.91
CA THR D 115 15.28 -5.98 18.87
C THR D 115 15.08 -7.25 19.68
N ILE D 116 15.14 -8.42 19.03
CA ILE D 116 14.97 -9.65 19.79
C ILE D 116 16.19 -9.92 20.66
N LEU D 117 17.38 -9.48 20.24
CA LEU D 117 18.54 -9.60 21.12
C LEU D 117 18.31 -8.81 22.40
N PHE D 118 17.86 -7.56 22.28
CA PHE D 118 17.55 -6.76 23.46
C PHE D 118 16.46 -7.43 24.30
N ALA D 119 15.45 -8.00 23.64
CA ALA D 119 14.37 -8.66 24.36
C ALA D 119 14.88 -9.86 25.16
N ARG D 120 15.73 -10.68 24.55
CA ARG D 120 16.28 -11.84 25.25
C ARG D 120 17.23 -11.43 26.35
N LEU D 121 17.97 -10.34 26.15
CA LEU D 121 18.80 -9.80 27.22
C LEU D 121 17.96 -9.50 28.46
N LEU D 122 16.86 -8.77 28.27
CA LEU D 122 16.00 -8.46 29.42
C LEU D 122 15.36 -9.73 29.98
N SER D 123 14.93 -10.65 29.11
CA SER D 123 14.36 -11.90 29.61
C SER D 123 15.36 -12.62 30.51
N GLY D 124 16.65 -12.57 30.16
CA GLY D 124 17.67 -13.14 31.02
C GLY D 124 17.84 -12.36 32.31
N PHE D 125 17.64 -11.04 32.25
CA PHE D 125 17.63 -10.25 33.48
C PHE D 125 16.55 -10.76 34.44
N GLY D 126 15.35 -11.00 33.89
CA GLY D 126 14.28 -11.55 34.71
C GLY D 126 14.60 -12.95 35.22
N ILE D 127 15.25 -13.75 34.38
CA ILE D 127 15.74 -15.06 34.81
C ILE D 127 16.60 -14.92 36.05
N GLY D 128 17.56 -13.98 36.00
CA GLY D 128 18.44 -13.78 37.14
C GLY D 128 17.71 -13.29 38.37
N LEU D 129 16.70 -12.44 38.17
CA LEU D 129 15.86 -12.04 39.31
C LEU D 129 15.21 -13.26 39.95
N VAL D 130 14.63 -14.13 39.12
CA VAL D 130 13.95 -15.32 39.61
C VAL D 130 14.89 -16.17 40.43
N THR D 131 16.07 -16.45 39.86
CA THR D 131 17.00 -17.37 40.51
C THR D 131 17.27 -17.02 41.96
N VAL D 132 17.21 -15.75 42.32
CA VAL D 132 17.49 -15.31 43.68
C VAL D 132 16.20 -15.13 44.47
N SER D 133 15.16 -14.57 43.86
CA SER D 133 13.96 -14.24 44.61
C SER D 133 13.21 -15.50 45.02
N VAL D 134 13.05 -16.44 44.09
CA VAL D 134 12.17 -17.57 44.35
C VAL D 134 12.77 -18.50 45.40
N PRO D 135 14.03 -18.91 45.29
CA PRO D 135 14.59 -19.78 46.34
C PRO D 135 14.62 -19.11 47.71
N MET D 136 14.87 -17.81 47.77
CA MET D 136 14.86 -17.13 49.07
C MET D 136 13.44 -17.06 49.63
N TYR D 137 12.47 -16.70 48.80
CA TYR D 137 11.08 -16.68 49.24
C TYR D 137 10.67 -18.03 49.79
N ILE D 138 11.03 -19.11 49.09
CA ILE D 138 10.74 -20.46 49.59
C ILE D 138 11.51 -20.71 50.88
N SER D 139 12.74 -20.19 50.97
CA SER D 139 13.55 -20.35 52.17
C SER D 139 12.87 -19.76 53.39
N GLU D 140 12.13 -18.66 53.21
CA GLU D 140 11.59 -17.91 54.33
C GLU D 140 10.09 -18.05 54.48
N MET D 141 9.43 -18.86 53.65
CA MET D 141 7.99 -19.06 53.72
C MET D 141 7.61 -20.50 54.06
N THR D 142 8.54 -21.27 54.65
CA THR D 142 8.33 -22.69 54.85
C THR D 142 8.67 -23.07 56.29
N HIS D 143 8.16 -24.23 56.69
CA HIS D 143 8.56 -24.83 57.95
C HIS D 143 10.06 -25.13 57.87
N LYS D 144 10.81 -24.71 58.89
CA LYS D 144 12.26 -24.88 58.83
C LYS D 144 12.62 -26.35 58.64
N ASP D 145 11.76 -27.26 59.07
CA ASP D 145 11.99 -28.69 58.88
C ASP D 145 11.66 -29.15 57.48
N LYS D 146 11.04 -28.30 56.66
CA LYS D 146 10.56 -28.68 55.33
C LYS D 146 11.18 -27.81 54.24
N LYS D 147 12.31 -27.18 54.53
CA LYS D 147 12.92 -26.25 53.58
C LYS D 147 13.32 -26.95 52.28
N GLY D 148 13.97 -28.11 52.40
CA GLY D 148 14.49 -28.76 51.20
C GLY D 148 13.39 -29.26 50.27
N ALA D 149 12.39 -29.95 50.83
CA ALA D 149 11.33 -30.52 50.00
C ALA D 149 10.65 -29.44 49.16
N TYR D 150 10.30 -28.32 49.78
CA TYR D 150 9.66 -27.23 49.04
C TYR D 150 10.64 -26.42 48.21
N GLY D 151 11.94 -26.48 48.53
CA GLY D 151 12.94 -25.83 47.70
C GLY D 151 13.20 -26.53 46.39
N VAL D 152 12.92 -27.84 46.32
CA VAL D 152 12.99 -28.55 45.05
C VAL D 152 11.91 -28.04 44.11
N MET D 153 10.81 -27.52 44.65
CA MET D 153 9.71 -27.03 43.81
C MET D 153 10.19 -25.99 42.82
N HIS D 154 11.11 -25.12 43.23
CA HIS D 154 11.67 -24.11 42.33
C HIS D 154 12.28 -24.78 41.10
N GLN D 155 13.24 -25.69 41.33
CA GLN D 155 13.86 -26.38 40.21
C GLN D 155 12.86 -27.28 39.49
N LEU D 156 11.88 -27.83 40.22
CA LEU D 156 10.87 -28.65 39.57
C LEU D 156 10.11 -27.86 38.51
N PHE D 157 9.66 -26.66 38.87
CA PHE D 157 8.94 -25.86 37.88
C PHE D 157 9.87 -25.31 36.81
N ILE D 158 11.15 -25.10 37.12
CA ILE D 158 12.11 -24.76 36.06
C ILE D 158 12.11 -25.87 35.00
N THR D 159 12.26 -27.11 35.46
CA THR D 159 12.29 -28.24 34.55
C THR D 159 10.99 -28.37 33.79
N PHE D 160 9.85 -28.19 34.48
CA PHE D 160 8.57 -28.24 33.79
C PHE D 160 8.45 -27.15 32.74
N GLY D 161 9.03 -25.98 32.99
CA GLY D 161 8.99 -24.92 32.00
C GLY D 161 9.76 -25.29 30.75
N ILE D 162 10.96 -25.84 30.92
CA ILE D 162 11.69 -26.31 29.73
C ILE D 162 10.87 -27.37 28.99
N PHE D 163 10.28 -28.29 29.74
CA PHE D 163 9.49 -29.35 29.14
C PHE D 163 8.33 -28.78 28.33
N VAL D 164 7.59 -27.83 28.91
CA VAL D 164 6.45 -27.23 28.23
C VAL D 164 6.88 -26.49 26.98
N ALA D 165 8.00 -25.77 27.05
CA ALA D 165 8.48 -25.04 25.87
C ALA D 165 8.77 -26.01 24.73
N VAL D 166 9.49 -27.09 25.04
CA VAL D 166 9.79 -28.06 24.00
C VAL D 166 8.51 -28.69 23.48
N MET D 167 7.52 -28.87 24.36
CA MET D 167 6.24 -29.44 23.94
C MET D 167 5.54 -28.52 22.95
N LEU D 168 5.50 -27.22 23.23
CA LEU D 168 4.83 -26.29 22.34
C LEU D 168 5.53 -26.22 20.99
N GLY D 169 6.86 -26.36 20.97
CA GLY D 169 7.53 -26.39 19.69
C GLY D 169 7.12 -27.56 18.80
N LEU D 170 6.37 -28.51 19.34
CA LEU D 170 5.94 -29.67 18.56
C LEU D 170 4.70 -29.39 17.72
N ALA D 171 3.86 -28.45 18.15
CA ALA D 171 2.71 -28.04 17.33
C ALA D 171 3.14 -27.48 15.98
N MET D 172 4.42 -27.13 15.84
CA MET D 172 4.96 -26.67 14.57
C MET D 172 5.11 -27.84 13.60
N GLY D 173 5.46 -27.52 12.36
CA GLY D 173 5.60 -28.53 11.33
C GLY D 173 6.96 -29.20 11.33
N GLU D 174 7.53 -29.37 12.52
CA GLU D 174 8.82 -30.03 12.69
C GLU D 174 9.91 -29.36 11.86
N GLY D 175 9.84 -28.03 11.76
CA GLY D 175 10.92 -27.26 11.20
C GLY D 175 10.89 -27.18 9.69
N PRO D 176 11.46 -26.10 9.14
CA PRO D 176 11.65 -26.00 7.70
C PRO D 176 12.94 -26.63 7.21
N LYS D 177 12.91 -27.05 5.94
CA LYS D 177 14.09 -27.67 5.35
C LYS D 177 15.16 -26.60 5.11
N ALA D 178 16.42 -27.02 5.18
CA ALA D 178 17.52 -26.08 4.98
C ALA D 178 17.72 -25.74 3.50
N ASP D 179 17.53 -26.72 2.62
CA ASP D 179 17.75 -26.55 1.18
C ASP D 179 16.55 -25.98 0.45
N SER D 180 15.39 -25.86 1.10
CA SER D 180 14.17 -25.49 0.42
C SER D 180 14.09 -23.98 0.21
N THR D 181 13.02 -23.57 -0.49
CA THR D 181 12.72 -22.16 -0.72
C THR D 181 11.26 -21.84 -0.38
N GLU D 182 10.50 -22.80 0.12
CA GLU D 182 9.10 -22.57 0.43
C GLU D 182 8.96 -21.57 1.57
N PRO D 183 8.07 -20.58 1.45
CA PRO D 183 7.86 -19.66 2.59
C PRO D 183 7.31 -20.42 3.79
N LEU D 184 7.64 -19.92 4.97
CA LEU D 184 7.20 -20.57 6.21
C LEU D 184 5.67 -20.52 6.30
N THR D 185 5.12 -21.50 7.00
CA THR D 185 3.67 -21.54 7.20
C THR D 185 3.21 -20.34 8.01
N SER D 186 2.06 -19.79 7.63
CA SER D 186 1.49 -18.69 8.41
C SER D 186 1.26 -19.10 9.84
N PHE D 187 0.71 -20.31 10.05
CA PHE D 187 0.56 -20.82 11.40
C PHE D 187 1.88 -20.82 12.15
N ALA D 188 3.00 -21.05 11.45
CA ALA D 188 4.29 -21.07 12.13
C ALA D 188 4.70 -19.66 12.56
N LYS D 189 4.62 -18.70 11.63
CA LYS D 189 4.92 -17.30 11.94
C LYS D 189 4.03 -16.78 13.04
N LEU D 190 2.85 -17.38 13.22
CA LEU D 190 1.97 -17.02 14.33
C LEU D 190 2.40 -17.73 15.60
N TRP D 191 2.74 -19.00 15.48
CA TRP D 191 2.88 -19.87 16.63
C TRP D 191 4.15 -19.60 17.42
N TRP D 192 5.23 -19.25 16.73
CA TRP D 192 6.47 -19.00 17.47
C TRP D 192 6.38 -17.70 18.26
N ARG D 193 5.67 -16.71 17.72
CA ARG D 193 5.39 -15.49 18.47
C ARG D 193 4.44 -15.75 19.62
N LEU D 194 3.43 -16.60 19.39
CA LEU D 194 2.54 -17.00 20.48
C LEU D 194 3.32 -17.69 21.59
N MET D 195 4.33 -18.48 21.22
CA MET D 195 5.15 -19.14 22.23
C MET D 195 5.97 -18.13 23.01
N PHE D 196 6.52 -17.13 22.32
CA PHE D 196 7.25 -16.08 23.03
C PHE D 196 6.32 -15.27 23.93
N LEU D 197 5.03 -15.19 23.60
CA LEU D 197 4.08 -14.37 24.36
C LEU D 197 3.43 -15.11 25.52
N PHE D 198 3.26 -16.42 25.42
CA PHE D 198 2.61 -17.19 26.49
C PHE D 198 3.10 -16.85 27.90
N PRO D 199 4.39 -16.70 28.15
CA PRO D 199 4.83 -16.27 29.49
C PRO D 199 4.33 -14.89 29.89
N SER D 200 3.80 -14.07 28.97
CA SER D 200 3.08 -12.88 29.41
C SER D 200 1.85 -13.25 30.21
N VAL D 201 1.04 -14.17 29.65
CA VAL D 201 -0.13 -14.66 30.37
C VAL D 201 0.29 -15.32 31.68
N ILE D 202 1.39 -16.08 31.65
CA ILE D 202 1.81 -16.74 32.89
C ILE D 202 2.24 -15.72 33.94
N SER D 203 2.87 -14.62 33.51
CA SER D 203 3.23 -13.56 34.43
C SER D 203 1.97 -12.93 35.03
N LEU D 204 0.94 -12.71 34.21
CA LEU D 204 -0.32 -12.20 34.74
C LEU D 204 -0.88 -13.14 35.80
N ILE D 205 -0.84 -14.44 35.53
CA ILE D 205 -1.31 -15.44 36.48
C ILE D 205 -0.54 -15.33 37.78
N GLY D 206 0.78 -15.15 37.69
CA GLY D 206 1.58 -15.02 38.90
C GLY D 206 1.23 -13.79 39.71
N ILE D 207 1.08 -12.65 39.04
CA ILE D 207 0.67 -11.43 39.75
C ILE D 207 -0.67 -11.65 40.43
N LEU D 208 -1.61 -12.27 39.72
CA LEU D 208 -2.92 -12.57 40.28
C LEU D 208 -2.76 -13.39 41.56
N ALA D 209 -1.96 -14.45 41.50
CA ALA D 209 -1.78 -15.30 42.68
C ALA D 209 -1.18 -14.51 43.84
N LEU D 210 -0.18 -13.69 43.57
CA LEU D 210 0.49 -12.97 44.66
C LEU D 210 -0.45 -11.96 45.32
N VAL D 211 -1.15 -11.16 44.51
CA VAL D 211 -1.93 -10.07 45.07
C VAL D 211 -3.27 -10.55 45.64
N VAL D 212 -3.74 -11.72 45.24
CA VAL D 212 -5.06 -12.19 45.63
C VAL D 212 -4.97 -13.10 46.85
N PHE D 213 -4.33 -14.26 46.70
CA PHE D 213 -4.25 -15.22 47.80
C PHE D 213 -3.09 -14.91 48.74
N PHE D 214 -1.89 -14.81 48.18
CA PHE D 214 -0.65 -14.81 48.95
C PHE D 214 -0.08 -13.40 49.05
N LYS D 215 -0.81 -12.56 49.80
CA LYS D 215 -0.42 -11.16 49.92
C LYS D 215 0.74 -10.95 50.89
N GLU D 216 0.90 -11.82 51.88
CA GLU D 216 1.88 -11.57 52.92
C GLU D 216 3.31 -11.78 52.44
N GLU D 217 4.23 -11.02 53.04
CA GLU D 217 5.66 -11.18 52.82
C GLU D 217 6.21 -12.24 53.79
N THR D 218 7.51 -12.49 53.71
CA THR D 218 8.12 -13.51 54.55
C THR D 218 8.16 -13.07 56.01
N PRO D 219 7.97 -14.00 56.96
CA PRO D 219 8.09 -13.60 58.38
C PRO D 219 9.43 -12.97 58.70
N TYR D 220 10.51 -13.51 58.14
CA TYR D 220 11.85 -12.98 58.42
C TYR D 220 11.95 -11.51 58.04
N PHE D 221 11.52 -11.16 56.83
CA PHE D 221 11.58 -9.79 56.36
C PHE D 221 10.70 -8.88 57.20
N LEU D 222 9.49 -9.34 57.49
CA LEU D 222 8.55 -8.58 58.31
C LEU D 222 9.15 -8.26 59.68
N PHE D 223 9.76 -9.25 60.32
CA PHE D 223 10.41 -9.01 61.61
C PHE D 223 11.62 -8.10 61.46
N GLU D 224 12.35 -8.23 60.35
CA GLU D 224 13.54 -7.41 60.15
C GLU D 224 13.19 -5.92 60.09
N LYS D 225 12.08 -5.58 59.45
CA LYS D 225 11.72 -4.16 59.35
C LYS D 225 11.07 -3.60 60.61
N GLY D 226 10.80 -4.42 61.62
CA GLY D 226 10.17 -3.97 62.84
C GLY D 226 8.69 -4.25 62.93
N ARG D 227 8.06 -4.69 61.83
CA ARG D 227 6.66 -5.10 61.83
C ARG D 227 6.58 -6.50 62.44
N ILE D 228 6.64 -6.55 63.76
CA ILE D 228 6.83 -7.83 64.45
C ILE D 228 5.53 -8.64 64.44
N GLU D 229 4.40 -8.00 64.69
CA GLU D 229 3.15 -8.74 64.80
C GLU D 229 2.73 -9.37 63.48
N GLU D 230 2.94 -8.67 62.35
CA GLU D 230 2.65 -9.27 61.05
C GLU D 230 3.55 -10.48 60.81
N SER D 231 4.81 -10.38 61.22
CA SER D 231 5.70 -11.53 61.17
C SER D 231 5.08 -12.70 61.92
N LYS D 232 4.62 -12.46 63.15
CA LYS D 232 3.97 -13.53 63.91
C LYS D 232 2.77 -14.09 63.15
N ASN D 233 1.97 -13.23 62.53
CA ASN D 233 0.75 -13.68 61.88
C ASN D 233 1.07 -14.63 60.72
N ILE D 234 1.97 -14.21 59.82
CA ILE D 234 2.27 -15.08 58.69
C ILE D 234 3.02 -16.33 59.15
N LEU D 235 3.78 -16.24 60.26
CA LEU D 235 4.38 -17.43 60.83
C LEU D 235 3.31 -18.40 61.28
N LYS D 236 2.28 -17.89 61.96
CA LYS D 236 1.18 -18.73 62.41
C LYS D 236 0.39 -19.30 61.23
N LYS D 237 0.39 -18.61 60.09
CA LYS D 237 -0.30 -19.14 58.92
C LYS D 237 0.48 -20.26 58.25
N ILE D 238 1.80 -20.10 58.11
CA ILE D 238 2.57 -21.17 57.48
C ILE D 238 2.67 -22.36 58.43
N TYR D 239 2.71 -22.11 59.75
CA TYR D 239 2.79 -23.18 60.73
C TYR D 239 1.42 -23.65 61.20
N GLU D 240 0.37 -22.86 60.96
CA GLU D 240 -0.99 -23.28 61.24
C GLU D 240 -1.21 -23.50 62.73
N THR D 241 -0.48 -22.77 63.57
CA THR D 241 -0.57 -22.94 65.02
C THR D 241 -0.30 -21.62 65.72
N ASP D 242 -1.01 -21.39 66.83
CA ASP D 242 -0.90 -20.14 67.55
C ASP D 242 0.33 -20.09 68.46
N ASN D 243 0.78 -21.24 68.95
CA ASN D 243 2.03 -21.32 69.73
C ASN D 243 3.13 -21.76 68.79
N VAL D 244 3.87 -20.78 68.25
CA VAL D 244 4.93 -21.01 67.28
C VAL D 244 6.10 -20.10 67.62
N ASP D 245 6.51 -20.10 68.89
CA ASP D 245 7.54 -19.17 69.34
C ASP D 245 8.93 -19.53 68.85
N GLU D 246 9.21 -20.81 68.62
CA GLU D 246 10.58 -21.21 68.29
C GLU D 246 11.07 -20.61 66.98
N PRO D 247 10.35 -20.71 65.87
CA PRO D 247 10.80 -20.02 64.65
C PRO D 247 10.86 -18.51 64.82
N LEU D 248 9.93 -17.93 65.59
CA LEU D 248 9.96 -16.49 65.81
C LEU D 248 11.23 -16.09 66.57
N ASN D 249 11.69 -16.91 67.50
CA ASN D 249 12.93 -16.61 68.21
C ASN D 249 14.16 -16.88 67.35
N ALA D 250 14.10 -17.89 66.47
CA ALA D 250 15.17 -18.05 65.49
C ALA D 250 15.33 -16.78 64.67
N ILE D 251 14.21 -16.25 64.18
CA ILE D 251 14.23 -14.98 63.47
C ILE D 251 14.73 -13.87 64.37
N LYS D 252 14.34 -13.89 65.65
CA LYS D 252 14.74 -12.84 66.58
C LYS D 252 16.26 -12.77 66.70
N GLU D 253 16.89 -13.93 66.88
CA GLU D 253 18.35 -13.97 67.03
C GLU D 253 19.05 -13.63 65.72
N ALA D 254 18.59 -14.20 64.60
CA ALA D 254 19.20 -13.90 63.31
C ALA D 254 19.10 -12.43 62.98
N VAL D 255 17.94 -11.81 63.26
CA VAL D 255 17.73 -10.41 62.94
C VAL D 255 18.51 -9.51 63.90
N GLU D 256 18.67 -9.93 65.16
CA GLU D 256 19.53 -9.16 66.05
C GLU D 256 20.96 -9.19 65.56
N GLN D 257 21.41 -10.33 65.05
CA GLN D 257 22.73 -10.38 64.42
C GLN D 257 22.80 -9.51 63.17
N ASN D 258 21.70 -9.42 62.42
CA ASN D 258 21.68 -8.53 61.25
C ASN D 258 21.86 -7.07 61.68
N GLU D 259 21.10 -6.64 62.69
CA GLU D 259 21.23 -5.28 63.18
C GLU D 259 22.63 -5.03 63.71
N SER D 260 23.21 -6.02 64.38
CA SER D 260 24.58 -5.88 64.86
C SER D 260 25.57 -5.81 63.71
N ALA D 261 25.30 -6.53 62.62
CA ALA D 261 26.21 -6.52 61.48
C ALA D 261 26.21 -5.18 60.78
N LYS D 262 25.03 -4.63 60.50
CA LYS D 262 24.98 -3.28 59.95
C LYS D 262 25.52 -2.26 60.95
N LYS D 263 25.37 -2.54 62.25
CA LYS D 263 26.00 -1.68 63.25
C LYS D 263 27.52 -1.66 63.08
N ASN D 264 28.11 -2.82 62.78
CA ASN D 264 29.53 -2.91 62.47
C ASN D 264 29.80 -2.70 60.98
N SER D 265 28.78 -2.33 60.21
CA SER D 265 28.95 -1.97 58.79
C SER D 265 29.48 -3.14 57.99
N LEU D 266 28.98 -4.34 58.28
CA LEU D 266 29.43 -5.56 57.60
C LEU D 266 28.68 -5.67 56.27
N SER D 267 29.32 -5.22 55.19
CA SER D 267 28.84 -5.43 53.84
C SER D 267 29.53 -6.64 53.23
N LEU D 268 29.20 -6.92 51.97
CA LEU D 268 29.77 -8.09 51.30
C LEU D 268 31.28 -7.92 51.10
N LEU D 269 31.71 -6.74 50.65
CA LEU D 269 33.13 -6.53 50.46
C LEU D 269 33.86 -6.45 51.80
N SER D 270 33.21 -5.90 52.82
CA SER D 270 33.79 -5.94 54.16
C SER D 270 33.78 -7.36 54.72
N ALA D 271 32.71 -8.11 54.44
CA ALA D 271 32.70 -9.52 54.81
C ALA D 271 33.74 -10.30 54.03
N LEU D 272 34.00 -9.90 52.79
CA LEU D 272 35.06 -10.51 52.01
C LEU D 272 36.42 -10.23 52.62
N LYS D 273 36.55 -9.15 53.40
CA LYS D 273 37.80 -8.79 54.05
C LYS D 273 37.99 -9.47 55.41
N ILE D 274 36.90 -9.89 56.04
CA ILE D 274 36.98 -10.68 57.27
C ILE D 274 37.14 -12.14 56.84
N PRO D 275 38.22 -12.83 57.25
CA PRO D 275 38.44 -14.19 56.72
C PRO D 275 37.30 -15.14 57.02
N SER D 276 36.72 -15.05 58.22
CA SER D 276 35.64 -15.95 58.61
C SER D 276 34.53 -15.95 57.57
N TYR D 277 34.13 -14.76 57.12
CA TYR D 277 33.06 -14.65 56.16
C TYR D 277 33.54 -15.00 54.76
N ARG D 278 34.77 -14.61 54.41
CA ARG D 278 35.29 -14.87 53.09
C ARG D 278 35.32 -16.37 52.79
N TYR D 279 35.61 -17.19 53.81
CA TYR D 279 35.64 -18.64 53.54
C TYR D 279 34.29 -19.15 53.07
N VAL D 280 33.24 -18.90 53.86
CA VAL D 280 31.91 -19.39 53.48
C VAL D 280 31.44 -18.72 52.20
N ILE D 281 31.86 -17.47 51.96
CA ILE D 281 31.49 -16.78 50.72
C ILE D 281 32.08 -17.51 49.52
N ILE D 282 33.36 -17.86 49.61
CA ILE D 282 34.04 -18.50 48.49
C ILE D 282 33.56 -19.93 48.31
N LEU D 283 33.19 -20.61 49.41
CA LEU D 283 32.54 -21.90 49.26
C LEU D 283 31.22 -21.77 48.52
N GLY D 284 30.42 -20.76 48.86
CA GLY D 284 29.18 -20.53 48.13
C GLY D 284 29.44 -20.27 46.65
N CYS D 285 30.38 -19.38 46.37
CA CYS D 285 30.72 -19.08 44.98
C CYS D 285 31.14 -20.33 44.23
N LEU D 286 31.98 -21.17 44.85
CA LEU D 286 32.52 -22.33 44.16
C LEU D 286 31.47 -23.42 43.97
N LEU D 287 30.72 -23.73 45.02
CA LEU D 287 29.66 -24.72 44.89
C LEU D 287 28.64 -24.28 43.85
N SER D 288 28.37 -22.97 43.77
CA SER D 288 27.41 -22.47 42.79
C SER D 288 27.98 -22.50 41.38
N GLY D 289 29.27 -22.16 41.23
CA GLY D 289 29.87 -22.11 39.91
C GLY D 289 30.19 -23.47 39.32
N LEU D 290 30.43 -24.48 40.16
CA LEU D 290 30.77 -25.80 39.65
C LEU D 290 29.58 -26.50 39.02
N GLN D 291 28.36 -26.00 39.22
CA GLN D 291 27.20 -26.62 38.61
C GLN D 291 27.19 -26.50 37.09
N GLN D 292 27.78 -25.42 36.56
CA GLN D 292 27.79 -25.22 35.12
C GLN D 292 28.86 -26.04 34.43
N PHE D 293 29.88 -26.49 35.16
CA PHE D 293 30.96 -27.28 34.58
C PHE D 293 30.56 -28.72 34.30
N THR D 294 29.33 -29.12 34.62
CA THR D 294 28.83 -30.41 34.14
C THR D 294 28.53 -30.40 32.65
N GLY D 295 28.52 -29.23 32.01
CA GLY D 295 28.14 -29.14 30.62
C GLY D 295 26.67 -29.25 30.37
N ILE D 296 25.83 -28.93 31.37
CA ILE D 296 24.39 -29.10 31.20
C ILE D 296 23.85 -28.08 30.20
N ASN D 297 24.30 -26.83 30.30
CA ASN D 297 23.86 -25.83 29.35
C ASN D 297 24.54 -26.00 28.00
N VAL D 298 25.63 -26.76 27.94
CA VAL D 298 26.15 -27.21 26.66
C VAL D 298 25.10 -28.05 25.96
N LEU D 299 24.31 -28.80 26.74
CA LEU D 299 23.25 -29.63 26.19
C LEU D 299 21.99 -28.83 25.91
N VAL D 300 21.59 -27.97 26.85
CA VAL D 300 20.37 -27.17 26.66
C VAL D 300 20.54 -26.22 25.49
N SER D 301 21.70 -25.57 25.40
CA SER D 301 21.92 -24.58 24.36
C SER D 301 22.09 -25.24 23.00
N ASN D 302 22.79 -26.38 22.96
CA ASN D 302 23.13 -27.05 21.70
C ASN D 302 22.51 -28.44 21.60
N SER D 303 21.32 -28.65 22.17
CA SER D 303 20.70 -29.97 22.11
C SER D 303 20.57 -30.44 20.67
N ASN D 304 20.08 -29.56 19.79
CA ASN D 304 19.96 -29.91 18.38
C ASN D 304 21.33 -29.98 17.72
N GLU D 305 22.22 -29.06 18.09
CA GLU D 305 23.54 -28.99 17.46
C GLU D 305 24.43 -30.19 17.80
N LEU D 306 24.17 -30.87 18.92
CA LEU D 306 25.01 -31.98 19.32
C LEU D 306 24.77 -33.21 18.45
N TYR D 307 23.52 -33.48 18.07
CA TYR D 307 23.15 -34.72 17.42
C TYR D 307 22.85 -34.58 15.94
N LYS D 308 22.88 -33.36 15.40
CA LYS D 308 22.63 -33.16 13.98
C LYS D 308 23.65 -33.88 13.10
N GLU D 309 24.79 -34.27 13.69
CA GLU D 309 25.82 -34.96 12.91
C GLU D 309 25.39 -36.37 12.52
N PHE D 310 24.68 -37.06 13.41
CA PHE D 310 24.26 -38.44 13.18
C PHE D 310 22.77 -38.68 13.44
N LEU D 311 21.97 -37.63 13.52
CA LEU D 311 20.55 -37.77 13.83
C LEU D 311 19.71 -36.85 12.95
N ASP D 312 18.53 -37.34 12.58
CA ASP D 312 17.62 -36.61 11.72
C ASP D 312 16.63 -35.79 12.55
N SER D 313 15.77 -35.05 11.84
CA SER D 313 14.88 -34.09 12.50
C SER D 313 13.89 -34.79 13.43
N HIS D 314 13.22 -35.82 12.93
CA HIS D 314 12.20 -36.51 13.74
C HIS D 314 12.80 -37.06 15.02
N LEU D 315 13.98 -37.67 14.93
CA LEU D 315 14.60 -38.23 16.12
C LEU D 315 15.12 -37.16 17.06
N ILE D 316 15.63 -36.04 16.55
CA ILE D 316 16.01 -34.95 17.45
C ILE D 316 14.79 -34.44 18.19
N THR D 317 13.66 -34.32 17.49
CA THR D 317 12.41 -33.95 18.14
C THR D 317 12.08 -34.91 19.28
N ILE D 318 12.06 -36.21 18.98
CA ILE D 318 11.67 -37.20 19.99
C ILE D 318 12.67 -37.21 21.13
N LEU D 319 13.96 -37.09 20.81
CA LEU D 319 15.01 -37.09 21.81
C LEU D 319 14.84 -35.92 22.77
N SER D 320 14.61 -34.72 22.22
CA SER D 320 14.38 -33.55 23.07
C SER D 320 13.17 -33.77 23.95
N VAL D 321 12.07 -34.25 23.37
CA VAL D 321 10.86 -34.49 24.15
C VAL D 321 11.15 -35.40 25.33
N VAL D 322 11.79 -36.54 25.07
CA VAL D 322 11.95 -37.53 26.13
C VAL D 322 13.04 -37.08 27.12
N MET D 323 14.06 -36.37 26.64
CA MET D 323 15.07 -35.86 27.57
C MET D 323 14.47 -34.87 28.55
N THR D 324 13.62 -33.97 28.06
CA THR D 324 12.99 -33.00 28.95
C THR D 324 11.99 -33.68 29.87
N ALA D 325 11.21 -34.63 29.35
CA ALA D 325 10.27 -35.36 30.19
C ALA D 325 11.01 -36.13 31.28
N VAL D 326 12.18 -36.69 30.95
CA VAL D 326 12.96 -37.42 31.94
C VAL D 326 13.49 -36.46 33.01
N ASN D 327 14.04 -35.33 32.59
CA ASN D 327 14.49 -34.33 33.55
C ASN D 327 13.36 -33.96 34.51
N PHE D 328 12.17 -33.71 33.97
CA PHE D 328 11.05 -33.27 34.79
C PHE D 328 10.57 -34.37 35.73
N LEU D 329 10.50 -35.61 35.23
CA LEU D 329 10.09 -36.72 36.07
C LEU D 329 11.12 -37.02 37.15
N MET D 330 12.40 -36.83 36.85
CA MET D 330 13.49 -37.15 37.75
C MET D 330 13.83 -36.02 38.70
N THR D 331 13.23 -34.85 38.55
CA THR D 331 13.33 -33.88 39.64
C THR D 331 12.44 -34.26 40.82
N PHE D 332 11.43 -35.10 40.59
CA PHE D 332 10.52 -35.48 41.66
C PHE D 332 11.20 -36.26 42.77
N PRO D 333 12.00 -37.30 42.49
CA PRO D 333 12.64 -38.04 43.59
C PRO D 333 13.46 -37.14 44.50
N ALA D 334 13.99 -36.04 43.97
CA ALA D 334 14.77 -35.11 44.79
C ALA D 334 13.95 -34.58 45.95
N ILE D 335 12.64 -34.38 45.76
CA ILE D 335 11.82 -33.80 46.82
C ILE D 335 11.95 -34.59 48.10
N TYR D 336 11.97 -35.93 47.98
CA TYR D 336 12.09 -36.82 49.13
C TYR D 336 13.54 -37.07 49.51
N ILE D 337 14.42 -37.17 48.51
CA ILE D 337 15.80 -37.59 48.77
C ILE D 337 16.58 -36.46 49.45
N VAL D 338 16.34 -35.21 49.04
CA VAL D 338 17.03 -34.08 49.65
C VAL D 338 16.84 -34.08 51.16
N GLU D 339 15.64 -34.37 51.62
CA GLU D 339 15.32 -34.34 53.05
C GLU D 339 15.66 -35.65 53.75
N LYS D 340 15.57 -36.78 53.05
CA LYS D 340 15.85 -38.06 53.69
C LYS D 340 17.34 -38.24 53.92
N LEU D 341 18.15 -37.84 52.94
CA LEU D 341 19.59 -38.06 52.96
C LEU D 341 20.37 -36.81 53.36
N GLY D 342 19.94 -35.65 52.91
CA GLY D 342 20.69 -34.41 53.07
C GLY D 342 21.15 -33.88 51.72
N ARG D 343 21.81 -32.72 51.78
CA ARG D 343 22.27 -32.09 50.54
C ARG D 343 23.66 -32.58 50.13
N LYS D 344 24.58 -32.72 51.09
CA LYS D 344 25.90 -33.24 50.75
C LYS D 344 25.82 -34.65 50.19
N THR D 345 24.98 -35.49 50.79
CA THR D 345 24.80 -36.86 50.33
C THR D 345 24.37 -36.89 48.87
N LEU D 346 23.29 -36.17 48.56
CA LEU D 346 22.72 -36.18 47.22
C LEU D 346 23.66 -35.53 46.22
N LEU D 347 24.41 -34.50 46.64
CA LEU D 347 25.39 -33.88 45.75
C LEU D 347 26.48 -34.87 45.37
N LEU D 348 27.01 -35.60 46.36
CA LEU D 348 28.06 -36.56 46.06
C LEU D 348 27.55 -37.66 45.14
N TRP D 349 26.31 -38.12 45.37
CA TRP D 349 25.73 -39.09 44.44
C TRP D 349 25.57 -38.51 43.04
N GLY D 350 25.28 -37.22 42.94
CA GLY D 350 25.21 -36.59 41.62
C GLY D 350 26.55 -36.58 40.92
N CYS D 351 27.62 -36.29 41.66
CA CYS D 351 28.96 -36.41 41.09
C CYS D 351 29.21 -37.82 40.58
N VAL D 352 28.82 -38.83 41.37
CA VAL D 352 28.97 -40.21 40.92
C VAL D 352 28.29 -40.40 39.58
N GLY D 353 27.02 -39.99 39.49
CA GLY D 353 26.28 -40.19 38.25
C GLY D 353 26.90 -39.50 37.05
N VAL D 354 27.32 -38.24 37.23
CA VAL D 354 27.88 -37.51 36.09
C VAL D 354 29.21 -38.12 35.65
N LEU D 355 30.02 -38.57 36.60
CA LEU D 355 31.27 -39.22 36.22
C LEU D 355 31.00 -40.52 35.46
N VAL D 356 30.01 -41.28 35.93
CA VAL D 356 29.60 -42.50 35.22
C VAL D 356 29.17 -42.16 33.80
N ALA D 357 28.54 -40.99 33.62
CA ALA D 357 28.08 -40.62 32.29
C ALA D 357 29.26 -40.26 31.38
N TYR D 358 30.16 -39.41 31.87
CA TYR D 358 31.15 -38.81 30.97
C TYR D 358 32.35 -39.73 30.73
N LEU D 359 32.89 -40.37 31.78
CA LEU D 359 34.14 -41.11 31.58
C LEU D 359 34.02 -42.17 30.49
N PRO D 360 32.97 -43.00 30.46
CA PRO D 360 32.82 -43.94 29.32
C PRO D 360 32.73 -43.23 27.99
N THR D 361 32.00 -42.12 27.92
CA THR D 361 31.92 -41.36 26.67
C THR D 361 33.30 -40.86 26.27
N ALA D 362 34.09 -40.40 27.24
CA ALA D 362 35.44 -39.92 26.94
C ALA D 362 36.28 -41.03 26.33
N ILE D 363 36.34 -42.19 26.98
CA ILE D 363 37.18 -43.26 26.44
C ILE D 363 36.66 -43.71 25.08
N ALA D 364 35.34 -43.77 24.91
CA ALA D 364 34.79 -44.23 23.64
C ALA D 364 35.12 -43.27 22.51
N ASN D 365 35.04 -41.97 22.77
CA ASN D 365 35.38 -41.00 21.74
C ASN D 365 36.87 -41.00 21.45
N GLU D 366 37.70 -41.35 22.43
CA GLU D 366 39.13 -41.48 22.15
C GLU D 366 39.41 -42.73 21.31
N ILE D 367 38.61 -43.78 21.47
CA ILE D 367 38.78 -44.96 20.62
C ILE D 367 38.60 -44.55 19.16
N ASN D 368 37.38 -44.23 18.76
CA ASN D 368 37.10 -43.75 17.40
C ASN D 368 35.84 -42.90 17.43
N ARG D 369 35.98 -41.61 17.09
CA ARG D 369 34.88 -40.67 17.30
C ARG D 369 33.64 -41.05 16.51
N ASN D 370 33.81 -41.61 15.30
CA ASN D 370 32.68 -41.89 14.42
C ASN D 370 32.26 -43.35 14.48
N SER D 371 32.24 -43.93 15.68
CA SER D 371 31.84 -45.32 15.86
C SER D 371 30.32 -45.45 15.79
N ASN D 372 29.86 -46.56 15.22
CA ASN D 372 28.42 -46.83 15.19
C ASN D 372 27.85 -47.00 16.58
N PHE D 373 28.62 -47.56 17.51
CA PHE D 373 28.16 -47.77 18.88
C PHE D 373 28.38 -46.56 19.77
N VAL D 374 29.30 -45.67 19.43
CA VAL D 374 29.51 -44.47 20.23
C VAL D 374 28.32 -43.54 20.14
N LYS D 375 27.60 -43.53 19.02
CA LYS D 375 26.39 -42.71 18.93
C LYS D 375 25.37 -43.16 19.97
N ILE D 376 25.12 -44.47 20.01
CA ILE D 376 24.18 -45.03 20.97
C ILE D 376 24.64 -44.74 22.39
N LEU D 377 25.95 -44.92 22.64
CA LEU D 377 26.48 -44.65 23.97
C LEU D 377 26.34 -43.18 24.36
N SER D 378 26.55 -42.26 23.40
CA SER D 378 26.45 -40.85 23.73
C SER D 378 25.02 -40.48 24.09
N ILE D 379 24.05 -41.06 23.38
CA ILE D 379 22.65 -40.83 23.72
C ILE D 379 22.36 -41.35 25.13
N VAL D 380 22.81 -42.57 25.43
CA VAL D 380 22.57 -43.15 26.74
C VAL D 380 23.26 -42.33 27.83
N ALA D 381 24.48 -41.85 27.55
CA ALA D 381 25.21 -41.05 28.53
C ALA D 381 24.52 -39.72 28.78
N THR D 382 23.94 -39.12 27.74
CA THR D 382 23.13 -37.93 27.93
C THR D 382 22.00 -38.20 28.91
N PHE D 383 21.27 -39.30 28.70
CA PHE D 383 20.17 -39.59 29.62
C PHE D 383 20.67 -39.87 31.03
N VAL D 384 21.84 -40.50 31.17
CA VAL D 384 22.40 -40.74 32.49
C VAL D 384 22.65 -39.40 33.18
N MET D 385 23.26 -38.45 32.47
CA MET D 385 23.51 -37.13 33.02
C MET D 385 22.20 -36.45 33.41
N ILE D 386 21.18 -36.58 32.57
CA ILE D 386 19.90 -35.95 32.87
C ILE D 386 19.34 -36.48 34.18
N ILE D 387 19.28 -37.80 34.33
CA ILE D 387 18.75 -38.37 35.56
C ILE D 387 19.59 -37.95 36.76
N SER D 388 20.92 -37.94 36.61
CA SER D 388 21.79 -37.59 37.72
C SER D 388 21.58 -36.16 38.16
N PHE D 389 21.50 -35.24 37.19
CA PHE D 389 21.37 -33.81 37.50
C PHE D 389 20.01 -33.51 38.09
N ALA D 390 18.94 -34.06 37.51
CA ALA D 390 17.60 -33.68 37.92
C ALA D 390 17.32 -34.05 39.37
N VAL D 391 17.91 -35.14 39.87
CA VAL D 391 17.56 -35.62 41.20
C VAL D 391 18.46 -35.06 42.29
N SER D 392 19.58 -34.41 41.94
CA SER D 392 20.52 -33.98 42.96
C SER D 392 20.93 -32.52 42.85
N TYR D 393 21.98 -32.24 42.06
CA TYR D 393 22.62 -30.93 42.08
C TYR D 393 21.62 -29.82 41.77
N GLY D 394 20.81 -30.01 40.73
CA GLY D 394 19.86 -29.00 40.32
C GLY D 394 19.04 -28.47 41.47
N PRO D 395 18.23 -29.33 42.08
CA PRO D 395 17.43 -28.88 43.24
C PRO D 395 18.29 -28.49 44.44
N VAL D 396 19.32 -29.28 44.72
CA VAL D 396 20.03 -29.14 45.98
C VAL D 396 20.77 -27.82 46.06
N LEU D 397 21.28 -27.31 44.94
CA LEU D 397 22.03 -26.07 44.99
C LEU D 397 21.16 -24.92 45.47
N TRP D 398 20.01 -24.73 44.83
CA TRP D 398 19.12 -23.64 45.19
C TRP D 398 18.46 -23.87 46.54
N ILE D 399 18.42 -25.13 47.02
CA ILE D 399 18.04 -25.36 48.41
C ILE D 399 19.15 -24.93 49.36
N TYR D 400 20.39 -25.26 49.02
CA TYR D 400 21.52 -25.10 49.93
C TYR D 400 21.90 -23.64 50.11
N LEU D 401 21.93 -22.88 49.02
CA LEU D 401 22.53 -21.54 49.08
C LEU D 401 21.78 -20.60 50.02
N HIS D 402 20.54 -20.94 50.41
CA HIS D 402 19.76 -20.11 51.33
C HIS D 402 19.62 -20.78 52.69
N GLU D 403 20.55 -21.66 53.05
CA GLU D 403 20.67 -22.19 54.40
C GLU D 403 22.09 -22.13 54.93
N MET D 404 23.09 -21.91 54.08
CA MET D 404 24.49 -22.07 54.44
C MET D 404 25.15 -20.77 54.88
N PHE D 405 24.40 -19.67 54.95
CA PHE D 405 24.99 -18.39 55.29
C PHE D 405 24.43 -17.86 56.61
N PRO D 406 25.25 -17.19 57.42
CA PRO D 406 24.71 -16.47 58.57
C PRO D 406 23.81 -15.34 58.09
N SER D 407 22.85 -14.98 58.94
CA SER D 407 21.86 -13.98 58.53
C SER D 407 22.48 -12.62 58.29
N GLU D 408 23.70 -12.38 58.80
CA GLU D 408 24.34 -11.09 58.59
C GLU D 408 24.58 -10.81 57.10
N ILE D 409 24.79 -11.84 56.30
CA ILE D 409 25.06 -11.67 54.87
C ILE D 409 24.28 -12.70 54.06
N LYS D 410 23.14 -13.15 54.60
CA LYS D 410 22.36 -14.20 53.95
C LYS D 410 22.11 -13.87 52.48
N ASP D 411 21.52 -12.71 52.20
CA ASP D 411 21.12 -12.38 50.83
C ASP D 411 22.29 -12.01 49.94
N SER D 412 23.26 -11.25 50.46
CA SER D 412 24.32 -10.70 49.64
C SER D 412 25.21 -11.80 49.05
N ALA D 413 25.66 -12.73 49.90
CA ALA D 413 26.50 -13.81 49.41
C ALA D 413 25.74 -14.69 48.44
N ALA D 414 24.44 -14.87 48.66
CA ALA D 414 23.62 -15.62 47.72
C ALA D 414 23.61 -14.95 46.34
N SER D 415 23.49 -13.62 46.32
CA SER D 415 23.48 -12.92 45.04
C SER D 415 24.83 -13.04 44.34
N LEU D 416 25.92 -12.88 45.09
CA LEU D 416 27.25 -13.03 44.48
C LEU D 416 27.43 -14.44 43.91
N ALA D 417 26.96 -15.45 44.65
CA ALA D 417 27.11 -16.82 44.20
C ALA D 417 26.30 -17.11 42.94
N SER D 418 25.06 -16.60 42.86
CA SER D 418 24.27 -16.82 41.65
C SER D 418 24.86 -16.07 40.45
N LEU D 419 25.42 -14.88 40.71
CA LEU D 419 26.18 -14.19 39.68
C LEU D 419 27.28 -15.11 39.15
N VAL D 420 28.02 -15.74 40.06
CA VAL D 420 29.08 -16.66 39.66
C VAL D 420 28.52 -17.83 38.88
N ASN D 421 27.34 -18.31 39.27
CA ASN D 421 26.71 -19.43 38.54
C ASN D 421 26.52 -19.09 37.07
N TRP D 422 25.92 -17.93 36.79
CA TRP D 422 25.66 -17.62 35.39
C TRP D 422 26.96 -17.23 34.67
N VAL D 423 27.91 -16.65 35.40
CA VAL D 423 29.22 -16.40 34.79
C VAL D 423 29.84 -17.71 34.35
N CYS D 424 29.73 -18.75 35.17
CA CYS D 424 30.27 -20.06 34.79
C CYS D 424 29.48 -20.69 33.66
N ALA D 425 28.19 -20.40 33.57
CA ALA D 425 27.45 -20.82 32.38
C ALA D 425 28.13 -20.26 31.14
N ILE D 426 28.52 -18.99 31.20
CA ILE D 426 29.27 -18.39 30.09
C ILE D 426 30.61 -19.10 29.90
N ILE D 427 31.28 -19.42 31.01
CA ILE D 427 32.62 -20.00 30.92
C ILE D 427 32.59 -21.40 30.28
N VAL D 428 31.50 -22.14 30.45
CA VAL D 428 31.44 -23.53 30.02
C VAL D 428 30.75 -23.67 28.66
N VAL D 429 29.53 -23.13 28.53
CA VAL D 429 28.67 -23.48 27.39
C VAL D 429 29.41 -23.25 26.07
N PHE D 430 29.96 -22.05 25.90
CA PHE D 430 30.52 -21.69 24.60
C PHE D 430 31.83 -22.42 24.31
N PRO D 431 32.83 -22.41 25.20
CA PRO D 431 34.03 -23.22 24.93
C PRO D 431 33.75 -24.70 24.78
N SER D 432 32.78 -25.25 25.52
CA SER D 432 32.45 -26.65 25.37
C SER D 432 31.82 -26.93 24.01
N ASP D 433 30.92 -26.05 23.57
CA ASP D 433 30.35 -26.18 22.23
C ASP D 433 31.43 -26.10 21.17
N ILE D 434 32.51 -25.38 21.44
CA ILE D 434 33.58 -25.29 20.45
C ILE D 434 34.46 -26.54 20.48
N ILE D 435 34.71 -27.08 21.68
CA ILE D 435 35.62 -28.20 21.80
C ILE D 435 34.98 -29.49 21.26
N ILE D 436 33.70 -29.72 21.58
CA ILE D 436 33.06 -30.94 21.10
C ILE D 436 33.13 -31.08 19.59
N LYS D 437 33.27 -29.96 18.85
CA LYS D 437 33.40 -30.04 17.41
C LYS D 437 34.77 -30.56 16.98
N LYS D 438 35.81 -30.29 17.77
CA LYS D 438 37.17 -30.70 17.44
C LYS D 438 37.45 -32.10 18.00
N SER D 439 37.32 -32.25 19.31
CA SER D 439 37.70 -33.47 20.01
C SER D 439 36.78 -33.64 21.20
N PRO D 440 35.68 -34.38 21.05
CA PRO D 440 34.79 -34.60 22.19
C PRO D 440 35.46 -35.31 23.35
N SER D 441 36.51 -36.09 23.07
CA SER D 441 37.20 -36.82 24.12
C SER D 441 37.79 -35.86 25.15
N ILE D 442 38.39 -34.76 24.69
CA ILE D 442 39.00 -33.80 25.62
C ILE D 442 37.93 -33.20 26.53
N LEU D 443 36.80 -32.80 25.94
CA LEU D 443 35.76 -32.17 26.74
C LEU D 443 35.17 -33.17 27.74
N PHE D 444 34.92 -34.40 27.30
CA PHE D 444 34.32 -35.37 28.20
C PHE D 444 35.28 -35.76 29.31
N ILE D 445 36.58 -35.80 29.03
CA ILE D 445 37.52 -36.12 30.10
C ILE D 445 37.65 -34.97 31.08
N VAL D 446 37.55 -33.71 30.61
CA VAL D 446 37.61 -32.61 31.56
C VAL D 446 36.35 -32.57 32.40
N PHE D 447 35.19 -32.87 31.81
CA PHE D 447 33.96 -32.92 32.59
C PHE D 447 33.99 -34.07 33.59
N SER D 448 34.61 -35.20 33.24
CA SER D 448 34.75 -36.30 34.19
C SER D 448 35.70 -35.93 35.33
N VAL D 449 36.83 -35.33 34.99
CA VAL D 449 37.74 -34.82 36.00
C VAL D 449 37.02 -33.85 36.92
N MET D 450 36.17 -33.00 36.36
CA MET D 450 35.43 -32.04 37.18
C MET D 450 34.41 -32.73 38.07
N SER D 451 33.82 -33.83 37.61
CA SER D 451 32.96 -34.62 38.48
C SER D 451 33.75 -35.15 39.68
N ILE D 452 34.94 -35.68 39.44
CA ILE D 452 35.75 -36.20 40.55
C ILE D 452 36.18 -35.08 41.48
N LEU D 453 36.63 -33.97 40.90
CA LEU D 453 37.08 -32.82 41.68
C LEU D 453 35.95 -32.28 42.54
N THR D 454 34.74 -32.18 41.96
CA THR D 454 33.57 -31.76 42.73
C THR D 454 33.25 -32.77 43.82
N PHE D 455 33.41 -34.07 43.53
CA PHE D 455 33.16 -35.08 44.55
C PHE D 455 34.03 -34.83 45.76
N PHE D 456 35.35 -34.70 45.54
CA PHE D 456 36.24 -34.52 46.69
C PHE D 456 36.07 -33.15 47.33
N PHE D 457 35.80 -32.11 46.53
CA PHE D 457 35.55 -30.78 47.09
C PHE D 457 34.36 -30.80 48.03
N ILE D 458 33.23 -31.34 47.59
CA ILE D 458 32.08 -31.48 48.47
C ILE D 458 32.43 -32.36 49.67
N PHE D 459 33.11 -33.47 49.40
CA PHE D 459 33.42 -34.46 50.44
C PHE D 459 34.19 -33.82 51.58
N PHE D 460 35.12 -32.92 51.26
CA PHE D 460 36.05 -32.37 52.25
C PHE D 460 35.60 -31.03 52.81
N PHE D 461 34.95 -30.19 52.01
CA PHE D 461 34.65 -28.81 52.36
C PHE D 461 33.20 -28.58 52.75
N ILE D 462 32.27 -29.13 51.98
CA ILE D 462 30.87 -28.75 52.05
C ILE D 462 30.20 -29.49 53.20
N LYS D 463 29.61 -28.73 54.13
CA LYS D 463 28.96 -29.28 55.31
C LYS D 463 27.46 -29.45 55.09
N GLU D 464 26.86 -30.30 55.93
CA GLU D 464 25.42 -30.54 55.89
C GLU D 464 24.68 -29.43 56.61
N THR D 465 23.57 -28.98 56.01
CA THR D 465 22.80 -27.85 56.53
C THR D 465 21.33 -28.18 56.79
N LYS D 466 20.93 -29.45 56.71
CA LYS D 466 19.52 -29.77 56.78
C LYS D 466 18.95 -29.48 58.16
N GLY D 467 17.76 -28.86 58.19
CA GLY D 467 17.03 -28.63 59.42
C GLY D 467 17.52 -27.48 60.27
N GLY D 468 18.57 -26.78 59.85
CA GLY D 468 19.03 -25.64 60.61
C GLY D 468 18.04 -24.49 60.55
N GLU D 469 17.85 -23.82 61.68
CA GLU D 469 16.96 -22.67 61.71
C GLU D 469 17.44 -21.60 60.73
N ILE D 470 16.53 -20.71 60.37
CA ILE D 470 16.84 -19.67 59.40
C ILE D 470 17.89 -18.73 59.98
N GLY D 471 18.81 -18.30 59.11
CA GLY D 471 19.93 -17.49 59.54
C GLY D 471 21.04 -18.25 60.23
N THR D 472 20.98 -19.58 60.24
CA THR D 472 22.02 -20.41 60.82
C THR D 472 22.87 -21.02 59.71
N SER D 473 24.17 -21.17 60.00
CA SER D 473 25.10 -21.82 59.10
C SER D 473 25.94 -22.80 59.92
N PRO D 474 26.19 -24.01 59.40
CA PRO D 474 27.11 -24.92 60.11
C PRO D 474 28.54 -24.46 60.06
N TYR D 475 28.85 -23.42 59.27
CA TYR D 475 30.21 -22.95 59.10
C TYR D 475 30.61 -21.95 60.17
N ILE D 476 29.69 -21.10 60.61
CA ILE D 476 29.95 -20.08 61.61
C ILE D 476 28.85 -20.12 62.66
N THR D 477 29.23 -20.20 63.93
CA THR D 477 28.27 -20.30 65.02
C THR D 477 27.96 -18.91 65.59
N MET D 478 26.82 -18.79 66.26
CA MET D 478 26.34 -17.48 66.68
C MET D 478 27.34 -16.78 67.60
N GLU D 479 27.92 -17.51 68.54
CA GLU D 479 28.95 -16.88 69.37
C GLU D 479 30.11 -16.37 68.53
N GLU D 480 30.40 -17.06 67.41
CA GLU D 480 31.46 -16.65 66.51
C GLU D 480 31.10 -15.44 65.66
N ARG D 481 29.83 -15.29 65.26
CA ARG D 481 29.50 -14.28 64.25
C ARG D 481 29.83 -12.86 64.70
N GLN D 482 29.52 -12.50 65.94
CA GLN D 482 29.91 -11.17 66.43
C GLN D 482 31.36 -11.12 66.87
N LYS D 483 32.26 -11.78 66.13
CA LYS D 483 33.67 -11.79 66.50
C LYS D 483 34.33 -10.44 66.22
N HIS D 484 34.16 -9.94 65.00
CA HIS D 484 34.71 -8.63 64.64
C HIS D 484 33.69 -7.56 65.05
N MET D 485 33.88 -7.02 66.25
CA MET D 485 32.97 -6.00 66.79
C MET D 485 33.72 -4.69 67.01
C1 BNG E . -19.88 35.07 -55.39
C2 BNG E . -20.71 34.30 -56.41
C3 BNG E . -20.70 34.96 -57.73
C4 BNG E . -21.27 36.33 -57.67
C5 BNG E . -20.75 37.17 -56.49
C6 BNG E . -21.86 37.48 -55.53
C1' BNG E . -19.98 35.77 -53.19
C2' BNG E . -19.55 34.87 -52.03
C3' BNG E . -19.29 35.71 -50.78
C4' BNG E . -20.55 36.38 -50.20
C5' BNG E . -21.55 35.32 -49.70
C6' BNG E . -21.40 35.07 -48.19
C7' BNG E . -21.13 33.59 -47.88
C8' BNG E . -22.07 32.65 -48.67
C9' BNG E . -22.28 31.36 -47.89
O1 BNG E . -20.55 34.99 -54.20
O2 BNG E . -20.18 32.96 -56.52
O3 BNG E . -21.49 34.16 -58.65
O4 BNG E . -20.91 37.01 -58.88
O5 BNG E . -19.64 36.51 -55.77
O6 BNG E . -21.83 38.86 -55.26
H1 BNG E . -19.01 34.67 -55.32
H2 BNG E . -21.63 34.23 -56.10
H3 BNG E . -19.79 35.01 -58.05
H4 BNG E . -22.23 36.26 -57.58
H5 BNG E . -20.41 38.00 -56.86
H61 BNG E . -21.73 36.97 -54.71
H62 BNG E . -22.71 37.23 -55.93
H1'1 BNG E . -19.22 36.25 -53.54
H1'2 BNG E . -20.64 36.42 -52.88
H2'1 BNG E . -18.75 34.40 -52.29
H2'2 BNG E . -20.25 34.22 -51.85
H3'1 BNG E . -18.64 36.39 -51.01
H3'2 BNG E . -18.90 35.13 -50.10
H4'1 BNG E . -20.96 36.92 -50.89
H4'2 BNG E . -20.29 36.95 -49.46
H5'1 BNG E . -21.39 34.48 -50.17
H5'2 BNG E . -22.45 35.62 -49.88
H6'1 BNG E . -22.21 35.34 -47.74
H6'2 BNG E . -20.65 35.60 -47.86
H7'1 BNG E . -21.25 33.45 -46.93
H7'2 BNG E . -20.22 33.38 -48.13
H8'1 BNG E . -21.68 32.45 -49.52
H8'2 BNG E . -22.93 33.09 -48.79
H9'1 BNG E . -22.78 30.73 -48.44
H9'2 BNG E . -22.78 31.55 -47.08
H9'3 BNG E . -21.42 30.97 -47.66
HO2 BNG E . -20.42 32.62 -57.26
HO3 BNG E . -20.99 33.88 -59.27
HO4 BNG E . -21.29 37.78 -58.90
HO6 BNG E . -22.28 39.01 -54.55
C02 A1IVP F . -19.94 24.31 -36.27
C03 A1IVP F . -19.50 25.32 -37.35
C04 A1IVP F . -18.90 24.58 -38.58
C06 A1IVP F . -18.00 25.72 -39.22
C08 A1IVP F . -17.48 26.29 -38.20
C09 A1IVP F . -17.26 27.75 -38.45
O01 A1IVP F . -20.57 25.00 -35.24
O05 A1IVP F . -19.84 24.18 -39.41
O07 A1IVP F . -16.97 25.13 -40.11
O10 A1IVP F . -16.01 28.09 -37.94
O11 A1IVP F . -18.54 26.08 -36.92
H021 A1IVP F . -20.56 23.66 -36.66
H022 A1IVP F . -19.16 23.84 -35.93
H031 A1IVP F . -20.27 25.86 -37.60
H041 A1IVP F . -18.38 23.80 -38.33
H061 A1IVP F . -18.54 26.34 -39.73
H081 A1IVP F . -16.64 25.85 -38.00
H091 A1IVP F . -17.28 27.93 -39.40
H092 A1IVP F . -17.96 28.27 -38.01
H011 A1IVP F . -20.87 25.74 -35.53
H051 A1IVP F . -19.83 23.34 -39.44
H071 A1IVP F . -17.30 24.99 -40.87
H101 A1IVP F . -15.42 27.98 -38.53
C1 BNG G . -7.76 27.65 -49.61
C2 BNG G . -6.76 27.56 -48.47
C3 BNG G . -5.40 27.97 -48.87
C4 BNG G . -4.96 27.18 -50.06
C5 BNG G . -5.82 27.53 -51.26
C6 BNG G . -5.46 26.65 -52.41
C1' BNG G . -9.81 27.14 -48.55
C2' BNG G . -10.00 26.14 -47.40
C3' BNG G . -10.11 26.90 -46.08
C4' BNG G . -11.55 27.38 -45.84
C5' BNG G . -11.53 28.43 -44.69
C6' BNG G . -12.89 29.12 -44.60
C7' BNG G . -13.18 29.45 -43.13
C8' BNG G . -14.40 30.39 -43.06
C9' BNG G . -14.69 30.77 -41.62
O1 BNG G . -8.75 26.72 -49.36
O2 BNG G . -7.20 28.42 -47.40
O3 BNG G . -4.47 27.74 -47.78
O4 BNG G . -3.60 27.48 -50.35
O5 BNG G . -7.27 27.35 -51.00
O6 BNG G . -6.64 26.20 -53.02
H1 BNG G . -8.08 28.57 -49.61
H2 BNG G . -6.73 26.64 -48.17
H3 BNG G . -5.38 28.92 -49.07
H4 BNG G . -5.01 26.23 -49.88
H5 BNG G . -5.66 28.47 -51.48
H61 BNG G . -4.95 25.90 -52.09
H62 BNG G . -4.94 27.16 -53.05
H1'1 BNG G . -9.62 28.02 -48.18
H1'2 BNG G . -10.63 27.18 -49.08
H2'1 BNG G . -9.24 25.53 -47.37
H2'2 BNG G . -10.82 25.62 -47.55
H3'1 BNG G . -9.51 27.68 -46.12
H3'2 BNG G . -9.84 26.33 -45.35
H4'1 BNG G . -12.11 26.63 -45.59
H4'2 BNG G . -11.90 27.80 -46.64
H5'1 BNG G . -10.85 29.09 -44.86
H5'2 BNG G . -11.34 27.98 -43.85
H6'1 BNG G . -13.58 28.53 -44.94
H6'2 BNG G . -12.88 29.94 -45.11
H7'1 BNG G . -12.41 29.88 -42.73
H7'2 BNG G . -13.38 28.63 -42.64
H8'1 BNG G . -15.18 29.94 -43.44
H8'2 BNG G . -14.21 31.19 -43.57
H9'1 BNG G . -15.61 31.11 -41.56
H9'2 BNG G . -14.07 31.45 -41.33
H9'3 BNG G . -14.61 29.99 -41.05
HO2 BNG G . -6.81 29.17 -47.46
HO3 BNG G . -3.70 28.01 -48.01
HO4 BNG G . -3.14 26.77 -50.28
HO6 BNG G . -7.11 26.87 -53.27
C1 BNG H . -23.67 -2.89 -29.74
C2 BNG H . -23.28 -1.44 -29.42
C3 BNG H . -23.17 -0.60 -30.64
C4 BNG H . -22.27 -1.23 -31.65
C5 BNG H . -22.80 -2.62 -32.01
C6 BNG H . -21.95 -3.20 -33.09
C1' BNG H . -24.58 -3.58 -27.68
C2' BNG H . -24.89 -5.00 -27.15
C3' BNG H . -25.73 -4.99 -25.86
C4' BNG H . -25.20 -4.04 -24.76
C5' BNG H . -23.70 -4.30 -24.44
C6' BNG H . -23.10 -3.07 -23.75
C7' BNG H . -23.47 -3.05 -22.26
C8' BNG H . -22.22 -3.17 -21.38
C9' BNG H . -22.30 -2.19 -20.22
O1 BNG H . -23.54 -3.67 -28.62
O2 BNG H . -24.30 -0.87 -28.58
O3 BNG H . -22.65 0.71 -30.29
O4 BNG H . -22.21 -0.40 -32.81
O5 BNG H . -22.80 -3.49 -30.82
O6 BNG H . -22.44 -2.77 -34.34
H1 BNG H . -24.59 -2.90 -30.03
H2 BNG H . -22.44 -1.46 -28.96
H3 BNG H . -24.05 -0.47 -31.01
H4 BNG H . -21.37 -1.30 -31.31
H5 BNG H . -23.70 -2.57 -32.36
H61 BNG H . -21.98 -4.18 -33.05
H62 BNG H . -21.03 -2.90 -32.99
H1'1 BNG H . -24.32 -3.00 -26.95
H1'2 BNG H . -25.38 -3.22 -28.10
H2'1 BNG H . -24.05 -5.44 -26.96
H2'2 BNG H . -25.37 -5.48 -27.83
H3'1 BNG H . -25.74 -5.90 -25.50
H3'2 BNG H . -26.64 -4.73 -26.08
H4'1 BNG H . -25.72 -4.17 -23.95
H4'2 BNG H . -25.31 -3.13 -25.07
H5'1 BNG H . -23.22 -4.47 -25.26
H5'2 BNG H . -23.63 -5.06 -23.85
H6'1 BNG H . -23.45 -2.27 -24.18
H6'2 BNG H . -22.14 -3.09 -23.84
H7'1 BNG H . -24.08 -3.80 -22.07
H7'2 BNG H . -23.94 -2.22 -22.05
H8'1 BNG H . -21.43 -2.98 -21.92
H8'2 BNG H . -22.15 -4.08 -21.03
H9'1 BNG H . -21.44 -2.14 -19.78
H9'2 BNG H . -22.97 -2.48 -19.59
H9'3 BNG H . -22.53 -1.31 -20.57
HO2 BNG H . -24.44 -0.07 -28.81
HO3 BNG H . -21.84 0.63 -30.05
HO4 BNG H . -22.56 -0.82 -33.47
HO6 BNG H . -22.81 -3.43 -34.74
C1 BNG I . -6.45 4.93 -19.42
C2 BNG I . -6.19 6.23 -18.68
C3 BNG I . -6.29 6.04 -17.21
C4 BNG I . -7.65 5.55 -16.82
C5 BNG I . -8.10 4.34 -17.63
C6 BNG I . -9.60 4.19 -17.48
C1' BNG I . -6.20 4.08 -21.64
C2' BNG I . -4.76 3.92 -22.17
C3' BNG I . -4.42 4.99 -23.22
C4' BNG I . -4.50 4.44 -24.67
C5' BNG I . -3.09 4.00 -25.19
C6' BNG I . -2.91 4.36 -26.68
C7' BNG I . -1.43 4.57 -27.00
C8' BNG I . -1.26 5.38 -28.30
C9' BNG I . -1.49 4.49 -29.51
O1 BNG I . -6.30 5.18 -20.76
O2 BNG I . -4.89 6.73 -19.00
O3 BNG I . -6.02 7.30 -16.55
O4 BNG I . -7.60 5.16 -15.43
O5 BNG I . -7.81 4.40 -19.09
O6 BNG I . -9.89 3.68 -16.20
H1 BNG I . -5.80 4.24 -19.19
H2 BNG I . -6.84 6.89 -18.96
H3 BNG I . -5.62 5.39 -16.93
H4 BNG I . -8.28 6.27 -16.95
H5 BNG I . -7.63 3.57 -17.28
H61 BNG I . -9.93 3.58 -18.16
H62 BNG I . -10.01 5.05 -17.59
H1'1 BNG I . -6.45 3.27 -21.16
H1'2 BNG I . -6.80 4.21 -22.37
H2'1 BNG I . -4.68 3.04 -22.58
H2'2 BNG I . -4.14 3.99 -21.43
H3'1 BNG I . -3.52 5.32 -23.06
H3'2 BNG I . -5.05 5.72 -23.14
H4'1 BNG I . -4.84 5.13 -25.25
H4'2 BNG I . -5.09 3.67 -24.69
H5'1 BNG I . -3.00 3.04 -25.08
H5'2 BNG I . -2.42 4.45 -24.67
H6'1 BNG I . -3.41 5.17 -26.87
H6'2 BNG I . -3.25 3.64 -27.23
H7'1 BNG I . -0.99 3.72 -27.09
H7'2 BNG I . -1.01 5.07 -26.26
H8'1 BNG I . -0.36 5.75 -28.35
H8'2 BNG I . -1.91 6.11 -28.32
H9'1 BNG I . -1.68 5.03 -30.29
H9'2 BNG I . -2.24 3.89 -29.34
H9'3 BNG I . -0.70 3.96 -29.67
HO2 BNG I . -4.39 6.09 -19.21
HO3 BNG I . -5.77 7.15 -15.74
HO4 BNG I . -6.88 4.72 -15.28
HO6 BNG I . -10.73 3.49 -16.17
C1 BNG J . 12.95 -27.07 -48.50
C2 BNG J . 14.03 -26.00 -48.41
C3 BNG J . 15.16 -26.32 -49.31
C4 BNG J . 15.82 -27.59 -48.88
C5 BNG J . 14.83 -28.75 -48.95
C6 BNG J . 14.96 -29.57 -47.71
C1' BNG J . 11.48 -28.34 -47.23
C2' BNG J . 10.57 -28.18 -46.00
C3' BNG J . 10.99 -29.21 -44.95
C4' BNG J . 10.00 -29.29 -43.75
C5' BNG J . 9.24 -27.97 -43.50
C6' BNG J . 8.72 -27.96 -42.05
C7' BNG J . 8.59 -26.52 -41.53
C8' BNG J . 9.99 -25.88 -41.42
C9' BNG J . 10.03 -24.96 -40.21
O1 BNG J . 12.45 -27.32 -47.26
O2 BNG J . 13.48 -24.72 -48.76
O3 BNG J . 16.14 -25.24 -49.28
O4 BNG J . 16.94 -27.85 -49.72
O5 BNG J . 13.42 -28.36 -49.13
O6 BNG J . 13.96 -30.55 -47.68
H1 BNG J . 12.25 -26.71 -49.06
H2 BNG J . 14.36 -25.94 -47.49
H3 BNG J . 14.85 -26.40 -50.23
H4 BNG J . 16.14 -27.49 -47.97
H5 BNG J . 15.08 -29.28 -49.73
H61 BNG J . 14.88 -29.00 -46.93
H62 BNG J . 15.83 -30.01 -47.69
H1'1 BNG J . 10.95 -28.29 -48.04
H1'2 BNG J . 11.93 -29.20 -47.19
H2'1 BNG J . 9.64 -28.34 -46.26
H2'2 BNG J . 10.65 -27.28 -45.64
H3'1 BNG J . 11.86 -28.96 -44.61
H3'2 BNG J . 11.03 -30.08 -45.36
H4'1 BNG J . 10.51 -29.51 -42.95
H4'2 BNG J . 9.36 -30.00 -43.92
H5'1 BNG J . 8.49 -27.91 -44.11
H5'2 BNG J . 9.83 -27.22 -43.64
H6'1 BNG J . 9.33 -28.45 -41.48
H6'2 BNG J . 7.84 -28.38 -42.02
H7'1 BNG J . 8.17 -26.52 -40.66
H7'2 BNG J . 8.05 -25.99 -42.15
H8'1 BNG J . 10.18 -25.36 -42.22
H8'2 BNG J . 10.66 -26.58 -41.32
H9'1 BNG J . 10.67 -24.25 -40.36
H9'2 BNG J . 10.30 -25.48 -39.43
H9'3 BNG J . 9.15 -24.58 -40.05
HO2 BNG J . 12.86 -24.83 -49.34
HO3 BNG J . 15.75 -24.52 -49.52
HO4 BNG J . 16.75 -27.67 -50.52
HO6 BNG J . 14.09 -31.10 -48.32
C1 BNG K . -0.69 -20.63 -51.33
C2 BNG K . -2.21 -20.79 -51.36
C3 BNG K . -2.72 -21.26 -52.66
C4 BNG K . -2.20 -20.43 -53.81
C5 BNG K . -0.68 -20.32 -53.80
C6 BNG K . -0.25 -19.34 -54.84
C1' BNG K . 0.03 -20.78 -49.09
C2' BNG K . -0.43 -20.12 -47.77
C3' BNG K . -1.25 -21.08 -46.92
C4' BNG K . -0.47 -21.49 -45.65
C5' BNG K . -0.89 -22.93 -45.23
C6' BNG K . 0.17 -23.53 -44.31
C7' BNG K . -0.51 -24.36 -43.20
C8' BNG K . 0.52 -24.70 -42.11
C9' BNG K . -0.19 -25.40 -40.96
O1 BNG K . -0.36 -19.98 -50.18
O2 BNG K . -2.58 -21.76 -50.35
O3 BNG K . -4.17 -21.16 -52.66
O4 BNG K . -2.60 -21.06 -55.02
O5 BNG K . -0.18 -19.85 -52.49
O6 BNG K . 1.09 -18.99 -54.63
H1 BNG K . -0.29 -21.52 -51.33
H2 BNG K . -2.62 -19.93 -51.15
H3 BNG K . -2.44 -22.18 -52.80
H4 BNG K . -2.58 -19.55 -53.76
H5 BNG K . -0.30 -21.19 -53.99
H61 BNG K . -0.81 -18.54 -54.79
H62 BNG K . -0.36 -19.74 -55.72
H1'1 BNG K . -0.39 -21.65 -49.17
H1'2 BNG K . 0.99 -20.89 -49.08
H2'1 BNG K . -0.98 -19.33 -48.00
H2'2 BNG K . 0.35 -19.83 -47.28
H3'1 BNG K . -1.44 -21.88 -47.44
H3'2 BNG K . -2.09 -20.65 -46.66
H4'1 BNG K . -0.67 -20.87 -44.94
H4'2 BNG K . 0.48 -21.48 -45.83
H5'1 BNG K . -0.99 -23.48 -46.03
H5'2 BNG K . -1.74 -22.89 -44.76
H6'1 BNG K . 0.69 -22.83 -43.91
H6'2 BNG K . 0.76 -24.12 -44.83
H7'1 BNG K . -0.86 -25.18 -43.59
H7'2 BNG K . -1.23 -23.84 -42.82
H8'1 BNG K . 0.93 -23.88 -41.79
H8'2 BNG K . 1.20 -25.28 -42.48
H9'1 BNG K . 0.46 -25.62 -40.27
H9'2 BNG K . -0.60 -26.22 -41.29
H9'3 BNG K . -0.86 -24.81 -40.59
HO2 BNG K . -2.56 -21.40 -49.58
HO3 BNG K . -4.48 -21.54 -53.35
HO4 BNG K . -2.29 -20.63 -55.68
HO6 BNG K . 1.57 -19.70 -54.66
C1 BNG L . 9.63 -28.06 -8.78
C2 BNG L . 11.07 -28.48 -9.03
C3 BNG L . 11.20 -29.45 -10.14
C4 BNG L . 10.28 -30.62 -9.96
C5 BNG L . 8.83 -30.14 -9.83
C6 BNG L . 7.93 -31.32 -9.63
C1' BNG L . 9.68 -25.98 -7.68
C2' BNG L . 10.84 -25.47 -6.80
C3' BNG L . 11.67 -24.46 -7.61
C4' BNG L . 10.89 -23.15 -7.80
C5' BNG L . 11.00 -22.27 -6.52
C6' BNG L . 9.69 -22.28 -5.72
C7' BNG L . 9.48 -20.89 -5.09
C8' BNG L . 8.98 -21.04 -3.64
C9' BNG L . 7.52 -21.48 -3.65
O1 BNG L . 9.59 -27.37 -7.59
O2 BNG L . 11.85 -27.31 -9.35
O3 BNG L . 12.57 -29.92 -10.20
O4 BNG L . 10.40 -31.49 -11.09
O5 BNG L . 8.70 -29.22 -8.69
O6 BNG L . 6.89 -31.27 -10.56
H1 BNG L . 9.35 -27.48 -9.50
H2 BNG L . 11.42 -28.89 -8.22
H3 BNG L . 10.98 -29.01 -10.98
H4 BNG L . 10.54 -31.12 -9.18
H5 BNG L . 8.57 -29.70 -10.65
H61 BNG L . 8.44 -32.14 -9.74
H62 BNG L . 7.57 -31.29 -8.73
H1'1 BNG L . 8.85 -25.58 -7.38
H1'2 BNG L . 9.84 -25.72 -8.60
H2'1 BNG L . 10.48 -25.04 -6.01
H2'2 BNG L . 11.40 -26.22 -6.54
H3'1 BNG L . 12.50 -24.27 -7.13
H3'2 BNG L . 11.89 -24.84 -8.48
H4'1 BNG L . 11.25 -22.66 -8.56
H4'2 BNG L . 9.95 -23.36 -7.95
H5'1 BNG L . 11.71 -22.62 -5.95
H5'2 BNG L . 11.21 -21.36 -6.78
H6'1 BNG L . 8.94 -22.46 -6.32
H6'2 BNG L . 9.73 -22.95 -5.03
H7'1 BNG L . 10.32 -20.41 -5.08
H7'2 BNG L . 8.82 -20.39 -5.60
H8'1 BNG L . 9.51 -21.70 -3.18
H8'2 BNG L . 9.06 -20.19 -3.18
H9'1 BNG L . 7.26 -21.75 -2.75
H9'2 BNG L . 6.97 -20.74 -3.93
H9'3 BNG L . 7.41 -22.23 -4.26
HO2 BNG L . 12.49 -27.53 -9.87
HO3 BNG L . 12.58 -30.74 -10.48
HO4 BNG L . 10.54 -31.03 -11.79
HO6 BNG L . 6.38 -31.94 -10.45
C1 BNG M . 7.20 7.05 -47.64
C2 BNG M . 5.81 7.38 -48.15
C3 BNG M . 5.66 7.00 -49.58
C4 BNG M . 6.67 7.71 -50.43
C5 BNG M . 8.10 7.58 -49.90
C6 BNG M . 8.95 8.57 -50.64
C1' BNG M . 8.05 6.54 -45.51
C2' BNG M . 7.20 5.36 -44.97
C3' BNG M . 6.87 5.55 -43.49
C4' BNG M . 5.97 4.40 -42.97
C5' BNG M . 4.59 4.36 -43.70
C6' BNG M . 3.84 3.07 -43.37
C7' BNG M . 3.40 3.06 -41.91
C8' BNG M . 2.39 1.92 -41.68
C9' BNG M . 2.34 1.56 -40.21
O1 BNG M . 7.26 7.38 -46.32
O2 BNG M . 4.82 6.71 -47.36
O3 BNG M . 4.33 7.33 -50.04
O4 BNG M . 6.62 7.15 -51.76
O5 BNG M . 8.23 7.80 -48.45
O6 BNG M . 10.17 8.75 -49.97
H1 BNG M . 7.40 6.11 -47.72
H2 BNG M . 5.65 8.33 -48.06
H3 BNG M . 5.79 6.04 -49.67
H4 BNG M . 6.43 8.66 -50.46
H5 BNG M . 8.41 6.67 -50.07
H61 BNG M . 9.12 8.25 -51.54
H62 BNG M . 8.48 9.42 -50.69
H1'1 BNG M . 8.39 7.06 -44.75
H1'2 BNG M . 8.80 6.20 -46.02
H2'1 BNG M . 6.38 5.31 -45.49
H2'2 BNG M . 7.71 4.54 -45.08
H3'1 BNG M . 7.68 5.57 -42.98
H3'2 BNG M . 6.39 6.39 -43.37
H4'1 BNG M . 6.43 3.55 -43.11
H4'2 BNG M . 5.82 4.52 -42.02
H5'1 BNG M . 4.07 5.12 -43.43
H5'2 BNG M . 4.75 4.41 -44.66
H6'1 BNG M . 3.06 3.00 -43.94
H6'2 BNG M . 4.42 2.31 -43.53
H7'1 BNG M . 4.18 2.91 -41.33
H7'2 BNG M . 2.99 3.91 -41.69
H8'1 BNG M . 1.51 2.21 -41.97
H8'2 BNG M . 2.66 1.14 -42.19
H9'1 BNG M . 2.25 2.37 -39.67
H9'2 BNG M . 1.58 0.97 -40.04
H9'3 BNG M . 3.15 1.10 -39.96
HO2 BNG M . 4.71 7.13 -46.63
HO3 BNG M . 4.17 6.91 -50.76
HO4 BNG M . 6.81 7.76 -52.32
HO6 BNG M . 10.03 8.66 -49.14
C02 A1IVP N . -1.37 -20.06 -32.42
C03 A1IVP N . -0.78 -20.68 -33.70
C04 A1IVP N . -0.18 -19.59 -34.66
C06 A1IVP N . -0.13 -20.45 -35.99
C08 A1IVP N . -1.30 -20.95 -36.03
C09 A1IVP N . -1.38 -22.24 -36.79
O01 A1IVP N . -2.11 -21.04 -31.73
O05 A1IVP N . 1.00 -19.16 -34.30
O07 A1IVP N . 0.15 -19.60 -37.18
O10 A1IVP N . -2.19 -23.12 -36.06
O11 A1IVP N . -1.71 -21.24 -34.41
H021 A1IVP N . -0.64 -19.75 -31.85
H022 A1IVP N . -1.94 -19.32 -32.65
H031 A1IVP N . -0.09 -21.32 -33.44
H041 A1IVP N . -0.74 -18.80 -34.72
H061 A1IVP N . 0.56 -21.13 -35.96
H081 A1IVP N . -1.90 -20.30 -36.45
H091 A1IVP N . -1.77 -22.08 -37.66
H092 A1IVP N . -0.49 -22.61 -36.89
H011 A1IVP N . -1.60 -21.50 -31.25
H051 A1IVP N . 0.93 -18.33 -34.11
H071 A1IVP N . 0.74 -19.99 -37.64
H101 A1IVP N . -2.47 -23.74 -36.55
C1 BNG O . 20.05 4.74 44.26
C2 BNG O . 19.87 3.66 45.31
C3 BNG O . 19.08 4.16 46.45
C4 BNG O . 19.64 5.41 47.04
C5 BNG O . 20.82 6.05 46.30
C6 BNG O . 22.15 5.57 46.86
C1' BNG O . 19.88 3.67 42.14
C2' BNG O . 20.67 3.54 40.82
C3' BNG O . 19.94 2.58 39.87
C4' BNG O . 20.95 1.91 38.89
C5' BNG O . 21.22 2.80 37.65
C6' BNG O . 22.04 2.00 36.62
C7' BNG O . 21.34 1.94 35.25
C8' BNG O . 22.01 2.93 34.28
C9' BNG O . 23.20 2.26 33.61
O1 BNG O . 20.69 4.24 43.17
O2 BNG O . 19.16 2.55 44.73
O3 BNG O . 19.08 3.13 47.48
O4 BNG O . 18.59 6.40 47.06
O5 BNG O . 20.86 5.87 44.83
O6 BNG O . 22.00 4.82 48.03
H1 BNG O . 19.18 5.05 43.96
H2 BNG O . 20.74 3.36 45.61
H3 BNG O . 18.18 4.36 46.16
H4 BNG O . 19.96 5.17 47.93
H5 BNG O . 20.71 6.99 46.48
H61 BNG O . 22.70 6.34 47.05
H62 BNG O . 22.58 5.02 46.19
H1'1 BNG O . 19.59 2.79 42.44
H1'2 BNG O . 19.10 4.24 42.00
H2'1 BNG O . 21.55 3.19 41.02
H2'2 BNG O . 20.74 4.41 40.41
H3'1 BNG O . 19.30 3.07 39.35
H3'2 BNG O . 19.50 1.89 40.38
H4'1 BNG O . 20.58 1.06 38.59
H4'2 BNG O . 21.79 1.74 39.35
H5'1 BNG O . 21.71 3.59 37.91
H5'2 BNG O . 20.37 3.07 37.25
H6'1 BNG O . 22.16 1.09 36.94
H6'2 BNG O . 22.91 2.42 36.51
H7'1 BNG O . 20.41 2.19 35.37
H7'2 BNG O . 21.40 1.05 34.90
H8'1 BNG O . 22.31 3.71 34.77
H8'2 BNG O . 21.37 3.20 33.60
H9'1 BNG O . 23.72 2.93 33.12
H9'2 BNG O . 22.90 1.58 32.99
H9'3 BNG O . 23.77 1.85 34.29
HO2 BNG O . 19.29 1.87 45.20
HO3 BNG O . 18.55 2.51 47.25
HO4 BNG O . 18.35 6.57 47.86
HO6 BNG O . 22.76 4.75 48.42
C1 BNG P . 11.55 19.89 10.87
C2 BNG P . 12.77 19.19 10.30
C3 BNG P . 12.79 19.21 8.82
C4 BNG P . 11.57 18.52 8.31
C5 BNG P . 10.33 19.32 8.66
C6 BNG P . 9.14 18.41 8.64
C1' BNG P . 10.14 19.82 12.73
C2' BNG P . 8.96 18.83 12.85
C3' BNG P . 8.54 18.64 14.31
C4' BNG P . 7.44 19.65 14.70
C5' BNG P . 8.00 21.10 14.73
C6' BNG P . 6.95 22.05 15.30
C7' BNG P . 7.18 22.22 16.81
C8' BNG P . 6.08 23.11 17.42
C9' BNG P . 6.56 24.56 17.46
O1 BNG P . 11.17 19.20 11.99
O2 BNG P . 13.95 19.86 10.78
O3 BNG P . 13.97 18.52 8.34
O4 BNG P . 11.66 18.39 6.90
O5 BNG P . 10.35 20.02 9.97
O6 BNG P . 8.47 18.52 9.87
H1 BNG P . 11.83 20.80 11.06
H2 BNG P . 12.77 18.27 10.60
H3 BNG P . 12.83 20.11 8.49
H4 BNG P . 11.52 17.63 8.70
H5 BNG P . 10.25 20.01 7.97
H61 BNG P . 8.53 18.67 7.93
H62 BNG P . 9.43 17.50 8.50
H1'1 BNG P . 9.85 20.62 12.27
H1'2 BNG P . 10.46 20.04 13.61
H2'1 BNG P . 8.20 19.18 12.34
H2'2 BNG P . 9.22 17.97 12.48
H3'1 BNG P . 8.21 17.74 14.44
H3'2 BNG P . 9.31 18.79 14.88
H4'1 BNG P . 6.72 19.60 14.04
H4'2 BNG P . 7.09 19.43 15.58
H5'1 BNG P . 8.80 21.12 15.28
H5'2 BNG P . 8.23 21.37 13.82
H6'1 BNG P . 7.02 22.92 14.87
H6'2 BNG P . 6.06 21.69 15.15
H7'1 BNG P . 7.16 21.35 17.23
H7'2 BNG P . 8.05 22.62 16.96
H8'1 BNG P . 5.29 23.05 16.88
H8'2 BNG P . 5.90 22.81 18.32
H9'1 BNG P . 7.27 24.65 18.12
H9'2 BNG P . 6.89 24.81 16.59
H9'3 BNG P . 5.82 25.13 17.71
HO2 BNG P . 14.58 19.75 10.22
HO3 BNG P . 13.88 18.35 7.52
HO4 BNG P . 10.98 17.99 6.60
HO6 BNG P . 8.51 19.33 10.14
C1 BNG Q . 22.88 -1.63 12.31
C2 BNG Q . 21.44 -2.10 12.15
C3 BNG Q . 20.45 -1.33 12.93
C4 BNG Q . 21.10 -0.48 13.97
C5 BNG Q . 22.07 0.51 13.35
C6 BNG Q . 22.82 1.20 14.46
C1' BNG Q . 24.82 -2.18 13.47
C2' BNG Q . 25.31 -2.53 14.89
C3' BNG Q . 25.25 -1.29 15.76
C4' BNG Q . 25.23 -1.67 17.26
C5' BNG Q . 23.87 -2.34 17.63
C6' BNG Q . 23.62 -2.22 19.15
C7' BNG Q . 22.16 -2.54 19.47
C8' BNG Q . 21.99 -4.04 19.80
C9' BNG Q . 21.62 -4.22 21.26
O1 BNG Q . 23.42 -2.23 13.42
O2 BNG Q . 21.09 -2.00 10.75
O3 BNG Q . 19.55 -2.27 13.61
O4 BNG Q . 20.08 0.27 14.65
O5 BNG Q . 23.05 -0.14 12.45
O6 BNG Q . 22.18 2.42 14.76
H1 BNG Q . 23.36 -1.90 11.52
H2 BNG Q . 21.40 -3.03 12.44
H3 BNG Q . 19.95 -0.77 12.33
H4 BNG Q . 21.56 -1.05 14.61
H5 BNG Q . 21.58 1.16 12.83
H61 BNG Q . 22.84 0.65 15.24
H62 BNG Q . 23.72 1.39 14.17
H1'1 BNG Q . 25.11 -1.27 13.25
H1'2 BNG Q . 25.19 -2.80 12.83
H2'1 BNG Q . 24.74 -3.23 15.26
H2'2 BNG Q . 26.22 -2.85 14.84
H3'1 BNG Q . 26.02 -0.73 15.59
H3'2 BNG Q . 24.45 -0.78 15.55
H4'1 BNG Q . 25.96 -2.29 17.44
H4'2 BNG Q . 25.35 -0.87 17.81
H5'1 BNG Q . 23.16 -1.89 17.15
H5'2 BNG Q . 23.90 -3.27 17.38
H6'1 BNG Q . 24.20 -2.84 19.61
H6'2 BNG Q . 23.83 -1.31 19.44
H7'1 BNG Q . 21.88 -2.01 20.23
H7'2 BNG Q . 21.61 -2.32 18.70
H8'1 BNG Q . 21.29 -4.41 19.24
H8'2 BNG Q . 22.82 -4.50 19.62
H9'1 BNG Q . 21.93 -5.08 21.57
H9'2 BNG Q . 22.02 -3.51 21.80
H9'3 BNG Q . 20.65 -4.19 21.36
HO2 BNG Q . 20.30 -2.28 10.64
HO3 BNG Q . 19.09 -1.85 14.17
HO4 BNG Q . 19.48 -0.27 14.95
HO6 BNG Q . 22.53 2.76 15.45
C02 A1IVP R . 2.28 20.35 28.28
C03 A1IVP R . 2.45 21.08 26.93
C04 A1IVP R . 2.61 20.06 25.76
C06 A1IVP R . 3.37 20.91 24.67
C08 A1IVP R . 4.22 21.59 25.37
C09 A1IVP R . 4.45 22.93 24.75
O01 A1IVP R . 1.77 21.25 29.21
O05 A1IVP R . 1.45 19.64 25.30
O07 A1IVP R . 4.06 20.04 23.69
O10 A1IVP R . 5.53 23.53 25.40
O11 A1IVP R . 3.56 21.77 26.91
H021 A1IVP R . 3.13 20.00 28.57
H022 A1IVP R . 1.66 19.60 28.17
H031 A1IVP R . 1.69 21.66 26.78
H041 A1IVP R . 3.12 19.28 26.04
H061 A1IVP R . 2.76 21.50 24.19
H081 A1IVP R . 5.05 21.10 25.44
H091 A1IVP R . 3.66 23.49 24.86
H092 A1IVP R . 4.64 22.82 23.80
H011 A1IVP R . 2.23 21.97 29.18
H051 A1IVP R . 1.40 18.81 25.42
H071 A1IVP R . 4.51 20.53 23.16
H101 A1IVP R . 6.13 23.71 24.82
C1 BNG S . 2.59 -3.53 47.22
C2 BNG S . 3.52 -2.72 46.33
C3 BNG S . 4.76 -2.35 47.07
C4 BNG S . 4.44 -1.65 48.35
C5 BNG S . 3.40 -2.37 49.22
C6 BNG S . 2.97 -1.42 50.29
C1' BNG S . 0.25 -3.84 47.14
C2' BNG S . -0.65 -4.96 46.59
C3' BNG S . 0.03 -5.64 45.39
C4' BNG S . 0.15 -4.66 44.20
C5' BNG S . 0.18 -5.44 42.86
C6' BNG S . 1.42 -5.08 42.04
C7' BNG S . 1.04 -4.67 40.61
C8' BNG S . 1.25 -3.15 40.43
C9' BNG S . 0.28 -2.38 41.31
O1 BNG S . 1.49 -3.87 46.49
O2 BNG S . 3.87 -3.50 45.18
O3 BNG S . 5.56 -1.47 46.25
O4 BNG S . 5.64 -1.52 49.12
O5 BNG S . 2.21 -2.77 48.45
O6 BNG S . 2.37 -2.13 51.34
H1 BNG S . 3.01 -4.36 47.51
H2 BNG S . 3.07 -1.92 46.03
H3 BNG S . 5.26 -3.16 47.26
H4 BNG S . 4.08 -0.78 48.12
H5 BNG S . 3.79 -3.17 49.61
H61 BNG S . 2.34 -0.78 49.93
H62 BNG S . 3.75 -0.94 50.63
H1'1 BNG S . 0.38 -3.97 48.10
H1'2 BNG S . -0.18 -2.98 46.99
H2'1 BNG S . -1.50 -4.59 46.30
H2'2 BNG S . -0.80 -5.61 47.28
H3'1 BNG S . -0.50 -6.41 45.11
H3'2 BNG S . 0.91 -5.94 45.64
H4'1 BNG S . 0.97 -4.14 44.29
H4'2 BNG S . -0.60 -4.05 44.21
H5'1 BNG S . -0.62 -5.22 42.35
H5'2 BNG S . 0.19 -6.39 43.05
H6'1 BNG S . 2.02 -5.84 42.00
H6'2 BNG S . 1.88 -4.33 42.47
H7'1 BNG S . 0.10 -4.88 40.46
H7'2 BNG S . 1.59 -5.16 39.97
H8'1 BNG S . 1.12 -2.91 39.50
H8'2 BNG S . 2.17 -2.93 40.68
H9'1 BNG S . 0.35 -1.44 41.10
H9'2 BNG S . 0.51 -2.52 42.24
H9'3 BNG S . -0.62 -2.69 41.14
HO2 BNG S . 4.62 -3.23 44.87
HO3 BNG S . 5.08 -0.86 45.93
HO4 BNG S . 5.62 -0.79 49.56
HO6 BNG S . 2.17 -1.59 51.96
C1 BNG T . 28.33 -36.17 20.20
C2 BNG T . 29.23 -35.10 19.61
C3 BNG T . 29.88 -35.59 18.37
C4 BNG T . 30.60 -36.90 18.57
C5 BNG T . 29.73 -37.94 19.26
C6 BNG T . 30.56 -39.13 19.63
C1' BNG T . 26.55 -36.44 21.61
C2' BNG T . 26.14 -36.27 23.08
C3' BNG T . 27.36 -36.42 23.99
C4' BNG T . 26.91 -36.96 25.36
C5' BNG T . 25.98 -35.94 26.07
C6' BNG T . 26.81 -34.97 26.92
C7' BNG T . 26.58 -33.52 26.49
C8' BNG T . 27.94 -32.80 26.53
C9' BNG T . 27.72 -31.32 26.81
O1 BNG T . 27.75 -35.74 21.35
O2 BNG T . 28.42 -33.94 19.31
O3 BNG T . 30.85 -34.60 17.93
O4 BNG T . 30.99 -37.39 17.28
O5 BNG T . 29.10 -37.42 20.49
O6 BNG T . 31.59 -39.29 18.69
H1 BNG T . 27.62 -36.36 19.57
H2 BNG T . 29.91 -34.84 20.25
H3 BNG T . 29.21 -35.71 17.69
H4 BNG T . 31.38 -36.74 19.12
H5 BNG T . 29.04 -38.23 18.64
H61 BNG T . 30.01 -39.93 19.64
H62 BNG T . 30.95 -38.99 20.51
H1'1 BNG T . 25.85 -36.09 21.03
H1'2 BNG T . 26.69 -37.38 21.42
H2'1 BNG T . 25.48 -36.94 23.30
H2'2 BNG T . 25.75 -35.38 23.20
H3'1 BNG T . 27.79 -35.56 24.10
H3'2 BNG T . 27.99 -37.05 23.59
H4'1 BNG T . 27.69 -37.11 25.92
H4'2 BNG T . 26.44 -37.80 25.24
H5'1 BNG T . 25.35 -36.42 26.65
H5'2 BNG T . 25.48 -35.44 25.40
H6'1 BNG T . 27.75 -35.18 26.82
H6'2 BNG T . 26.55 -35.07 27.85
H7'1 BNG T . 25.96 -33.09 27.08
H7'2 BNG T . 26.22 -33.49 25.59
H8'1 BNG T . 28.38 -32.89 25.67
H8'2 BNG T . 28.49 -33.18 27.22
H9'1 BNG T . 28.56 -30.84 26.75
H9'2 BNG T . 27.37 -31.22 27.71
H9'3 BNG T . 27.08 -30.95 26.18
HO2 BNG T . 27.70 -34.19 18.96
HO3 BNG T . 31.22 -34.85 17.21
HO4 BNG T . 31.15 -38.22 17.33
HO6 BNG T . 31.50 -40.04 18.29
C1 BNG U . 13.17 -29.40 19.42
C2 BNG U . 11.92 -28.77 18.80
C3 BNG U . 11.58 -29.38 17.50
C4 BNG U . 12.66 -29.16 16.48
C5 BNG U . 14.07 -29.32 17.10
C6 BNG U . 14.67 -27.96 17.27
C1' BNG U . 14.51 -28.87 21.24
C2' BNG U . 15.65 -27.89 21.60
C3' BNG U . 15.63 -27.51 23.09
C4' BNG U . 16.34 -28.63 23.85
C5' BNG U . 16.22 -28.50 25.39
C6' BNG U . 16.70 -29.83 26.00
C7' BNG U . 17.48 -29.58 27.30
C8' BNG U . 17.70 -30.91 28.04
C9' BNG U . 18.49 -30.65 29.32
O1 BNG U . 13.86 -28.42 20.08
O2 BNG U . 10.82 -28.99 19.71
O3 BNG U . 10.36 -28.76 17.00
O4 BNG U . 12.51 -30.12 15.43
O5 BNG U . 14.05 -30.03 18.39
O6 BNG U . 15.85 -28.08 18.02
H1 BNG U . 12.90 -30.07 20.06
H2 BNG U . 12.06 -27.82 18.69
H3 BNG U . 11.45 -30.32 17.61
H4 BNG U . 12.58 -28.26 16.13
H5 BNG U . 14.61 -29.83 16.48
H61 BNG U . 14.05 -27.38 17.74
H62 BNG U . 14.88 -27.58 16.40
H1'1 BNG U . 13.87 -28.89 21.98
H1'2 BNG U . 14.87 -29.75 21.10
H2'1 BNG U . 15.55 -27.09 21.07
H2'2 BNG U . 16.49 -28.31 21.39
H3'1 BNG U . 14.71 -27.44 23.40
H3'2 BNG U . 16.08 -26.67 23.22
H4'1 BNG U . 17.30 -28.61 23.62
H4'2 BNG U . 15.97 -29.48 23.58
H5'1 BNG U . 15.29 -28.35 25.63
H5'2 BNG U . 16.76 -27.76 25.71
H6'1 BNG U . 17.29 -30.27 25.37
H6'2 BNG U . 15.95 -30.39 26.19
H7'1 BNG U . 16.98 -28.97 27.86
H7'2 BNG U . 18.35 -29.18 27.09
H8'1 BNG U . 18.19 -31.52 27.48
H8'2 BNG U . 16.84 -31.29 28.27
H9'1 BNG U . 18.47 -31.44 29.88
H9'2 BNG U . 18.09 -29.90 29.80
H9'3 BNG U . 19.41 -30.42 29.09
HO2 BNG U . 10.10 -29.05 19.25
HO3 BNG U . 10.27 -28.92 16.16
HO4 BNG U . 12.23 -30.85 15.75
HO6 BNG U . 15.80 -27.59 18.72
C02 A1IVP V . 18.40 -27.34 33.53
C03 A1IVP V . 18.55 -25.85 33.91
C04 A1IVP V . 19.95 -25.27 33.53
C06 A1IVP V . 20.24 -24.28 34.72
C08 A1IVP V . 19.88 -25.00 35.73
C09 A1IVP V . 19.60 -24.17 36.95
O01 A1IVP V . 17.66 -27.97 34.52
O05 A1IVP V . 19.91 -24.64 32.38
O07 A1IVP V . 21.67 -23.93 34.78
O10 A1IVP V . 19.03 -25.02 37.90
O11 A1IVP V . 18.47 -25.74 35.20
H021 A1IVP V . 17.93 -27.41 32.68
H022 A1IVP V . 19.28 -27.74 33.45
H031 A1IVP V . 17.86 -25.32 33.47
H041 A1IVP V . 20.63 -25.97 33.46
H061 A1IVP V . 19.73 -23.45 34.66
H081 A1IVP V . 20.58 -25.63 35.94
H091 A1IVP V . 20.43 -23.80 37.29
H092 A1IVP V . 18.98 -23.46 36.72
H011 A1IVP V . 17.10 -28.52 34.17
H051 A1IVP V . 20.09 -25.19 31.76
H071 A1IVP V . 21.87 -23.78 35.60
H101 A1IVP V . 19.55 -25.68 38.06
#